data_4DIB
#
_entry.id   4DIB
#
_cell.length_a   75.347
_cell.length_b   102.044
_cell.length_c   102.144
_cell.angle_alpha   90.32
_cell.angle_beta   73.99
_cell.angle_gamma   68.99
#
_symmetry.space_group_name_H-M   'P 1'
#
loop_
_entity.id
_entity.type
_entity.pdbx_description
1 polymer 'Glyceraldehyde 3-phosphate dehydrogenase'
2 non-polymer 'SULFATE ION'
3 water water
#
_entity_poly.entity_id   1
_entity_poly.type   'polypeptide(L)'
_entity_poly.pdbx_seq_one_letter_code
;SNAMTRVAINGFGRIGRMVFRQAIKESAFEIVAINASYPSETLAHLIKYDTVHGKFDGTVEAFEDHLLVDGKMIRLLNNR
DPKELPWTDLGVEVVIEATGKFNSKEKAILHVEAGAKKVILTAPGKNEDVTIVVGVNEDQLDITKHTVISNASCTTNCLA
PVVKVLDEQFGIENGLMTTVHAYTNDQKNIDNPHKDLRRARACGQSIIPTTTGAAKALAKVLPHLNGKLHGMALRVPTPN
VSLVDLVVDVKRDVTVEAINDAFKTVANGALKGIVEFSEEPLVSIDFNTNTHSAIIDGLSTMVMGDRKVKVLAWYDNEWG
YSRRVVDLVTLVVDELAKQENVQHI
;
_entity_poly.pdbx_strand_id   A,B,C,D,E,F,G,H
#
loop_
_chem_comp.id
_chem_comp.type
_chem_comp.name
_chem_comp.formula
SO4 non-polymer 'SULFATE ION' 'O4 S -2'
#
# COMPACT_ATOMS: atom_id res chain seq x y z
N MET A 4 -14.98 -23.59 -40.02
CA MET A 4 -16.07 -22.79 -40.67
C MET A 4 -17.23 -22.37 -39.75
N THR A 5 -17.54 -23.17 -38.74
CA THR A 5 -18.54 -22.81 -37.72
C THR A 5 -17.91 -22.22 -36.47
N ARG A 6 -18.27 -21.01 -36.14
CA ARG A 6 -17.60 -20.31 -35.06
C ARG A 6 -18.15 -20.77 -33.72
N VAL A 7 -17.26 -21.20 -32.86
CA VAL A 7 -17.60 -21.75 -31.55
C VAL A 7 -17.03 -20.86 -30.48
N ALA A 8 -17.65 -20.84 -29.31
CA ALA A 8 -17.11 -20.09 -28.19
C ALA A 8 -17.13 -20.88 -26.87
N ILE A 9 -16.07 -20.74 -26.13
CA ILE A 9 -15.95 -21.34 -24.80
C ILE A 9 -16.32 -20.32 -23.75
N ASN A 10 -17.17 -20.72 -22.83
CA ASN A 10 -17.56 -19.86 -21.72
C ASN A 10 -17.04 -20.45 -20.43
N GLY A 11 -16.03 -19.80 -19.90
CA GLY A 11 -15.35 -20.18 -18.65
C GLY A 11 -14.02 -20.82 -18.92
N PHE A 12 -13.06 -20.52 -18.08
CA PHE A 12 -11.69 -21.00 -18.25
C PHE A 12 -11.12 -21.56 -16.97
N GLY A 13 -11.52 -22.79 -16.69
CA GLY A 13 -11.10 -23.53 -15.52
C GLY A 13 -10.33 -24.68 -16.08
N ARG A 14 -10.13 -25.71 -15.30
CA ARG A 14 -9.45 -26.90 -15.81
C ARG A 14 -10.08 -27.38 -17.12
N ILE A 15 -11.39 -27.47 -17.12
CA ILE A 15 -12.14 -28.05 -18.25
C ILE A 15 -12.15 -27.19 -19.53
N GLY A 16 -12.57 -25.94 -19.38
CA GLY A 16 -12.55 -24.98 -20.50
C GLY A 16 -11.17 -24.94 -21.13
N ARG A 17 -10.20 -24.75 -20.27
CA ARG A 17 -8.77 -24.71 -20.67
C ARG A 17 -8.29 -25.93 -21.42
N MET A 18 -8.66 -27.07 -20.90
CA MET A 18 -8.29 -28.37 -21.49
C MET A 18 -9.05 -28.60 -22.80
N VAL A 19 -10.31 -28.21 -22.80
CA VAL A 19 -11.14 -28.27 -24.01
C VAL A 19 -10.55 -27.39 -25.10
N PHE A 20 -10.20 -26.19 -24.69
CA PHE A 20 -9.62 -25.18 -25.59
C PHE A 20 -8.36 -25.70 -26.25
N ARG A 21 -7.50 -26.15 -25.38
CA ARG A 21 -6.18 -26.69 -25.73
C ARG A 21 -6.29 -27.72 -26.81
N GLN A 22 -7.36 -28.48 -26.73
CA GLN A 22 -7.67 -29.55 -27.72
C GLN A 22 -8.45 -29.07 -28.94
N ALA A 23 -9.40 -28.18 -28.69
CA ALA A 23 -10.27 -27.60 -29.74
C ALA A 23 -9.49 -26.85 -30.83
N ILE A 24 -8.57 -26.01 -30.39
CA ILE A 24 -7.84 -25.09 -31.31
C ILE A 24 -7.09 -25.85 -32.39
N LYS A 25 -6.84 -27.10 -32.10
CA LYS A 25 -6.10 -28.02 -33.01
C LYS A 25 -7.04 -28.81 -33.94
N GLU A 26 -8.33 -28.51 -33.84
CA GLU A 26 -9.38 -29.23 -34.64
C GLU A 26 -9.78 -28.51 -35.93
N SER A 27 -9.85 -29.28 -36.98
CA SER A 27 -10.07 -28.73 -38.33
C SER A 27 -11.55 -28.47 -38.58
N ALA A 28 -12.40 -29.37 -38.12
CA ALA A 28 -13.86 -29.35 -38.44
C ALA A 28 -14.66 -28.12 -37.96
N PHE A 29 -13.99 -27.26 -37.21
CA PHE A 29 -14.65 -26.13 -36.56
C PHE A 29 -13.67 -25.17 -35.90
N GLU A 30 -14.23 -24.04 -35.48
CA GLU A 30 -13.45 -22.86 -35.10
C GLU A 30 -13.70 -22.23 -33.76
N ILE A 31 -12.68 -22.16 -32.93
CA ILE A 31 -12.80 -21.40 -31.67
C ILE A 31 -12.43 -19.97 -31.94
N VAL A 32 -13.43 -19.12 -31.89
CA VAL A 32 -13.23 -17.66 -32.16
C VAL A 32 -13.34 -16.74 -30.96
N ALA A 33 -13.72 -17.26 -29.82
CA ALA A 33 -13.83 -16.41 -28.62
C ALA A 33 -13.80 -17.18 -27.31
N ILE A 34 -13.42 -16.49 -26.26
CA ILE A 34 -13.39 -17.06 -24.89
C ILE A 34 -13.92 -16.05 -23.91
N ASN A 35 -14.86 -16.48 -23.11
CA ASN A 35 -15.40 -15.60 -22.08
C ASN A 35 -14.92 -16.06 -20.71
N ALA A 36 -14.01 -15.30 -20.13
CA ALA A 36 -13.46 -15.66 -18.80
C ALA A 36 -13.38 -14.43 -17.94
N SER A 37 -13.21 -14.63 -16.65
CA SER A 37 -13.08 -13.50 -15.70
C SER A 37 -11.65 -13.01 -15.57
N TYR A 38 -10.79 -13.49 -16.44
CA TYR A 38 -9.35 -13.31 -16.25
C TYR A 38 -8.74 -12.38 -17.27
N PRO A 39 -7.80 -11.53 -16.85
CA PRO A 39 -7.16 -10.62 -17.77
C PRO A 39 -6.22 -11.36 -18.72
N SER A 40 -6.17 -10.85 -19.94
CA SER A 40 -5.49 -11.55 -21.05
C SER A 40 -4.13 -12.12 -20.64
N GLU A 41 -3.32 -11.33 -19.95
CA GLU A 41 -1.96 -11.80 -19.54
C GLU A 41 -1.99 -13.16 -18.81
N THR A 42 -3.02 -13.34 -17.99
CA THR A 42 -3.16 -14.58 -17.20
C THR A 42 -3.71 -15.77 -17.99
N LEU A 43 -4.73 -15.49 -18.78
CA LEU A 43 -5.27 -16.49 -19.71
C LEU A 43 -4.13 -17.06 -20.51
N ALA A 44 -3.29 -16.15 -20.97
CA ALA A 44 -2.15 -16.48 -21.83
C ALA A 44 -1.22 -17.46 -21.11
N HIS A 45 -0.94 -17.10 -19.87
CA HIS A 45 -0.06 -17.88 -19.00
C HIS A 45 -0.68 -19.22 -18.63
N LEU A 46 -1.99 -19.22 -18.56
CA LEU A 46 -2.73 -20.43 -18.16
C LEU A 46 -2.80 -21.44 -19.30
N ILE A 47 -2.94 -20.95 -20.50
CA ILE A 47 -2.90 -21.82 -21.66
C ILE A 47 -1.49 -22.37 -21.87
N LYS A 48 -0.55 -21.52 -21.53
CA LYS A 48 0.85 -21.76 -21.90
C LYS A 48 1.43 -22.88 -21.04
N TYR A 49 1.26 -22.70 -19.75
CA TYR A 49 1.85 -23.59 -18.76
C TYR A 49 0.78 -24.41 -18.10
N ASP A 50 0.84 -25.70 -18.33
CA ASP A 50 -0.07 -26.59 -17.63
C ASP A 50 0.65 -27.53 -16.66
N THR A 51 0.17 -27.44 -15.46
CA THR A 51 0.76 -28.10 -14.28
C THR A 51 0.80 -29.64 -14.45
N VAL A 52 -0.34 -30.18 -14.87
CA VAL A 52 -0.51 -31.65 -15.12
C VAL A 52 -0.03 -32.18 -16.45
N HIS A 53 -0.41 -31.49 -17.50
CA HIS A 53 -0.17 -31.95 -18.90
C HIS A 53 1.04 -31.34 -19.51
N GLY A 54 1.63 -30.44 -18.77
CA GLY A 54 2.91 -29.83 -19.18
C GLY A 54 2.70 -28.57 -19.99
N LYS A 55 3.64 -28.31 -20.87
CA LYS A 55 3.67 -27.03 -21.61
C LYS A 55 2.87 -27.15 -22.92
N PHE A 56 2.14 -26.10 -23.23
CA PHE A 56 1.30 -26.04 -24.44
C PHE A 56 2.12 -26.30 -25.69
N ASP A 57 1.62 -27.15 -26.56
CA ASP A 57 2.31 -27.46 -27.79
C ASP A 57 1.88 -26.44 -28.82
N GLY A 58 2.67 -25.40 -28.96
CA GLY A 58 2.26 -24.24 -29.76
C GLY A 58 2.71 -22.93 -29.16
N THR A 59 2.03 -21.87 -29.59
CA THR A 59 2.41 -20.48 -29.28
C THR A 59 1.21 -19.62 -28.92
N VAL A 60 1.42 -18.72 -27.98
CA VAL A 60 0.35 -17.85 -27.44
C VAL A 60 0.81 -16.44 -27.08
N GLU A 61 0.08 -15.45 -27.56
CA GLU A 61 0.40 -14.04 -27.27
C GLU A 61 -0.78 -13.30 -26.71
N ALA A 62 -0.57 -12.61 -25.63
CA ALA A 62 -1.68 -11.91 -25.02
C ALA A 62 -1.70 -10.50 -25.58
N PHE A 63 -2.89 -10.03 -25.90
CA PHE A 63 -3.14 -8.64 -26.26
C PHE A 63 -4.28 -8.10 -25.42
N GLU A 64 -4.67 -6.85 -25.64
CA GLU A 64 -5.57 -6.15 -24.69
C GLU A 64 -6.92 -6.87 -24.60
N ASP A 65 -7.59 -6.89 -25.74
CA ASP A 65 -8.92 -7.52 -25.86
C ASP A 65 -8.96 -8.92 -26.53
N HIS A 66 -7.79 -9.49 -26.81
CA HIS A 66 -7.74 -10.76 -27.55
C HIS A 66 -6.42 -11.46 -27.45
N LEU A 67 -6.38 -12.68 -28.00
CA LEU A 67 -5.14 -13.50 -28.01
C LEU A 67 -4.83 -13.92 -29.41
N LEU A 68 -3.59 -14.32 -29.59
CA LEU A 68 -3.21 -15.08 -30.77
C LEU A 68 -2.71 -16.41 -30.33
N VAL A 69 -3.34 -17.44 -30.84
CA VAL A 69 -3.02 -18.79 -30.44
C VAL A 69 -2.76 -19.51 -31.72
N ASP A 70 -1.55 -19.99 -31.87
CA ASP A 70 -1.14 -20.61 -33.15
C ASP A 70 -1.45 -19.67 -34.33
N GLY A 71 -1.25 -18.39 -34.09
CA GLY A 71 -1.48 -17.36 -35.11
C GLY A 71 -2.94 -17.13 -35.46
N LYS A 72 -3.84 -17.61 -34.62
CA LYS A 72 -5.28 -17.41 -34.85
C LYS A 72 -5.83 -16.45 -33.84
N MET A 73 -6.62 -15.53 -34.33
CA MET A 73 -7.15 -14.53 -33.46
C MET A 73 -8.35 -15.06 -32.63
N ILE A 74 -8.17 -15.05 -31.32
CA ILE A 74 -9.26 -15.40 -30.41
C ILE A 74 -9.67 -14.16 -29.64
N ARG A 75 -10.93 -13.79 -29.82
CA ARG A 75 -11.50 -12.67 -29.11
C ARG A 75 -11.73 -13.04 -27.66
N LEU A 76 -11.42 -12.12 -26.78
CA LEU A 76 -11.65 -12.29 -25.35
C LEU A 76 -12.85 -11.50 -24.95
N LEU A 77 -13.59 -12.05 -24.01
CA LEU A 77 -14.74 -11.38 -23.42
C LEU A 77 -14.67 -11.59 -21.94
N ASN A 78 -15.10 -10.62 -21.19
CA ASN A 78 -15.39 -10.86 -19.80
C ASN A 78 -16.74 -10.26 -19.47
N ASN A 79 -17.78 -11.07 -19.56
CA ASN A 79 -19.11 -10.69 -19.08
C ASN A 79 -19.82 -11.87 -18.43
N ARG A 80 -20.07 -11.68 -17.15
CA ARG A 80 -20.74 -12.68 -16.31
C ARG A 80 -22.18 -12.95 -16.81
N ASP A 81 -22.63 -12.17 -17.77
CA ASP A 81 -24.02 -12.31 -18.27
C ASP A 81 -24.15 -12.89 -19.69
N PRO A 82 -24.57 -14.15 -19.80
CA PRO A 82 -24.75 -14.81 -21.09
C PRO A 82 -25.59 -13.97 -22.06
N LYS A 83 -26.66 -13.39 -21.53
CA LYS A 83 -27.57 -12.50 -22.33
C LYS A 83 -26.75 -11.38 -22.95
N GLU A 84 -25.76 -10.94 -22.21
CA GLU A 84 -24.96 -9.76 -22.61
C GLU A 84 -23.81 -9.99 -23.60
N LEU A 85 -23.70 -11.21 -24.09
CA LEU A 85 -22.58 -11.59 -24.98
C LEU A 85 -22.97 -11.51 -26.42
N PRO A 86 -22.08 -11.01 -27.25
CA PRO A 86 -22.33 -10.77 -28.65
C PRO A 86 -22.12 -11.97 -29.50
N TRP A 87 -22.84 -13.03 -29.20
CA TRP A 87 -22.62 -14.27 -29.95
C TRP A 87 -23.12 -14.00 -31.33
N THR A 88 -24.14 -13.17 -31.41
CA THR A 88 -24.71 -12.79 -32.72
C THR A 88 -23.69 -12.14 -33.68
N ASP A 89 -23.09 -11.04 -33.23
CA ASP A 89 -22.13 -10.27 -34.08
C ASP A 89 -20.88 -11.07 -34.47
N LEU A 90 -20.46 -11.97 -33.57
CA LEU A 90 -19.18 -12.74 -33.79
C LEU A 90 -19.41 -13.96 -34.68
N GLY A 91 -20.67 -14.16 -35.01
CA GLY A 91 -21.10 -15.23 -35.92
C GLY A 91 -21.02 -16.58 -35.24
N VAL A 92 -21.39 -16.58 -33.97
CA VAL A 92 -21.14 -17.70 -33.06
C VAL A 92 -22.34 -18.64 -32.86
N GLU A 93 -22.24 -19.79 -33.50
CA GLU A 93 -23.35 -20.78 -33.54
C GLU A 93 -23.42 -21.68 -32.31
N VAL A 94 -22.28 -22.20 -31.89
CA VAL A 94 -22.20 -23.08 -30.73
C VAL A 94 -21.36 -22.54 -29.61
N VAL A 95 -21.86 -22.66 -28.40
CA VAL A 95 -21.16 -22.23 -27.20
C VAL A 95 -20.87 -23.40 -26.27
N ILE A 96 -19.59 -23.69 -26.07
CA ILE A 96 -19.16 -24.68 -25.04
C ILE A 96 -19.21 -24.01 -23.68
N GLU A 97 -20.03 -24.52 -22.78
CA GLU A 97 -20.26 -23.82 -21.51
C GLU A 97 -19.62 -24.54 -20.32
N ALA A 98 -18.49 -23.99 -19.89
CA ALA A 98 -17.59 -24.64 -18.86
C ALA A 98 -17.48 -23.93 -17.51
N THR A 99 -18.28 -22.93 -17.28
CA THR A 99 -18.16 -22.15 -16.01
C THR A 99 -18.63 -22.92 -14.77
N GLY A 100 -19.51 -23.88 -15.02
CA GLY A 100 -20.22 -24.59 -13.95
C GLY A 100 -21.45 -23.89 -13.39
N LYS A 101 -21.64 -22.62 -13.73
CA LYS A 101 -22.76 -21.80 -13.13
C LYS A 101 -24.09 -21.83 -13.91
N PHE A 102 -23.99 -22.19 -15.16
CA PHE A 102 -25.16 -22.12 -16.07
C PHE A 102 -25.76 -23.47 -16.44
N ASN A 103 -25.49 -24.44 -15.59
CA ASN A 103 -25.94 -25.85 -15.82
C ASN A 103 -27.45 -26.12 -15.84
N SER A 104 -28.24 -25.20 -15.31
CA SER A 104 -29.72 -25.29 -15.46
C SER A 104 -30.03 -25.05 -16.92
N LYS A 105 -31.17 -25.51 -17.40
CA LYS A 105 -31.61 -25.05 -18.74
C LYS A 105 -32.16 -23.64 -18.69
N GLU A 106 -32.73 -23.31 -17.53
CA GLU A 106 -33.22 -21.95 -17.22
C GLU A 106 -32.12 -20.94 -17.58
N LYS A 107 -30.90 -21.26 -17.16
CA LYS A 107 -29.73 -20.38 -17.39
C LYS A 107 -29.02 -20.58 -18.74
N ALA A 108 -28.86 -21.83 -19.11
CA ALA A 108 -28.06 -22.17 -20.31
C ALA A 108 -28.64 -21.54 -21.56
N ILE A 109 -29.95 -21.37 -21.55
CA ILE A 109 -30.70 -20.96 -22.78
C ILE A 109 -30.35 -19.54 -23.26
N LEU A 110 -29.93 -18.74 -22.31
CA LEU A 110 -29.48 -17.36 -22.59
C LEU A 110 -28.53 -17.20 -23.73
N HIS A 111 -27.53 -18.04 -23.72
CA HIS A 111 -26.50 -18.02 -24.76
C HIS A 111 -27.24 -18.03 -26.08
N VAL A 112 -28.41 -18.63 -26.06
CA VAL A 112 -29.31 -18.63 -27.25
C VAL A 112 -30.10 -17.32 -27.44
N GLU A 113 -30.61 -16.82 -26.33
CA GLU A 113 -31.25 -15.49 -26.32
C GLU A 113 -30.27 -14.45 -26.83
N ALA A 114 -29.00 -14.77 -26.71
CA ALA A 114 -27.90 -13.84 -27.10
C ALA A 114 -27.40 -14.06 -28.52
N GLY A 115 -28.05 -15.00 -29.20
CA GLY A 115 -27.76 -15.24 -30.64
C GLY A 115 -27.06 -16.52 -31.04
N ALA A 116 -26.86 -17.40 -30.06
CA ALA A 116 -26.17 -18.69 -30.33
C ALA A 116 -27.17 -19.81 -30.58
N LYS A 117 -26.95 -20.57 -31.63
CA LYS A 117 -27.80 -21.76 -31.90
C LYS A 117 -27.84 -22.73 -30.70
N LYS A 118 -26.72 -23.41 -30.46
CA LYS A 118 -26.63 -24.50 -29.47
C LYS A 118 -25.62 -24.28 -28.34
N VAL A 119 -25.98 -24.74 -27.18
CA VAL A 119 -25.07 -24.74 -26.03
C VAL A 119 -24.71 -26.17 -25.60
N ILE A 120 -23.47 -26.37 -25.22
CA ILE A 120 -23.00 -27.69 -24.75
C ILE A 120 -22.41 -27.58 -23.37
N LEU A 121 -23.00 -28.25 -22.40
CA LEU A 121 -22.50 -28.22 -21.02
C LEU A 121 -21.45 -29.30 -20.78
N THR A 122 -20.32 -28.83 -20.27
CA THR A 122 -19.13 -29.66 -19.98
C THR A 122 -19.29 -30.31 -18.60
N ALA A 123 -20.54 -30.34 -18.16
CA ALA A 123 -20.99 -31.09 -16.95
C ALA A 123 -22.30 -31.82 -17.24
N PRO A 124 -22.78 -32.64 -16.28
CA PRO A 124 -24.13 -33.12 -16.48
C PRO A 124 -25.12 -31.98 -16.40
N GLY A 125 -26.18 -32.11 -17.19
CA GLY A 125 -27.24 -31.08 -17.30
C GLY A 125 -28.34 -31.21 -16.28
N LYS A 126 -28.88 -30.07 -15.85
CA LYS A 126 -30.13 -30.03 -15.05
C LYS A 126 -31.30 -29.56 -15.91
N ASN A 127 -32.17 -30.49 -16.26
CA ASN A 127 -33.32 -30.17 -17.12
C ASN A 127 -32.94 -29.80 -18.56
N GLU A 128 -31.80 -30.31 -18.97
CA GLU A 128 -31.32 -30.14 -20.37
C GLU A 128 -32.15 -30.99 -21.34
N ASP A 129 -32.03 -30.67 -22.61
CA ASP A 129 -32.76 -31.42 -23.69
C ASP A 129 -32.27 -32.83 -23.85
N VAL A 130 -30.96 -33.00 -23.74
CA VAL A 130 -30.34 -34.32 -23.93
C VAL A 130 -28.93 -34.43 -23.32
N THR A 131 -28.57 -35.67 -23.03
CA THR A 131 -27.24 -36.03 -22.51
C THR A 131 -26.61 -37.04 -23.43
N ILE A 132 -25.46 -36.70 -23.97
CA ILE A 132 -24.79 -37.57 -24.92
C ILE A 132 -23.49 -38.08 -24.32
N VAL A 133 -23.30 -39.38 -24.41
CA VAL A 133 -22.00 -40.01 -24.20
C VAL A 133 -21.58 -40.59 -25.54
N VAL A 134 -20.55 -40.00 -26.09
CA VAL A 134 -20.01 -40.41 -27.37
C VAL A 134 -19.50 -41.85 -27.27
N GLY A 135 -19.90 -42.63 -28.24
CA GLY A 135 -19.57 -44.07 -28.25
C GLY A 135 -20.73 -44.91 -27.78
N VAL A 136 -21.67 -44.27 -27.13
CA VAL A 136 -22.85 -44.95 -26.53
C VAL A 136 -24.19 -44.57 -27.18
N ASN A 137 -24.66 -43.37 -26.86
CA ASN A 137 -25.99 -42.84 -27.32
C ASN A 137 -25.93 -41.71 -28.36
N GLU A 138 -24.82 -41.61 -29.06
CA GLU A 138 -24.56 -40.42 -29.92
C GLU A 138 -25.74 -40.15 -30.90
N ASP A 139 -26.20 -41.20 -31.54
CA ASP A 139 -27.14 -41.06 -32.69
C ASP A 139 -28.56 -40.65 -32.27
N GLN A 140 -28.76 -40.67 -30.97
CA GLN A 140 -30.00 -40.15 -30.39
C GLN A 140 -30.04 -38.61 -30.23
N LEU A 141 -28.97 -37.97 -30.67
CA LEU A 141 -28.96 -36.51 -30.85
C LEU A 141 -29.92 -36.12 -31.96
N ASP A 142 -30.75 -35.13 -31.65
CA ASP A 142 -31.76 -34.60 -32.56
C ASP A 142 -31.63 -33.08 -32.60
N ILE A 143 -31.06 -32.58 -33.69
CA ILE A 143 -30.68 -31.16 -33.76
C ILE A 143 -31.87 -30.21 -33.72
N THR A 144 -32.97 -30.67 -34.30
CA THR A 144 -34.18 -29.84 -34.40
C THR A 144 -34.90 -29.70 -33.04
N LYS A 145 -34.79 -30.72 -32.21
CA LYS A 145 -35.44 -30.68 -30.88
C LYS A 145 -34.52 -30.39 -29.68
N HIS A 146 -33.21 -30.42 -29.91
CA HIS A 146 -32.21 -30.29 -28.81
C HIS A 146 -31.32 -29.07 -28.94
N THR A 147 -31.41 -28.24 -27.93
CA THR A 147 -30.73 -26.94 -27.95
C THR A 147 -29.59 -26.90 -26.92
N VAL A 148 -29.94 -27.18 -25.67
CA VAL A 148 -28.95 -27.34 -24.58
C VAL A 148 -28.57 -28.81 -24.31
N ILE A 149 -27.40 -29.18 -24.78
CA ILE A 149 -26.87 -30.55 -24.75
C ILE A 149 -25.83 -30.79 -23.65
N SER A 150 -25.99 -31.89 -22.92
CA SER A 150 -25.03 -32.23 -21.86
C SER A 150 -24.15 -33.43 -22.19
N ASN A 151 -22.88 -33.28 -21.86
CA ASN A 151 -21.85 -34.33 -22.07
C ASN A 151 -21.52 -35.16 -20.83
N ALA A 152 -22.36 -34.98 -19.83
CA ALA A 152 -22.30 -35.68 -18.53
C ALA A 152 -20.96 -35.42 -17.86
N SER A 153 -20.58 -36.32 -17.00
CA SER A 153 -19.33 -36.17 -16.25
C SER A 153 -18.27 -37.06 -16.83
N CYS A 154 -17.06 -36.93 -16.31
CA CYS A 154 -15.91 -37.76 -16.78
C CYS A 154 -16.09 -39.24 -16.40
N THR A 155 -16.55 -39.45 -15.20
CA THR A 155 -16.84 -40.80 -14.73
C THR A 155 -17.90 -41.53 -15.56
N THR A 156 -19.04 -40.90 -15.70
CA THR A 156 -20.11 -41.44 -16.55
C THR A 156 -19.56 -41.82 -17.90
N ASN A 157 -18.68 -40.98 -18.38
CA ASN A 157 -17.97 -41.22 -19.64
C ASN A 157 -17.03 -42.43 -19.63
N CYS A 158 -16.52 -42.75 -18.46
CA CYS A 158 -15.76 -44.01 -18.31
C CYS A 158 -16.70 -45.24 -18.14
N LEU A 159 -17.64 -45.11 -17.23
CA LEU A 159 -18.55 -46.20 -16.93
C LEU A 159 -19.36 -46.70 -18.14
N ALA A 160 -19.94 -45.76 -18.85
CA ALA A 160 -20.93 -46.09 -19.90
C ALA A 160 -20.41 -46.90 -21.10
N PRO A 161 -19.28 -46.53 -21.68
CA PRO A 161 -18.80 -47.40 -22.75
C PRO A 161 -18.48 -48.80 -22.27
N VAL A 162 -17.87 -48.88 -21.10
CA VAL A 162 -17.52 -50.16 -20.49
C VAL A 162 -18.75 -51.02 -20.23
N VAL A 163 -19.73 -50.40 -19.63
CA VAL A 163 -20.95 -51.08 -19.24
C VAL A 163 -21.78 -51.45 -20.44
N LYS A 164 -21.66 -50.64 -21.45
CA LYS A 164 -22.32 -50.86 -22.72
C LYS A 164 -21.75 -52.13 -23.32
N VAL A 165 -20.45 -52.27 -23.23
CA VAL A 165 -19.75 -53.40 -23.91
C VAL A 165 -20.12 -54.72 -23.27
N LEU A 166 -20.01 -54.75 -21.95
CA LEU A 166 -20.32 -55.95 -21.18
C LEU A 166 -21.77 -56.41 -21.42
N ASP A 167 -22.67 -55.45 -21.52
CA ASP A 167 -24.10 -55.77 -21.69
C ASP A 167 -24.46 -56.32 -23.08
N GLU A 168 -23.90 -55.70 -24.09
CA GLU A 168 -24.17 -56.14 -25.45
C GLU A 168 -23.77 -57.60 -25.65
N GLN A 169 -22.62 -57.93 -25.12
CA GLN A 169 -22.05 -59.31 -25.26
C GLN A 169 -22.48 -60.36 -24.23
N PHE A 170 -22.48 -60.00 -22.98
CA PHE A 170 -22.81 -61.00 -21.94
C PHE A 170 -24.13 -60.76 -21.16
N GLY A 171 -24.71 -59.59 -21.34
CA GLY A 171 -25.88 -59.19 -20.57
C GLY A 171 -25.45 -58.89 -19.16
N ILE A 172 -26.12 -57.98 -18.50
CA ILE A 172 -25.78 -57.64 -17.11
C ILE A 172 -26.92 -57.97 -16.19
N GLU A 173 -26.63 -58.58 -15.09
CA GLU A 173 -27.65 -58.73 -14.08
C GLU A 173 -27.57 -57.60 -13.09
N ASN A 174 -26.39 -57.47 -12.55
CA ASN A 174 -26.18 -56.70 -11.35
C ASN A 174 -24.81 -56.09 -11.38
N GLY A 175 -24.70 -54.90 -10.85
CA GLY A 175 -23.40 -54.30 -10.73
C GLY A 175 -23.27 -53.48 -9.49
N LEU A 176 -22.04 -53.37 -9.06
CA LEU A 176 -21.62 -52.36 -8.09
C LEU A 176 -20.30 -51.81 -8.60
N MET A 177 -19.96 -50.61 -8.15
CA MET A 177 -18.75 -49.98 -8.62
C MET A 177 -18.18 -49.02 -7.60
N THR A 178 -16.91 -48.72 -7.82
CA THR A 178 -16.20 -47.74 -7.06
C THR A 178 -15.40 -46.90 -8.06
N THR A 179 -15.50 -45.60 -7.93
CA THR A 179 -14.64 -44.73 -8.71
C THR A 179 -13.58 -44.18 -7.76
N VAL A 180 -12.34 -44.42 -8.08
CA VAL A 180 -11.24 -43.76 -7.36
C VAL A 180 -10.92 -42.48 -8.11
N HIS A 181 -11.26 -41.38 -7.47
CA HIS A 181 -11.20 -40.02 -8.02
C HIS A 181 -10.00 -39.31 -7.59
N ALA A 182 -9.25 -38.84 -8.57
CA ALA A 182 -8.05 -38.01 -8.32
C ALA A 182 -8.38 -36.55 -7.94
N TYR A 183 -7.42 -35.90 -7.31
CA TYR A 183 -7.34 -34.40 -7.21
C TYR A 183 -6.97 -33.89 -5.80
N LEU A 197 -20.43 -33.21 3.15
CA LEU A 197 -20.26 -33.65 4.53
C LEU A 197 -18.86 -34.24 4.74
N ARG A 198 -18.57 -35.27 3.96
CA ARG A 198 -17.23 -35.86 3.91
C ARG A 198 -16.33 -35.09 2.92
N ARG A 199 -16.98 -34.63 1.86
CA ARG A 199 -16.33 -33.73 0.89
C ARG A 199 -15.82 -32.46 1.56
N ALA A 200 -16.45 -32.15 2.67
CA ALA A 200 -16.06 -30.99 3.48
C ALA A 200 -14.57 -31.05 3.84
N ARG A 201 -14.14 -32.25 4.19
CA ARG A 201 -12.85 -32.44 4.91
C ARG A 201 -11.57 -32.37 4.06
N ALA A 202 -10.48 -32.13 4.78
CA ALA A 202 -9.12 -31.88 4.21
C ALA A 202 -8.62 -33.06 3.38
N CYS A 203 -8.20 -32.74 2.18
CA CYS A 203 -8.06 -33.75 1.10
C CYS A 203 -6.70 -34.36 0.92
N GLY A 204 -5.70 -33.69 1.46
CA GLY A 204 -4.30 -34.00 1.16
C GLY A 204 -3.80 -35.22 1.90
N GLN A 205 -4.42 -35.46 3.03
CA GLN A 205 -4.05 -36.64 3.82
C GLN A 205 -4.80 -37.90 3.34
N SER A 206 -6.11 -37.76 3.17
CA SER A 206 -7.06 -38.88 3.34
C SER A 206 -7.75 -39.45 2.13
N ILE A 207 -8.11 -40.72 2.26
CA ILE A 207 -9.10 -41.36 1.37
C ILE A 207 -10.44 -40.87 1.87
N ILE A 208 -11.15 -40.12 1.05
CA ILE A 208 -12.49 -39.59 1.43
C ILE A 208 -13.59 -40.28 0.63
N PRO A 209 -14.40 -41.14 1.27
CA PRO A 209 -15.44 -41.77 0.48
C PRO A 209 -16.56 -40.80 0.31
N THR A 210 -17.20 -40.82 -0.83
CA THR A 210 -18.39 -40.03 -1.01
C THR A 210 -19.32 -40.67 -2.01
N THR A 211 -20.41 -39.96 -2.30
CA THR A 211 -21.41 -40.37 -3.33
C THR A 211 -20.90 -40.11 -4.73
N THR A 212 -21.54 -40.76 -5.66
CA THR A 212 -21.27 -40.53 -7.08
C THR A 212 -22.55 -40.65 -7.86
N GLY A 213 -22.81 -39.66 -8.70
CA GLY A 213 -23.98 -39.66 -9.57
C GLY A 213 -23.79 -40.49 -10.83
N ALA A 214 -22.60 -41.03 -10.98
CA ALA A 214 -22.24 -41.72 -12.23
C ALA A 214 -23.19 -42.89 -12.61
N ALA A 215 -23.76 -43.54 -11.61
CA ALA A 215 -24.63 -44.73 -11.86
C ALA A 215 -26.07 -44.35 -12.23
N LYS A 216 -26.65 -43.40 -11.51
CA LYS A 216 -27.97 -42.84 -11.91
C LYS A 216 -27.86 -42.37 -13.35
N ALA A 217 -26.82 -41.60 -13.60
CA ALA A 217 -26.62 -40.92 -14.89
C ALA A 217 -26.82 -41.86 -16.06
N LEU A 218 -26.40 -43.09 -15.90
CA LEU A 218 -26.62 -44.13 -16.93
C LEU A 218 -28.11 -44.21 -17.35
N ALA A 219 -28.98 -43.70 -16.50
CA ALA A 219 -30.44 -43.70 -16.75
C ALA A 219 -30.77 -42.87 -17.98
N LYS A 220 -30.05 -41.77 -18.12
CA LYS A 220 -30.11 -40.91 -19.33
C LYS A 220 -29.51 -41.51 -20.61
N VAL A 221 -28.41 -42.24 -20.50
CA VAL A 221 -27.73 -42.76 -21.71
C VAL A 221 -27.96 -44.22 -22.08
N LEU A 222 -28.12 -45.06 -21.07
CA LEU A 222 -28.45 -46.50 -21.25
C LEU A 222 -29.59 -46.91 -20.33
N PRO A 223 -30.82 -46.61 -20.72
CA PRO A 223 -31.99 -46.63 -19.85
C PRO A 223 -32.37 -48.03 -19.36
N HIS A 224 -32.12 -49.00 -20.22
CA HIS A 224 -32.46 -50.42 -19.96
C HIS A 224 -31.69 -51.02 -18.81
N LEU A 225 -30.60 -50.37 -18.49
CA LEU A 225 -29.73 -50.77 -17.36
C LEU A 225 -30.18 -50.13 -16.05
N ASN A 226 -31.29 -49.43 -16.13
CA ASN A 226 -31.73 -48.65 -14.98
C ASN A 226 -32.01 -49.59 -13.81
N GLY A 227 -31.61 -49.16 -12.64
CA GLY A 227 -31.79 -49.97 -11.41
C GLY A 227 -30.74 -51.06 -11.17
N LYS A 228 -30.01 -51.44 -12.22
CA LYS A 228 -29.10 -52.60 -12.16
C LYS A 228 -27.75 -52.27 -11.52
N LEU A 229 -27.35 -51.03 -11.58
CA LEU A 229 -26.09 -50.55 -11.08
C LEU A 229 -26.14 -49.47 -10.05
N HIS A 230 -25.25 -49.51 -9.10
CA HIS A 230 -25.11 -48.48 -8.15
C HIS A 230 -23.66 -48.26 -7.89
N GLY A 231 -23.28 -47.15 -7.32
CA GLY A 231 -21.90 -46.94 -7.03
C GLY A 231 -21.57 -46.03 -5.88
N MET A 232 -20.30 -45.83 -5.68
CA MET A 232 -19.76 -44.85 -4.72
C MET A 232 -18.42 -44.36 -5.19
N ALA A 233 -17.95 -43.30 -4.60
CA ALA A 233 -16.65 -42.73 -4.97
C ALA A 233 -15.69 -42.80 -3.82
N LEU A 234 -14.44 -42.83 -4.17
CA LEU A 234 -13.37 -42.71 -3.18
C LEU A 234 -12.36 -41.70 -3.67
N ARG A 235 -12.35 -40.52 -3.06
CA ARG A 235 -11.42 -39.46 -3.48
C ARG A 235 -10.09 -39.73 -2.83
N VAL A 236 -9.04 -39.75 -3.63
CA VAL A 236 -7.66 -39.93 -3.10
C VAL A 236 -6.76 -38.87 -3.66
N PRO A 237 -5.76 -38.45 -2.92
CA PRO A 237 -4.89 -37.40 -3.41
C PRO A 237 -3.84 -37.81 -4.46
N THR A 238 -4.25 -37.82 -5.72
CA THR A 238 -3.35 -37.98 -6.86
C THR A 238 -3.63 -36.89 -7.85
N PRO A 239 -2.63 -36.54 -8.65
CA PRO A 239 -2.76 -35.46 -9.57
C PRO A 239 -3.94 -35.71 -10.49
N ASN A 240 -3.84 -36.57 -11.49
CA ASN A 240 -4.89 -36.52 -12.50
C ASN A 240 -5.50 -37.75 -13.07
N VAL A 241 -5.08 -38.94 -12.72
CA VAL A 241 -5.76 -40.08 -13.34
C VAL A 241 -6.71 -40.80 -12.39
N SER A 242 -7.85 -41.20 -12.93
CA SER A 242 -8.89 -41.75 -12.09
C SER A 242 -9.20 -43.16 -12.53
N LEU A 243 -9.87 -43.93 -11.70
CA LEU A 243 -10.34 -45.25 -12.18
C LEU A 243 -11.75 -45.61 -11.80
N VAL A 244 -12.32 -46.50 -12.58
CA VAL A 244 -13.61 -47.11 -12.25
C VAL A 244 -13.42 -48.59 -11.89
N ASP A 245 -13.74 -48.97 -10.67
CA ASP A 245 -13.63 -50.37 -10.25
C ASP A 245 -14.99 -51.05 -10.28
N LEU A 246 -15.16 -51.95 -11.20
CA LEU A 246 -16.49 -52.45 -11.50
C LEU A 246 -16.67 -53.93 -11.19
N VAL A 247 -17.58 -54.23 -10.29
CA VAL A 247 -17.90 -55.61 -10.02
C VAL A 247 -19.35 -55.88 -10.46
N VAL A 248 -19.46 -56.70 -11.48
CA VAL A 248 -20.71 -56.86 -12.16
C VAL A 248 -20.95 -58.37 -12.31
N ASP A 249 -22.22 -58.75 -12.28
CA ASP A 249 -22.61 -60.10 -12.64
C ASP A 249 -23.24 -60.11 -14.03
N VAL A 250 -22.78 -61.04 -14.85
CA VAL A 250 -23.24 -61.19 -16.22
C VAL A 250 -24.33 -62.27 -16.33
N LYS A 251 -24.97 -62.36 -17.48
CA LYS A 251 -26.13 -63.28 -17.69
C LYS A 251 -25.70 -64.67 -18.17
N ARG A 252 -24.46 -64.74 -18.63
CA ARG A 252 -23.97 -65.98 -19.20
C ARG A 252 -22.51 -66.19 -18.79
N ASP A 253 -21.99 -67.37 -19.09
CA ASP A 253 -20.67 -67.79 -18.62
C ASP A 253 -19.51 -67.09 -19.33
N VAL A 254 -18.59 -66.58 -18.53
CA VAL A 254 -17.37 -65.93 -19.07
C VAL A 254 -16.06 -66.38 -18.41
N THR A 255 -14.98 -66.11 -19.13
CA THR A 255 -13.63 -66.33 -18.63
C THR A 255 -12.93 -64.98 -18.69
N VAL A 256 -11.77 -64.86 -18.02
CA VAL A 256 -10.98 -63.61 -18.11
C VAL A 256 -10.66 -63.30 -19.55
N GLU A 257 -10.36 -64.34 -20.29
CA GLU A 257 -9.98 -64.19 -21.70
C GLU A 257 -11.17 -63.70 -22.53
N ALA A 258 -12.33 -64.26 -22.26
CA ALA A 258 -13.57 -63.83 -22.97
C ALA A 258 -13.82 -62.32 -22.81
N ILE A 259 -13.82 -61.86 -21.57
CA ILE A 259 -14.09 -60.42 -21.27
C ILE A 259 -13.15 -59.49 -22.01
N ASN A 260 -11.87 -59.75 -21.75
CA ASN A 260 -10.71 -59.01 -22.29
C ASN A 260 -10.68 -58.97 -23.83
N ASP A 261 -11.29 -59.97 -24.42
CA ASP A 261 -11.44 -60.02 -25.86
C ASP A 261 -12.56 -59.13 -26.31
N ALA A 262 -13.61 -59.08 -25.52
CA ALA A 262 -14.71 -58.17 -25.87
C ALA A 262 -14.21 -56.71 -25.94
N PHE A 263 -13.29 -56.39 -25.07
CA PHE A 263 -12.72 -55.01 -25.05
C PHE A 263 -11.63 -54.81 -26.12
N LYS A 264 -10.86 -55.84 -26.35
CA LYS A 264 -9.83 -55.85 -27.38
C LYS A 264 -10.46 -55.62 -28.72
N THR A 265 -11.59 -56.28 -28.91
CA THR A 265 -12.38 -56.27 -30.19
C THR A 265 -13.01 -54.92 -30.46
N VAL A 266 -13.67 -54.46 -29.41
CA VAL A 266 -14.35 -53.16 -29.38
C VAL A 266 -13.38 -52.01 -29.58
N ALA A 267 -12.20 -52.14 -29.01
CA ALA A 267 -11.18 -51.07 -29.10
C ALA A 267 -10.60 -50.89 -30.51
N ASN A 268 -10.58 -51.97 -31.27
CA ASN A 268 -10.20 -51.98 -32.71
C ASN A 268 -11.40 -51.68 -33.58
N GLY A 269 -12.53 -51.61 -32.92
CA GLY A 269 -13.86 -51.53 -33.54
C GLY A 269 -14.68 -50.30 -33.23
N ALA A 270 -15.97 -50.56 -33.05
CA ALA A 270 -16.98 -49.52 -32.81
C ALA A 270 -16.53 -48.41 -31.84
N LEU A 271 -15.69 -48.77 -30.90
CA LEU A 271 -15.22 -47.82 -29.87
C LEU A 271 -13.79 -47.34 -30.01
N LYS A 272 -13.25 -47.58 -31.19
CA LYS A 272 -11.87 -47.19 -31.45
C LYS A 272 -11.74 -45.76 -31.04
N GLY A 273 -10.77 -45.48 -30.19
CA GLY A 273 -10.52 -44.10 -29.75
C GLY A 273 -11.31 -43.72 -28.51
N ILE A 274 -12.40 -44.42 -28.27
CA ILE A 274 -13.13 -44.26 -26.98
C ILE A 274 -12.61 -45.18 -25.87
N VAL A 275 -12.51 -46.46 -26.21
CA VAL A 275 -12.04 -47.52 -25.29
C VAL A 275 -10.71 -48.13 -25.67
N GLU A 276 -9.80 -48.16 -24.70
CA GLU A 276 -8.47 -48.75 -24.88
C GLU A 276 -8.38 -50.00 -24.05
N PHE A 277 -7.61 -50.95 -24.57
CA PHE A 277 -7.26 -52.15 -23.83
C PHE A 277 -5.79 -52.17 -23.55
N SER A 278 -5.43 -51.96 -22.30
CA SER A 278 -4.00 -52.04 -21.85
C SER A 278 -3.69 -53.44 -21.37
N GLU A 279 -2.71 -54.06 -22.01
CA GLU A 279 -2.18 -55.40 -21.62
C GLU A 279 -0.99 -55.32 -20.68
N GLU A 280 -0.35 -54.16 -20.69
CA GLU A 280 0.94 -53.96 -19.98
C GLU A 280 0.76 -53.59 -18.51
N PRO A 281 1.73 -53.95 -17.67
CA PRO A 281 1.68 -53.65 -16.24
C PRO A 281 2.02 -52.19 -15.94
N LEU A 282 0.99 -51.36 -16.01
CA LEU A 282 1.14 -49.89 -15.94
C LEU A 282 0.54 -49.34 -14.65
N VAL A 283 0.93 -48.12 -14.31
CA VAL A 283 0.37 -47.41 -13.16
C VAL A 283 -0.30 -46.13 -13.62
N SER A 284 -1.01 -45.48 -12.70
CA SER A 284 -2.04 -44.50 -13.10
C SER A 284 -1.48 -43.37 -13.95
N ILE A 285 -0.29 -42.94 -13.60
CA ILE A 285 0.37 -41.80 -14.27
C ILE A 285 0.78 -42.05 -15.71
N ASP A 286 0.71 -43.29 -16.13
CA ASP A 286 1.13 -43.66 -17.47
C ASP A 286 0.04 -43.29 -18.47
N PHE A 287 -1.12 -43.00 -17.91
CA PHE A 287 -2.36 -42.68 -18.68
C PHE A 287 -2.71 -41.19 -18.75
N ASN A 288 -1.85 -40.41 -18.16
CA ASN A 288 -1.87 -38.95 -18.27
C ASN A 288 -1.96 -38.53 -19.73
N THR A 289 -2.87 -37.65 -20.06
CA THR A 289 -2.91 -37.14 -21.44
C THR A 289 -3.21 -38.26 -22.43
N ASN A 290 -3.94 -39.23 -21.95
CA ASN A 290 -4.58 -40.23 -22.78
C ASN A 290 -5.95 -39.69 -23.16
N THR A 291 -6.34 -39.85 -24.42
CA THR A 291 -7.60 -39.26 -24.91
C THR A 291 -8.84 -40.16 -24.77
N HIS A 292 -8.61 -41.42 -24.45
CA HIS A 292 -9.73 -42.38 -24.37
C HIS A 292 -10.63 -42.12 -23.21
N SER A 293 -11.86 -42.56 -23.35
CA SER A 293 -12.86 -42.42 -22.29
C SER A 293 -12.55 -43.35 -21.12
N ALA A 294 -12.26 -44.58 -21.50
CA ALA A 294 -11.87 -45.67 -20.56
C ALA A 294 -10.68 -46.43 -21.09
N ILE A 295 -9.73 -46.70 -20.22
CA ILE A 295 -8.63 -47.62 -20.56
C ILE A 295 -8.74 -48.85 -19.70
N ILE A 296 -9.00 -49.98 -20.33
CA ILE A 296 -9.15 -51.25 -19.60
C ILE A 296 -7.82 -51.78 -19.14
N ASP A 297 -7.69 -51.99 -17.86
CA ASP A 297 -6.45 -52.54 -17.32
C ASP A 297 -6.56 -54.06 -17.33
N GLY A 298 -6.17 -54.63 -18.44
CA GLY A 298 -6.43 -56.05 -18.80
C GLY A 298 -5.93 -57.06 -17.77
N LEU A 299 -4.77 -56.77 -17.20
CA LEU A 299 -4.19 -57.59 -16.12
C LEU A 299 -5.02 -57.55 -14.82
N SER A 300 -6.03 -56.69 -14.73
CA SER A 300 -6.93 -56.69 -13.54
C SER A 300 -8.31 -57.35 -13.74
N THR A 301 -8.62 -57.74 -14.96
CA THR A 301 -9.89 -58.44 -15.19
C THR A 301 -9.88 -59.71 -14.34
N MET A 302 -10.97 -59.94 -13.66
CA MET A 302 -11.18 -61.19 -12.93
C MET A 302 -12.54 -61.72 -13.24
N VAL A 303 -12.66 -63.03 -13.16
CA VAL A 303 -13.96 -63.69 -13.14
C VAL A 303 -14.04 -64.73 -12.02
N MET A 304 -15.01 -64.58 -11.13
CA MET A 304 -15.30 -65.62 -10.14
C MET A 304 -16.69 -66.26 -10.27
N GLY A 305 -16.69 -67.57 -10.38
CA GLY A 305 -17.95 -68.36 -10.50
C GLY A 305 -18.47 -68.40 -11.92
N ASP A 306 -17.61 -68.02 -12.85
CA ASP A 306 -17.96 -67.95 -14.27
C ASP A 306 -18.87 -66.76 -14.61
N ARG A 307 -19.25 -66.00 -13.60
CA ARG A 307 -20.28 -64.94 -13.75
C ARG A 307 -19.89 -63.59 -13.19
N LYS A 308 -19.45 -63.56 -11.96
CA LYS A 308 -18.99 -62.31 -11.33
C LYS A 308 -17.72 -61.78 -11.97
N VAL A 309 -17.79 -60.58 -12.49
CA VAL A 309 -16.69 -59.99 -13.23
C VAL A 309 -16.21 -58.69 -12.61
N LYS A 310 -14.90 -58.55 -12.53
CA LYS A 310 -14.28 -57.28 -12.14
C LYS A 310 -13.49 -56.75 -13.30
N VAL A 311 -13.82 -55.53 -13.66
CA VAL A 311 -13.07 -54.75 -14.65
C VAL A 311 -12.58 -53.46 -14.01
N LEU A 312 -11.36 -53.10 -14.35
CA LEU A 312 -10.80 -51.77 -14.00
C LEU A 312 -10.56 -50.97 -15.24
N ALA A 313 -11.08 -49.76 -15.22
CA ALA A 313 -10.90 -48.83 -16.32
C ALA A 313 -10.30 -47.52 -15.83
N TRP A 314 -9.15 -47.18 -16.37
CA TRP A 314 -8.54 -45.89 -16.11
C TRP A 314 -9.22 -44.87 -17.00
N TYR A 315 -9.24 -43.64 -16.53
CA TYR A 315 -9.50 -42.50 -17.42
C TYR A 315 -8.71 -41.30 -16.92
N ASP A 316 -8.22 -40.53 -17.87
CA ASP A 316 -7.69 -39.20 -17.53
C ASP A 316 -8.92 -38.36 -17.43
N ASN A 317 -9.14 -37.83 -16.24
CA ASN A 317 -10.45 -37.23 -15.93
C ASN A 317 -10.56 -35.78 -16.37
N GLU A 318 -9.56 -35.35 -17.10
CA GLU A 318 -9.61 -34.10 -17.81
C GLU A 318 -9.47 -34.29 -19.31
N TRP A 319 -8.38 -34.92 -19.69
CA TRP A 319 -7.94 -35.03 -21.09
C TRP A 319 -8.84 -35.88 -21.97
N GLY A 320 -9.33 -36.96 -21.41
CA GLY A 320 -10.26 -37.86 -22.17
C GLY A 320 -11.60 -37.18 -22.43
N TYR A 321 -12.17 -36.71 -21.35
CA TYR A 321 -13.45 -36.01 -21.32
C TYR A 321 -13.42 -34.82 -22.27
N SER A 322 -12.40 -33.99 -22.08
CA SER A 322 -12.15 -32.82 -22.94
C SER A 322 -12.25 -33.19 -24.37
N ARG A 323 -11.57 -34.24 -24.73
CA ARG A 323 -11.63 -34.76 -26.10
C ARG A 323 -13.06 -35.13 -26.52
N ARG A 324 -13.82 -35.70 -25.58
CA ARG A 324 -15.23 -36.09 -25.89
C ARG A 324 -16.05 -34.84 -26.18
N VAL A 325 -15.74 -33.80 -25.43
CA VAL A 325 -16.41 -32.51 -25.59
C VAL A 325 -16.22 -32.05 -27.03
N VAL A 326 -14.99 -32.10 -27.46
CA VAL A 326 -14.67 -31.69 -28.84
C VAL A 326 -15.34 -32.63 -29.86
N ASP A 327 -15.41 -33.91 -29.51
CA ASP A 327 -16.11 -34.92 -30.36
C ASP A 327 -17.62 -34.58 -30.45
N LEU A 328 -18.17 -34.22 -29.32
CA LEU A 328 -19.58 -33.87 -29.25
C LEU A 328 -19.84 -32.52 -29.93
N VAL A 329 -18.94 -31.58 -29.73
CA VAL A 329 -19.08 -30.29 -30.41
C VAL A 329 -18.98 -30.48 -31.92
N THR A 330 -18.13 -31.41 -32.31
CA THR A 330 -17.90 -31.62 -33.73
C THR A 330 -19.17 -32.13 -34.35
N LEU A 331 -19.84 -32.93 -33.56
CA LEU A 331 -21.01 -33.71 -33.97
C LEU A 331 -22.23 -32.81 -34.18
N VAL A 332 -22.45 -31.93 -33.23
CA VAL A 332 -23.44 -30.87 -33.37
C VAL A 332 -23.23 -30.09 -34.68
N VAL A 333 -22.01 -29.62 -34.85
CA VAL A 333 -21.64 -28.77 -36.01
C VAL A 333 -22.05 -29.42 -37.32
N ASP A 334 -22.02 -30.73 -37.34
CA ASP A 334 -22.15 -31.51 -38.59
C ASP A 334 -23.58 -31.80 -38.97
N GLU A 335 -24.45 -31.24 -38.18
CA GLU A 335 -25.88 -31.43 -38.34
C GLU A 335 -26.46 -30.16 -38.89
N LEU A 336 -26.16 -29.10 -38.17
CA LEU A 336 -26.50 -27.74 -38.57
C LEU A 336 -26.27 -27.57 -40.08
N ALA A 337 -25.13 -28.07 -40.51
CA ALA A 337 -24.82 -28.15 -41.94
C ALA A 337 -25.72 -29.18 -42.66
N LYS A 338 -26.02 -30.29 -41.99
CA LYS A 338 -26.91 -31.35 -42.55
C LYS A 338 -28.32 -30.82 -42.82
N GLN A 339 -28.67 -29.73 -42.14
CA GLN A 339 -29.89 -28.95 -42.46
C GLN A 339 -29.70 -28.23 -43.82
N MET B 4 -36.05 21.72 29.37
CA MET B 4 -34.82 22.25 28.73
C MET B 4 -34.41 21.46 27.48
N THR B 5 -34.71 22.14 26.38
CA THR B 5 -34.81 21.58 25.01
C THR B 5 -33.51 21.03 24.42
N ARG B 6 -33.64 19.97 23.67
CA ARG B 6 -32.49 19.37 22.97
C ARG B 6 -32.30 19.97 21.57
N VAL B 7 -31.06 20.30 21.26
CA VAL B 7 -30.68 20.86 19.96
C VAL B 7 -29.63 19.99 19.27
N ALA B 8 -29.56 20.09 17.96
CA ALA B 8 -28.55 19.37 17.21
C ALA B 8 -28.04 20.22 16.06
N ILE B 9 -26.81 19.94 15.65
CA ILE B 9 -26.19 20.60 14.51
C ILE B 9 -26.02 19.61 13.39
N ASN B 10 -26.39 20.03 12.18
CA ASN B 10 -26.15 19.23 10.99
C ASN B 10 -25.14 19.95 10.13
N GLY B 11 -24.04 19.27 9.90
CA GLY B 11 -22.93 19.80 9.11
C GLY B 11 -21.91 20.40 10.02
N PHE B 12 -20.66 20.30 9.61
CA PHE B 12 -19.53 20.74 10.47
C PHE B 12 -18.48 21.56 9.79
N GLY B 13 -18.96 22.48 8.96
CA GLY B 13 -18.07 23.40 8.25
C GLY B 13 -17.66 24.46 9.25
N ARG B 14 -17.18 25.58 8.76
CA ARG B 14 -16.76 26.66 9.64
C ARG B 14 -17.87 27.15 10.55
N ILE B 15 -19.03 27.29 9.97
CA ILE B 15 -20.18 27.80 10.73
C ILE B 15 -20.61 26.84 11.84
N GLY B 16 -20.57 25.55 11.53
CA GLY B 16 -21.11 24.56 12.48
C GLY B 16 -20.22 24.53 13.69
N ARG B 17 -18.94 24.55 13.39
CA ARG B 17 -17.87 24.48 14.42
C ARG B 17 -17.94 25.67 15.33
N MET B 18 -18.12 26.84 14.75
CA MET B 18 -18.24 28.07 15.56
C MET B 18 -19.55 28.13 16.36
N VAL B 19 -20.65 27.78 15.69
CA VAL B 19 -21.98 27.73 16.38
C VAL B 19 -21.92 26.78 17.58
N PHE B 20 -21.36 25.62 17.31
CA PHE B 20 -21.17 24.54 18.31
C PHE B 20 -20.36 24.96 19.55
N ARG B 21 -19.23 25.60 19.28
CA ARG B 21 -18.30 26.09 20.33
C ARG B 21 -18.94 27.18 21.19
N GLN B 22 -19.72 28.04 20.55
CA GLN B 22 -20.48 29.08 21.29
C GLN B 22 -21.70 28.51 21.97
N ALA B 23 -22.24 27.47 21.38
CA ALA B 23 -23.46 26.80 21.87
C ALA B 23 -23.30 26.03 23.21
N ILE B 24 -22.28 25.15 23.25
CA ILE B 24 -22.04 24.25 24.44
C ILE B 24 -21.87 24.97 25.76
N LYS B 25 -21.48 26.24 25.69
CA LYS B 25 -21.37 27.06 26.91
C LYS B 25 -22.73 27.70 27.29
N GLU B 26 -23.75 27.44 26.48
CA GLU B 26 -25.14 27.93 26.74
C GLU B 26 -25.91 27.08 27.72
N SER B 27 -26.53 27.72 28.69
CA SER B 27 -27.40 27.00 29.64
C SER B 27 -28.85 26.98 29.20
N ALA B 28 -29.14 27.83 28.22
CA ALA B 28 -30.51 28.01 27.67
C ALA B 28 -31.04 26.78 26.95
N PHE B 29 -30.09 25.98 26.49
CA PHE B 29 -30.42 24.73 25.82
C PHE B 29 -29.24 23.76 25.82
N GLU B 30 -29.45 22.65 25.16
CA GLU B 30 -28.61 21.49 25.31
C GLU B 30 -28.26 21.00 23.93
N ILE B 31 -26.98 20.98 23.57
CA ILE B 31 -26.56 20.41 22.29
C ILE B 31 -26.17 18.96 22.47
N VAL B 32 -26.99 18.07 21.93
CA VAL B 32 -26.82 16.63 22.13
C VAL B 32 -26.27 15.86 20.94
N ALA B 33 -26.06 16.51 19.82
CA ALA B 33 -25.62 15.73 18.66
C ALA B 33 -25.04 16.55 17.52
N ILE B 34 -24.27 15.86 16.70
CA ILE B 34 -23.64 16.42 15.53
C ILE B 34 -23.72 15.40 14.45
N ASN B 35 -24.21 15.80 13.30
CA ASN B 35 -24.14 14.95 12.13
C ASN B 35 -23.00 15.51 11.31
N ALA B 36 -22.05 14.67 10.95
CA ALA B 36 -20.85 15.16 10.28
C ALA B 36 -20.21 14.08 9.41
N SER B 37 -19.45 14.50 8.42
CA SER B 37 -18.80 13.57 7.57
C SER B 37 -17.45 13.18 8.12
N TYR B 38 -16.98 13.93 9.09
CA TYR B 38 -15.72 13.63 9.71
C TYR B 38 -15.79 12.46 10.64
N PRO B 39 -14.61 11.91 10.91
CA PRO B 39 -14.36 10.97 11.99
C PRO B 39 -14.17 11.70 13.27
N SER B 40 -14.37 11.00 14.35
CA SER B 40 -14.44 11.64 15.61
C SER B 40 -13.17 12.33 16.01
N GLU B 41 -12.06 11.66 15.84
CA GLU B 41 -10.78 12.25 16.26
C GLU B 41 -10.53 13.57 15.53
N THR B 42 -10.81 13.56 14.25
CA THR B 42 -10.79 14.80 13.45
C THR B 42 -11.80 15.85 13.95
N LEU B 43 -13.03 15.43 14.20
CA LEU B 43 -14.05 16.34 14.79
C LEU B 43 -13.41 16.96 16.03
N ALA B 44 -13.03 16.08 16.93
CA ALA B 44 -12.51 16.51 18.24
C ALA B 44 -11.29 17.45 18.10
N HIS B 45 -10.46 17.16 17.12
CA HIS B 45 -9.28 18.00 16.87
C HIS B 45 -9.74 19.38 16.40
N LEU B 46 -10.80 19.35 15.62
CA LEU B 46 -11.46 20.55 15.05
C LEU B 46 -12.09 21.49 16.08
N ILE B 47 -12.65 20.91 17.11
CA ILE B 47 -13.23 21.70 18.20
C ILE B 47 -12.12 22.26 19.07
N LYS B 48 -11.05 21.51 19.16
CA LYS B 48 -9.99 21.85 20.14
C LYS B 48 -9.05 22.94 19.69
N TYR B 49 -8.86 23.00 18.39
CA TYR B 49 -7.87 23.91 17.80
C TYR B 49 -8.44 24.79 16.69
N ASP B 50 -8.30 26.09 16.84
CA ASP B 50 -8.74 26.97 15.77
C ASP B 50 -7.66 27.80 15.09
N THR B 51 -7.62 27.54 13.79
CA THR B 51 -6.74 28.18 12.81
C THR B 51 -6.88 29.71 12.88
N VAL B 52 -7.95 30.14 13.52
CA VAL B 52 -8.39 31.58 13.53
C VAL B 52 -8.71 32.19 14.90
N HIS B 53 -9.55 31.51 15.63
CA HIS B 53 -9.98 31.93 17.00
C HIS B 53 -9.18 31.38 18.12
N GLY B 54 -8.15 30.63 17.77
CA GLY B 54 -7.22 30.06 18.78
C GLY B 54 -7.65 28.71 19.32
N LYS B 55 -7.43 28.54 20.62
CA LYS B 55 -7.59 27.23 21.28
C LYS B 55 -8.86 27.19 22.13
N PHE B 56 -9.60 26.10 22.00
CA PHE B 56 -10.89 25.94 22.70
C PHE B 56 -10.71 26.01 24.19
N ASP B 57 -11.47 26.89 24.82
CA ASP B 57 -11.41 27.03 26.26
C ASP B 57 -12.38 26.05 26.92
N GLY B 58 -11.82 24.94 27.35
CA GLY B 58 -12.62 23.78 27.71
C GLY B 58 -11.94 22.47 27.38
N THR B 59 -12.73 21.42 27.45
CA THR B 59 -12.19 20.07 27.49
C THR B 59 -12.90 19.18 26.52
N VAL B 60 -12.11 18.44 25.78
CA VAL B 60 -12.61 17.60 24.70
C VAL B 60 -11.93 16.25 24.77
N GLU B 61 -12.73 15.21 24.67
CA GLU B 61 -12.24 13.85 24.61
C GLU B 61 -13.07 13.09 23.56
N ALA B 62 -12.35 12.47 22.64
CA ALA B 62 -12.96 11.68 21.55
C ALA B 62 -13.34 10.28 22.03
N PHE B 63 -14.27 9.68 21.30
CA PHE B 63 -14.68 8.28 21.49
C PHE B 63 -15.18 7.72 20.17
N GLU B 64 -15.66 6.49 20.17
CA GLU B 64 -16.03 5.85 18.86
C GLU B 64 -17.06 6.71 18.17
N ASP B 65 -18.25 6.62 18.71
CA ASP B 65 -19.45 7.26 18.12
C ASP B 65 -20.01 8.49 18.86
N HIS B 66 -19.27 8.97 19.84
CA HIS B 66 -19.71 10.12 20.63
C HIS B 66 -18.53 10.95 21.09
N LEU B 67 -18.82 12.15 21.58
CA LEU B 67 -17.80 13.04 22.17
C LEU B 67 -18.09 13.40 23.60
N LEU B 68 -17.06 13.76 24.30
CA LEU B 68 -17.20 14.38 25.61
C LEU B 68 -16.60 15.78 25.53
N VAL B 69 -17.46 16.77 25.53
CA VAL B 69 -17.05 18.17 25.51
C VAL B 69 -17.51 18.88 26.76
N ASP B 70 -16.56 19.36 27.52
CA ASP B 70 -16.84 20.05 28.80
C ASP B 70 -17.51 19.13 29.80
N GLY B 71 -17.24 17.85 29.62
CA GLY B 71 -17.93 16.80 30.40
C GLY B 71 -19.37 16.46 29.97
N LYS B 72 -19.81 17.06 28.87
CA LYS B 72 -21.12 16.72 28.29
C LYS B 72 -20.97 15.76 27.14
N MET B 73 -21.95 14.92 26.99
CA MET B 73 -21.86 13.83 26.01
C MET B 73 -22.49 14.29 24.70
N ILE B 74 -21.74 14.22 23.63
CA ILE B 74 -22.25 14.68 22.33
C ILE B 74 -22.26 13.50 21.35
N ARG B 75 -23.45 13.09 20.99
CA ARG B 75 -23.65 11.93 20.09
C ARG B 75 -23.26 12.28 18.65
N LEU B 76 -22.51 11.39 18.03
CA LEU B 76 -22.04 11.58 16.64
C LEU B 76 -22.77 10.72 15.63
N LEU B 77 -23.11 11.36 14.51
CA LEU B 77 -23.85 10.73 13.40
C LEU B 77 -23.19 11.00 12.08
N ASN B 78 -23.38 10.06 11.18
CA ASN B 78 -23.11 10.31 9.77
C ASN B 78 -24.19 9.66 8.91
N ASN B 79 -25.18 10.44 8.54
CA ASN B 79 -26.06 10.10 7.42
C ASN B 79 -26.12 11.35 6.58
N ARG B 80 -25.84 11.19 5.30
CA ARG B 80 -25.91 12.29 4.33
C ARG B 80 -27.37 12.75 4.16
N ASP B 81 -28.28 11.80 4.26
CA ASP B 81 -29.72 12.11 4.15
C ASP B 81 -30.35 12.31 5.53
N PRO B 82 -30.97 13.48 5.74
CA PRO B 82 -31.62 13.87 6.98
C PRO B 82 -32.83 13.05 7.36
N LYS B 83 -33.52 12.55 6.34
CA LYS B 83 -34.81 11.89 6.56
C LYS B 83 -34.59 10.66 7.46
N GLU B 84 -33.40 10.12 7.31
CA GLU B 84 -32.92 8.95 8.08
C GLU B 84 -32.21 9.34 9.37
N LEU B 85 -32.23 10.63 9.67
CA LEU B 85 -31.56 11.13 10.88
C LEU B 85 -32.43 10.91 12.11
N PRO B 86 -31.88 10.24 13.14
CA PRO B 86 -32.67 9.80 14.28
C PRO B 86 -32.90 10.89 15.26
N TRP B 87 -33.61 11.90 14.81
CA TRP B 87 -33.94 13.04 15.69
C TRP B 87 -34.91 12.66 16.73
N THR B 88 -35.93 12.00 16.25
CA THR B 88 -37.12 11.78 17.05
C THR B 88 -36.77 11.04 18.33
N ASP B 89 -36.03 9.95 18.19
CA ASP B 89 -35.62 9.14 19.36
C ASP B 89 -34.56 9.80 20.24
N LEU B 90 -33.62 10.48 19.57
CA LEU B 90 -32.57 11.25 20.28
C LEU B 90 -33.16 12.38 21.12
N GLY B 91 -34.38 12.75 20.79
CA GLY B 91 -35.11 13.81 21.51
C GLY B 91 -34.89 15.22 20.96
N VAL B 92 -34.38 15.26 19.74
CA VAL B 92 -34.00 16.53 19.11
C VAL B 92 -35.19 17.35 18.61
N GLU B 93 -35.43 18.46 19.27
CA GLU B 93 -36.51 19.38 18.89
C GLU B 93 -36.12 20.40 17.80
N VAL B 94 -34.91 20.92 17.93
CA VAL B 94 -34.43 21.99 17.05
C VAL B 94 -33.15 21.59 16.32
N VAL B 95 -33.14 21.71 15.01
CA VAL B 95 -31.92 21.45 14.20
C VAL B 95 -31.27 22.69 13.61
N ILE B 96 -29.98 22.89 13.89
CA ILE B 96 -29.20 23.98 13.24
C ILE B 96 -28.57 23.43 11.99
N GLU B 97 -29.00 23.92 10.85
CA GLU B 97 -28.67 23.29 9.59
C GLU B 97 -27.49 24.01 8.92
N ALA B 98 -26.34 23.38 9.03
CA ALA B 98 -25.03 24.00 8.67
C ALA B 98 -24.32 23.41 7.47
N THR B 99 -24.92 22.42 6.85
CA THR B 99 -24.28 21.77 5.69
C THR B 99 -24.23 22.68 4.48
N GLY B 100 -25.19 23.58 4.41
CA GLY B 100 -25.39 24.42 3.21
C GLY B 100 -25.91 23.68 1.99
N LYS B 101 -26.18 22.39 2.14
CA LYS B 101 -26.78 21.56 1.05
C LYS B 101 -28.31 21.58 1.03
N PHE B 102 -28.87 21.88 2.19
CA PHE B 102 -30.33 21.78 2.45
C PHE B 102 -31.08 23.09 2.66
N ASN B 103 -30.54 24.16 2.10
CA ASN B 103 -31.12 25.52 2.30
C ASN B 103 -32.53 25.81 1.76
N SER B 104 -32.98 25.02 0.81
CA SER B 104 -34.35 25.21 0.28
C SER B 104 -35.29 24.69 1.35
N LYS B 105 -36.57 24.95 1.21
CA LYS B 105 -37.52 24.52 2.24
C LYS B 105 -37.79 23.05 2.05
N GLU B 106 -37.95 22.69 0.78
CA GLU B 106 -38.25 21.32 0.39
C GLU B 106 -37.22 20.41 1.04
N LYS B 107 -35.96 20.80 0.93
CA LYS B 107 -34.87 19.98 1.46
C LYS B 107 -34.76 20.04 3.00
N ALA B 108 -34.79 21.24 3.52
CA ALA B 108 -34.65 21.46 4.98
C ALA B 108 -35.80 20.85 5.79
N ILE B 109 -36.93 20.67 5.14
CA ILE B 109 -38.12 20.14 5.84
C ILE B 109 -37.91 18.65 6.23
N LEU B 110 -37.04 17.99 5.48
CA LEU B 110 -36.72 16.56 5.70
C LEU B 110 -36.39 16.25 7.16
N HIS B 111 -35.82 17.23 7.82
CA HIS B 111 -35.42 17.09 9.22
C HIS B 111 -36.62 16.85 10.08
N VAL B 112 -37.71 17.48 9.71
CA VAL B 112 -38.98 17.38 10.50
C VAL B 112 -39.69 16.03 10.29
N GLU B 113 -39.63 15.54 9.07
CA GLU B 113 -40.14 14.20 8.78
C GLU B 113 -39.32 13.20 9.58
N ALA B 114 -38.11 13.62 9.92
CA ALA B 114 -37.20 12.81 10.77
C ALA B 114 -37.46 13.04 12.26
N GLY B 115 -38.39 13.93 12.55
CA GLY B 115 -38.79 14.18 13.96
C GLY B 115 -38.42 15.52 14.60
N ALA B 116 -37.61 16.29 13.91
CA ALA B 116 -37.28 17.64 14.37
C ALA B 116 -38.55 18.47 14.33
N LYS B 117 -38.66 19.40 15.25
CA LYS B 117 -39.76 20.42 15.20
C LYS B 117 -39.47 21.72 14.39
N LYS B 118 -38.21 22.12 14.40
CA LYS B 118 -37.78 23.39 13.80
C LYS B 118 -36.39 23.29 13.20
N VAL B 119 -36.22 23.94 12.06
CA VAL B 119 -34.91 24.01 11.44
C VAL B 119 -34.47 25.47 11.33
N ILE B 120 -33.25 25.71 11.79
CA ILE B 120 -32.66 27.04 11.72
C ILE B 120 -31.53 26.96 10.74
N LEU B 121 -31.68 27.63 9.62
CA LEU B 121 -30.62 27.68 8.60
C LEU B 121 -29.58 28.74 8.96
N THR B 122 -28.33 28.32 8.92
CA THR B 122 -27.22 29.22 9.18
C THR B 122 -26.80 29.84 7.86
N ALA B 123 -27.73 29.85 6.94
CA ALA B 123 -27.58 30.61 5.67
C ALA B 123 -28.90 31.20 5.14
N PRO B 124 -28.81 31.99 4.05
CA PRO B 124 -29.98 32.44 3.33
C PRO B 124 -30.78 31.29 2.75
N GLY B 125 -32.09 31.35 2.93
CA GLY B 125 -32.99 30.28 2.45
C GLY B 125 -33.54 30.43 1.04
N LYS B 126 -34.32 29.43 0.69
CA LYS B 126 -35.21 29.51 -0.47
C LYS B 126 -36.56 28.98 -0.03
N ASN B 127 -37.58 29.81 -0.12
CA ASN B 127 -38.92 29.44 0.38
C ASN B 127 -38.88 29.11 1.85
N GLU B 128 -37.98 29.73 2.56
CA GLU B 128 -37.96 29.63 4.04
C GLU B 128 -39.26 30.27 4.50
N ASP B 129 -39.70 29.94 5.69
CA ASP B 129 -40.97 30.51 6.20
C ASP B 129 -40.79 31.92 6.66
N VAL B 130 -39.60 32.21 7.15
CA VAL B 130 -39.22 33.54 7.64
C VAL B 130 -37.69 33.72 7.73
N THR B 131 -37.27 34.96 7.64
CA THR B 131 -35.86 35.35 7.80
C THR B 131 -35.72 36.28 8.99
N ILE B 132 -34.88 35.88 9.93
CA ILE B 132 -34.66 36.67 11.14
C ILE B 132 -33.25 37.23 11.20
N VAL B 133 -33.16 38.52 11.43
CA VAL B 133 -31.90 39.16 11.81
C VAL B 133 -32.04 39.70 13.21
N VAL B 134 -31.36 39.09 14.15
CA VAL B 134 -31.52 39.49 15.55
C VAL B 134 -31.16 40.95 15.72
N GLY B 135 -32.04 41.67 16.39
CA GLY B 135 -31.84 43.12 16.67
C GLY B 135 -32.61 44.03 15.72
N VAL B 136 -33.11 43.42 14.66
CA VAL B 136 -33.88 44.10 13.62
C VAL B 136 -35.34 43.65 13.59
N ASN B 137 -35.55 42.47 13.05
CA ASN B 137 -36.90 41.88 12.90
C ASN B 137 -37.29 40.66 13.76
N GLU B 138 -36.53 40.42 14.83
CA GLU B 138 -36.81 39.28 15.71
C GLU B 138 -38.29 39.11 16.06
N ASP B 139 -38.96 40.23 16.34
CA ASP B 139 -40.39 40.23 16.79
C ASP B 139 -41.36 39.67 15.75
N GLN B 140 -40.89 39.49 14.52
CA GLN B 140 -41.72 38.90 13.42
C GLN B 140 -41.73 37.38 13.50
N LEU B 141 -41.14 36.87 14.57
CA LEU B 141 -41.05 35.43 14.82
C LEU B 141 -42.31 34.93 15.53
N ASP B 142 -43.03 34.09 14.82
CA ASP B 142 -44.18 33.31 15.37
C ASP B 142 -43.95 31.81 15.15
N ILE B 143 -43.75 31.08 16.23
CA ILE B 143 -43.39 29.63 16.08
C ILE B 143 -44.52 28.74 15.57
N THR B 144 -45.75 29.23 15.68
CA THR B 144 -46.95 28.43 15.29
C THR B 144 -47.06 28.38 13.79
N LYS B 145 -46.72 29.52 13.22
CA LYS B 145 -46.63 29.70 11.75
C LYS B 145 -45.30 29.22 11.17
N HIS B 146 -44.20 29.59 11.82
CA HIS B 146 -42.81 29.44 11.25
C HIS B 146 -42.02 28.22 11.65
N THR B 147 -41.59 27.46 10.66
CA THR B 147 -40.97 26.14 10.89
C THR B 147 -39.50 26.08 10.53
N VAL B 148 -39.26 26.39 9.27
CA VAL B 148 -37.93 26.60 8.75
C VAL B 148 -37.55 28.09 8.77
N ILE B 149 -36.65 28.41 9.68
CA ILE B 149 -36.19 29.80 9.93
C ILE B 149 -34.78 30.13 9.41
N SER B 150 -34.68 31.09 8.50
CA SER B 150 -33.35 31.55 8.04
C SER B 150 -32.80 32.63 8.94
N ASN B 151 -31.52 32.48 9.24
CA ASN B 151 -30.72 33.49 9.99
C ASN B 151 -30.04 34.51 9.04
N ALA B 152 -30.46 34.48 7.80
CA ALA B 152 -29.81 35.26 6.74
C ALA B 152 -28.35 34.88 6.59
N SER B 153 -27.54 35.87 6.36
CA SER B 153 -26.09 35.69 6.14
C SER B 153 -25.33 36.71 6.97
N CYS B 154 -24.02 36.54 7.07
CA CYS B 154 -23.19 37.41 7.98
C CYS B 154 -23.16 38.91 7.59
N THR B 155 -23.12 39.14 6.29
CA THR B 155 -23.26 40.50 5.71
C THR B 155 -24.64 41.20 5.96
N THR B 156 -25.69 40.49 5.65
CA THR B 156 -27.07 40.95 5.95
C THR B 156 -27.21 41.27 7.42
N ASN B 157 -26.50 40.54 8.23
CA ASN B 157 -26.52 40.74 9.68
C ASN B 157 -25.75 41.98 10.11
N CYS B 158 -24.78 42.35 9.29
CA CYS B 158 -24.04 43.62 9.46
C CYS B 158 -24.77 44.84 8.86
N LEU B 159 -25.22 44.69 7.63
CA LEU B 159 -25.92 45.77 6.96
C LEU B 159 -27.18 46.22 7.68
N ALA B 160 -28.03 45.25 8.02
CA ALA B 160 -29.41 45.56 8.46
C ALA B 160 -29.50 46.36 9.76
N PRO B 161 -28.70 46.03 10.77
CA PRO B 161 -28.80 46.84 11.99
C PRO B 161 -28.34 48.28 11.76
N VAL B 162 -27.39 48.41 10.88
CA VAL B 162 -26.85 49.69 10.49
C VAL B 162 -27.82 50.51 9.67
N VAL B 163 -28.35 49.85 8.67
CA VAL B 163 -29.35 50.49 7.79
C VAL B 163 -30.63 50.79 8.54
N LYS B 164 -30.88 49.98 9.55
CA LYS B 164 -32.01 50.22 10.44
C LYS B 164 -31.87 51.48 11.25
N VAL B 165 -30.71 51.66 11.85
CA VAL B 165 -30.48 52.79 12.75
C VAL B 165 -30.52 54.08 11.94
N LEU B 166 -29.79 54.08 10.84
CA LEU B 166 -29.77 55.23 9.94
C LEU B 166 -31.17 55.60 9.45
N ASP B 167 -31.99 54.61 9.14
CA ASP B 167 -33.33 54.94 8.66
C ASP B 167 -34.26 55.40 9.78
N GLU B 168 -34.04 54.91 10.98
CA GLU B 168 -34.92 55.31 12.11
C GLU B 168 -34.71 56.76 12.53
N GLN B 169 -33.46 57.15 12.62
CA GLN B 169 -33.08 58.55 12.99
C GLN B 169 -33.19 59.62 11.91
N PHE B 170 -32.65 59.33 10.76
CA PHE B 170 -32.53 60.32 9.67
C PHE B 170 -33.34 60.03 8.41
N GLY B 171 -33.97 58.87 8.39
CA GLY B 171 -34.67 58.40 7.18
C GLY B 171 -33.65 58.07 6.09
N ILE B 172 -34.01 57.16 5.20
CA ILE B 172 -33.11 56.76 4.10
C ILE B 172 -33.82 57.02 2.81
N GLU B 173 -33.11 57.65 1.91
CA GLU B 173 -33.72 58.01 0.63
C GLU B 173 -33.30 56.95 -0.36
N ASN B 174 -31.99 56.85 -0.55
CA ASN B 174 -31.40 55.68 -1.21
C ASN B 174 -29.90 55.53 -0.93
N GLY B 175 -29.30 54.49 -1.48
CA GLY B 175 -27.90 54.18 -1.20
C GLY B 175 -27.34 52.97 -1.88
N LEU B 176 -26.03 52.90 -1.84
CA LEU B 176 -25.26 51.81 -2.46
C LEU B 176 -24.26 51.32 -1.45
N MET B 177 -23.76 50.12 -1.65
CA MET B 177 -22.88 49.54 -0.65
C MET B 177 -21.92 48.53 -1.28
N THR B 178 -20.74 48.46 -0.71
CA THR B 178 -19.73 47.45 -1.06
C THR B 178 -19.36 46.70 0.19
N THR B 179 -19.34 45.38 0.12
CA THR B 179 -18.91 44.59 1.27
C THR B 179 -17.58 43.95 0.95
N VAL B 180 -16.58 44.28 1.73
CA VAL B 180 -15.21 43.79 1.48
C VAL B 180 -14.98 42.50 2.28
N HIS B 181 -14.93 41.41 1.56
CA HIS B 181 -15.01 40.05 2.15
C HIS B 181 -13.71 39.37 2.40
N ALA B 182 -13.64 38.76 3.56
CA ALA B 182 -12.48 37.95 3.96
C ALA B 182 -12.68 36.46 3.68
N LEU B 197 -19.80 35.22 -10.68
CA LEU B 197 -19.41 33.80 -10.81
C LEU B 197 -17.97 33.65 -11.31
N ARG B 198 -17.25 34.76 -11.21
CA ARG B 198 -15.78 34.82 -11.35
C ARG B 198 -15.15 34.50 -9.98
N ARG B 199 -16.02 34.10 -9.08
CA ARG B 199 -15.62 33.53 -7.77
C ARG B 199 -14.71 32.28 -7.87
N ALA B 200 -14.73 31.63 -9.02
CA ALA B 200 -13.96 30.38 -9.24
C ALA B 200 -12.45 30.64 -9.31
N ARG B 201 -12.10 31.91 -9.52
CA ARG B 201 -10.69 32.30 -9.76
C ARG B 201 -9.83 32.24 -8.50
N ALA B 202 -8.54 32.11 -8.73
CA ALA B 202 -7.50 32.07 -7.67
C ALA B 202 -7.71 33.21 -6.69
N CYS B 203 -7.70 32.81 -5.45
CA CYS B 203 -8.14 33.63 -4.31
C CYS B 203 -7.10 34.61 -3.83
N GLY B 204 -5.91 34.06 -3.68
CA GLY B 204 -4.89 34.65 -2.80
C GLY B 204 -4.13 35.80 -3.41
N GLN B 205 -4.20 35.88 -4.73
CA GLN B 205 -3.50 36.96 -5.47
C GLN B 205 -4.34 38.19 -5.86
N SER B 206 -5.65 38.06 -5.77
CA SER B 206 -6.56 39.05 -6.41
C SER B 206 -7.66 39.56 -5.53
N ILE B 207 -8.08 40.77 -5.84
CA ILE B 207 -9.36 41.30 -5.36
C ILE B 207 -10.42 40.76 -6.33
N ILE B 208 -11.37 39.98 -5.83
CA ILE B 208 -12.44 39.43 -6.70
C ILE B 208 -13.75 40.18 -6.53
N PRO B 209 -14.17 40.95 -7.56
CA PRO B 209 -15.43 41.61 -7.41
C PRO B 209 -16.51 40.63 -7.75
N THR B 210 -17.57 40.63 -6.98
CA THR B 210 -18.69 39.69 -7.20
C THR B 210 -20.00 40.27 -6.70
N THR B 211 -21.01 39.41 -6.63
CA THR B 211 -22.36 39.87 -6.27
C THR B 211 -22.65 39.63 -4.80
N THR B 212 -23.46 40.49 -4.24
CA THR B 212 -23.96 40.29 -2.88
C THR B 212 -25.48 40.19 -2.92
N GLY B 213 -26.01 39.42 -1.99
CA GLY B 213 -27.45 39.25 -1.86
C GLY B 213 -27.96 40.02 -0.69
N ALA B 214 -27.01 40.56 0.07
CA ALA B 214 -27.30 41.20 1.37
C ALA B 214 -28.19 42.42 1.22
N ALA B 215 -28.18 43.00 0.02
CA ALA B 215 -28.96 44.24 -0.21
C ALA B 215 -30.42 43.90 -0.44
N LYS B 216 -30.61 42.92 -1.28
CA LYS B 216 -31.94 42.36 -1.63
C LYS B 216 -32.63 41.65 -0.47
N ALA B 217 -31.86 40.93 0.34
CA ALA B 217 -32.36 40.26 1.56
C ALA B 217 -33.07 41.21 2.50
N LEU B 218 -32.68 42.46 2.47
CA LEU B 218 -33.30 43.47 3.34
C LEU B 218 -34.82 43.52 3.11
N ALA B 219 -35.23 43.06 1.93
CA ALA B 219 -36.62 43.07 1.55
C ALA B 219 -37.41 42.15 2.46
N LYS B 220 -36.69 41.17 3.00
CA LYS B 220 -37.27 40.18 3.96
C LYS B 220 -37.27 40.62 5.43
N VAL B 221 -36.31 41.41 5.85
CA VAL B 221 -36.29 41.93 7.26
C VAL B 221 -36.54 43.44 7.48
N LEU B 222 -36.44 44.21 6.41
CA LEU B 222 -36.78 45.67 6.44
C LEU B 222 -37.43 46.07 5.12
N PRO B 223 -38.68 45.60 4.87
CA PRO B 223 -39.38 45.72 3.58
C PRO B 223 -39.77 47.14 3.15
N HIS B 224 -39.79 48.05 4.11
CA HIS B 224 -40.04 49.46 3.78
C HIS B 224 -38.90 50.10 3.01
N LEU B 225 -37.76 49.42 3.09
CA LEU B 225 -36.48 49.83 2.41
C LEU B 225 -36.32 49.18 1.05
N ASN B 226 -37.33 48.44 0.67
CA ASN B 226 -37.33 47.76 -0.63
C ASN B 226 -36.86 48.67 -1.74
N GLY B 227 -35.92 48.18 -2.54
CA GLY B 227 -35.52 48.84 -3.83
C GLY B 227 -34.69 50.12 -3.70
N LYS B 228 -34.47 50.50 -2.44
CA LYS B 228 -33.68 51.69 -2.10
C LYS B 228 -32.16 51.45 -2.10
N LEU B 229 -31.79 50.18 -1.91
CA LEU B 229 -30.41 49.79 -1.73
C LEU B 229 -30.00 48.69 -2.67
N HIS B 230 -28.79 48.85 -3.18
CA HIS B 230 -28.15 47.80 -3.96
C HIS B 230 -26.68 47.67 -3.56
N GLY B 231 -26.08 46.53 -3.83
CA GLY B 231 -24.70 46.29 -3.39
C GLY B 231 -23.86 45.43 -4.30
N MET B 232 -22.62 45.25 -3.88
CA MET B 232 -21.69 44.32 -4.54
C MET B 232 -20.62 43.94 -3.55
N ALA B 233 -19.91 42.88 -3.87
CA ALA B 233 -18.91 42.34 -2.98
C ALA B 233 -17.55 42.46 -3.61
N LEU B 234 -16.59 42.77 -2.77
CA LEU B 234 -15.19 42.56 -3.12
C LEU B 234 -14.54 41.53 -2.17
N ARG B 235 -14.17 40.41 -2.73
CA ARG B 235 -13.40 39.39 -1.99
C ARG B 235 -11.94 39.75 -1.99
N VAL B 236 -11.35 39.71 -0.83
CA VAL B 236 -9.92 39.95 -0.69
C VAL B 236 -9.29 38.86 0.19
N PRO B 237 -7.98 38.63 0.05
CA PRO B 237 -7.25 37.56 0.69
C PRO B 237 -6.79 37.92 2.08
N THR B 238 -7.75 38.22 2.93
CA THR B 238 -7.55 38.51 4.34
C THR B 238 -8.24 37.42 5.16
N PRO B 239 -7.72 37.12 6.36
CA PRO B 239 -8.17 35.87 6.94
C PRO B 239 -9.61 35.87 7.46
N ASN B 240 -10.00 36.89 8.21
CA ASN B 240 -11.30 36.76 8.94
C ASN B 240 -12.26 37.94 8.88
N VAL B 241 -11.84 39.07 9.42
CA VAL B 241 -12.76 40.20 9.52
C VAL B 241 -13.09 40.80 8.15
N SER B 242 -14.34 41.20 7.99
CA SER B 242 -14.87 41.79 6.74
C SER B 242 -15.42 43.17 7.00
N LEU B 243 -15.72 43.91 5.96
CA LEU B 243 -16.43 45.18 6.19
C LEU B 243 -17.47 45.52 5.13
N VAL B 244 -18.45 46.27 5.58
CA VAL B 244 -19.46 46.86 4.74
C VAL B 244 -19.24 48.34 4.65
N ASP B 245 -19.14 48.78 3.41
CA ASP B 245 -18.87 50.18 3.05
C ASP B 245 -20.15 50.79 2.49
N LEU B 246 -20.79 51.64 3.25
CA LEU B 246 -22.15 52.08 2.89
C LEU B 246 -22.27 53.54 2.53
N VAL B 247 -22.74 53.79 1.34
CA VAL B 247 -22.93 55.15 0.90
C VAL B 247 -24.41 55.40 0.70
N VAL B 248 -24.97 56.16 1.59
CA VAL B 248 -26.37 56.36 1.60
C VAL B 248 -26.67 57.86 1.60
N ASP B 249 -27.75 58.23 0.91
CA ASP B 249 -28.36 59.56 1.09
C ASP B 249 -29.53 59.47 2.05
N VAL B 250 -29.57 60.41 2.96
CA VAL B 250 -30.55 60.44 4.05
C VAL B 250 -31.48 61.59 3.78
N LYS B 251 -32.63 61.58 4.41
CA LYS B 251 -33.68 62.58 4.16
C LYS B 251 -33.58 63.91 4.89
N ARG B 252 -32.80 64.00 5.94
CA ARG B 252 -32.67 65.28 6.65
C ARG B 252 -31.19 65.60 7.00
N ASP B 253 -30.90 66.87 7.25
CA ASP B 253 -29.49 67.32 7.39
C ASP B 253 -28.82 66.52 8.51
N VAL B 254 -27.59 66.07 8.24
CA VAL B 254 -26.73 65.46 9.24
C VAL B 254 -25.29 65.95 9.26
N THR B 255 -24.70 65.84 10.45
CA THR B 255 -23.28 66.05 10.62
C THR B 255 -22.63 64.71 10.94
N VAL B 256 -21.33 64.60 10.73
CA VAL B 256 -20.56 63.40 11.15
C VAL B 256 -20.75 63.09 12.63
N GLU B 257 -20.84 64.14 13.43
CA GLU B 257 -21.02 63.97 14.88
C GLU B 257 -22.41 63.45 15.16
N ALA B 258 -23.33 63.88 14.33
CA ALA B 258 -24.74 63.50 14.46
C ALA B 258 -24.92 62.01 14.17
N ILE B 259 -24.18 61.54 13.20
CA ILE B 259 -24.32 60.15 12.77
C ILE B 259 -23.68 59.18 13.73
N ASN B 260 -22.46 59.50 14.11
CA ASN B 260 -21.70 58.71 15.13
C ASN B 260 -22.42 58.68 16.46
N ASP B 261 -23.27 59.65 16.67
CA ASP B 261 -24.00 59.77 17.94
C ASP B 261 -25.16 58.80 17.97
N ALA B 262 -25.75 58.61 16.80
CA ALA B 262 -26.82 57.62 16.66
C ALA B 262 -26.29 56.21 17.00
N PHE B 263 -25.21 55.83 16.36
CA PHE B 263 -24.64 54.48 16.57
C PHE B 263 -24.13 54.26 17.98
N LYS B 264 -23.60 55.31 18.55
CA LYS B 264 -23.12 55.28 19.95
C LYS B 264 -24.29 55.11 20.91
N THR B 265 -25.34 55.85 20.65
CA THR B 265 -26.55 55.82 21.49
C THR B 265 -27.12 54.42 21.47
N VAL B 266 -27.20 53.92 20.25
CA VAL B 266 -27.77 52.60 19.96
C VAL B 266 -26.90 51.50 20.57
N ALA B 267 -25.60 51.76 20.59
CA ALA B 267 -24.62 50.75 21.08
C ALA B 267 -24.76 50.51 22.58
N ASN B 268 -25.20 51.53 23.27
CA ASN B 268 -25.43 51.47 24.74
C ASN B 268 -26.88 51.17 25.05
N GLY B 269 -27.66 51.20 23.99
CA GLY B 269 -29.13 51.06 24.03
C GLY B 269 -29.72 49.80 23.45
N ALA B 270 -30.76 50.04 22.67
CA ALA B 270 -31.55 48.98 21.99
C ALA B 270 -30.76 47.87 21.28
N LEU B 271 -29.61 48.23 20.74
CA LEU B 271 -28.76 47.29 19.94
C LEU B 271 -27.50 46.82 20.62
N LYS B 272 -27.40 47.08 21.90
CA LYS B 272 -26.22 46.66 22.65
C LYS B 272 -26.01 45.17 22.48
N GLY B 273 -24.78 44.79 22.23
CA GLY B 273 -24.39 43.40 21.99
C GLY B 273 -24.45 43.08 20.51
N ILE B 274 -25.26 43.88 19.81
CA ILE B 274 -25.44 43.68 18.36
C ILE B 274 -24.55 44.64 17.57
N VAL B 275 -24.80 45.92 17.79
CA VAL B 275 -23.93 47.01 17.28
C VAL B 275 -22.95 47.56 18.32
N GLU B 276 -21.74 47.75 17.88
CA GLU B 276 -20.68 48.39 18.65
C GLU B 276 -20.21 49.67 17.94
N PHE B 277 -19.70 50.60 18.72
CA PHE B 277 -19.09 51.84 18.17
C PHE B 277 -17.62 51.89 18.53
N SER B 278 -16.79 51.96 17.51
CA SER B 278 -15.32 52.01 17.72
C SER B 278 -14.82 53.38 17.44
N GLU B 279 -14.32 54.01 18.48
CA GLU B 279 -13.70 55.35 18.35
C GLU B 279 -12.20 55.31 18.03
N GLU B 280 -11.64 54.12 18.17
CA GLU B 280 -10.18 53.90 18.05
C GLU B 280 -9.70 53.75 16.61
N PRO B 281 -8.47 54.18 16.34
CA PRO B 281 -7.75 53.91 15.10
C PRO B 281 -7.25 52.46 15.09
N LEU B 282 -8.08 51.58 14.60
CA LEU B 282 -7.80 50.14 14.59
C LEU B 282 -7.82 49.54 13.17
N VAL B 283 -7.23 48.37 13.07
CA VAL B 283 -7.24 47.63 11.80
C VAL B 283 -8.10 46.37 11.91
N SER B 284 -8.25 45.68 10.80
CA SER B 284 -9.27 44.64 10.73
C SER B 284 -9.03 43.52 11.74
N ILE B 285 -7.78 43.15 11.97
CA ILE B 285 -7.46 42.04 12.91
C ILE B 285 -7.89 42.28 14.34
N ASP B 286 -7.97 43.54 14.70
CA ASP B 286 -8.36 43.93 16.06
C ASP B 286 -9.76 43.43 16.42
N PHE B 287 -10.53 43.11 15.38
CA PHE B 287 -11.95 42.72 15.52
C PHE B 287 -12.23 41.21 15.44
N ASN B 288 -11.14 40.49 15.49
CA ASN B 288 -11.19 39.02 15.58
C ASN B 288 -11.94 38.55 16.78
N THR B 289 -12.79 37.58 16.54
CA THR B 289 -13.59 37.01 17.63
C THR B 289 -14.33 38.10 18.38
N ASN B 290 -14.66 39.18 17.67
CA ASN B 290 -15.69 40.10 18.15
C ASN B 290 -17.06 39.43 17.92
N THR B 291 -17.96 39.51 18.89
CA THR B 291 -19.29 38.85 18.75
C THR B 291 -20.38 39.75 18.16
N HIS B 292 -20.08 41.02 18.02
CA HIS B 292 -21.04 41.98 17.46
C HIS B 292 -21.34 41.69 16.02
N SER B 293 -22.53 42.08 15.61
CA SER B 293 -22.94 41.94 14.20
C SER B 293 -22.32 43.04 13.31
N ALA B 294 -22.23 44.21 13.89
CA ALA B 294 -21.63 45.37 13.25
C ALA B 294 -20.86 46.20 14.25
N ILE B 295 -19.60 46.46 13.92
CA ILE B 295 -18.75 47.41 14.66
C ILE B 295 -18.48 48.63 13.77
N ILE B 296 -19.08 49.74 14.16
CA ILE B 296 -18.96 50.98 13.40
C ILE B 296 -17.58 51.58 13.54
N ASP B 297 -16.93 51.84 12.42
CA ASP B 297 -15.59 52.46 12.46
C ASP B 297 -15.78 53.98 12.52
N GLY B 298 -15.74 54.50 13.71
CA GLY B 298 -16.21 55.85 14.04
C GLY B 298 -15.41 56.97 13.42
N LEU B 299 -14.12 56.71 13.19
CA LEU B 299 -13.23 57.67 12.51
C LEU B 299 -13.38 57.65 10.99
N SER B 300 -14.20 56.77 10.49
CA SER B 300 -14.35 56.62 9.01
C SER B 300 -15.67 57.22 8.48
N THR B 301 -16.50 57.68 9.39
CA THR B 301 -17.81 58.24 9.01
C THR B 301 -17.53 59.48 8.22
N MET B 302 -18.19 59.61 7.10
CA MET B 302 -18.16 60.85 6.28
C MET B 302 -19.55 61.38 6.00
N VAL B 303 -19.60 62.69 5.76
CA VAL B 303 -20.82 63.35 5.26
C VAL B 303 -20.46 64.41 4.23
N MET B 304 -21.08 64.30 3.08
CA MET B 304 -20.87 65.23 1.96
C MET B 304 -22.20 65.84 1.55
N GLY B 305 -22.33 67.14 1.74
CA GLY B 305 -23.54 67.89 1.34
C GLY B 305 -24.67 67.82 2.34
N ASP B 306 -24.33 67.57 3.59
CA ASP B 306 -25.33 67.44 4.69
C ASP B 306 -26.26 66.23 4.57
N ARG B 307 -26.16 65.53 3.46
CA ARG B 307 -27.09 64.46 3.12
C ARG B 307 -26.44 63.11 2.85
N LYS B 308 -25.44 63.12 2.00
CA LYS B 308 -24.75 61.89 1.62
C LYS B 308 -23.83 61.40 2.71
N VAL B 309 -24.02 60.16 3.12
CA VAL B 309 -23.34 59.63 4.28
C VAL B 309 -22.62 58.32 4.03
N LYS B 310 -21.39 58.27 4.49
CA LYS B 310 -20.61 57.05 4.38
C LYS B 310 -20.26 56.51 5.75
N VAL B 311 -20.54 55.24 5.88
CA VAL B 311 -20.28 54.50 7.12
C VAL B 311 -19.57 53.21 6.82
N LEU B 312 -18.53 52.93 7.59
CA LEU B 312 -17.87 51.60 7.57
C LEU B 312 -18.22 50.80 8.82
N ALA B 313 -18.66 49.57 8.60
CA ALA B 313 -18.89 48.64 9.72
C ALA B 313 -18.11 47.31 9.58
N TRP B 314 -17.32 47.03 10.59
CA TRP B 314 -16.61 45.75 10.65
C TRP B 314 -17.54 44.67 11.15
N TYR B 315 -17.31 43.45 10.69
CA TYR B 315 -17.92 42.26 11.29
C TYR B 315 -16.97 41.05 11.18
N ASP B 316 -16.83 40.30 12.26
CA ASP B 316 -16.13 39.00 12.18
C ASP B 316 -17.11 38.03 11.54
N ASN B 317 -16.81 37.57 10.35
CA ASN B 317 -17.85 36.91 9.54
C ASN B 317 -18.19 35.50 10.04
N GLU B 318 -17.41 35.05 10.99
CA GLU B 318 -17.68 33.77 11.70
C GLU B 318 -18.21 33.97 13.11
N TRP B 319 -17.45 34.69 13.91
CA TRP B 319 -17.74 34.81 15.34
C TRP B 319 -19.00 35.54 15.64
N GLY B 320 -19.24 36.60 14.89
CA GLY B 320 -20.47 37.45 15.08
C GLY B 320 -21.74 36.71 14.66
N TYR B 321 -21.75 36.30 13.42
CA TYR B 321 -22.85 35.56 12.86
C TYR B 321 -23.24 34.40 13.76
N SER B 322 -22.26 33.58 14.07
CA SER B 322 -22.41 32.43 14.99
C SER B 322 -23.10 32.75 16.30
N ARG B 323 -22.78 33.86 16.87
CA ARG B 323 -23.41 34.29 18.11
C ARG B 323 -24.92 34.57 17.88
N ARG B 324 -25.23 35.17 16.74
CA ARG B 324 -26.63 35.46 16.38
C ARG B 324 -27.43 34.16 16.14
N VAL B 325 -26.70 33.17 15.66
CA VAL B 325 -27.26 31.83 15.45
C VAL B 325 -27.68 31.23 16.81
N VAL B 326 -26.80 31.34 17.77
CA VAL B 326 -27.14 30.93 19.13
C VAL B 326 -28.27 31.80 19.68
N ASP B 327 -28.24 33.09 19.34
CA ASP B 327 -29.30 34.04 19.78
C ASP B 327 -30.68 33.66 19.22
N LEU B 328 -30.68 33.25 17.98
CA LEU B 328 -31.89 32.82 17.30
C LEU B 328 -32.38 31.50 17.90
N VAL B 329 -31.46 30.56 18.06
CA VAL B 329 -31.77 29.24 18.69
C VAL B 329 -32.37 29.41 20.08
N THR B 330 -31.78 30.30 20.87
CA THR B 330 -32.31 30.62 22.20
C THR B 330 -33.74 31.16 22.15
N LEU B 331 -34.01 31.88 21.07
CA LEU B 331 -35.30 32.55 20.90
C LEU B 331 -36.38 31.53 20.62
N VAL B 332 -36.11 30.73 19.63
CA VAL B 332 -37.02 29.72 19.14
C VAL B 332 -37.33 28.77 20.29
N VAL B 333 -36.29 28.36 20.97
CA VAL B 333 -36.42 27.47 22.16
C VAL B 333 -37.35 28.06 23.23
N ASP B 334 -37.17 29.34 23.53
CA ASP B 334 -38.06 30.03 24.49
C ASP B 334 -39.50 30.14 23.99
N GLU B 335 -39.64 30.27 22.68
CA GLU B 335 -41.00 30.33 22.04
C GLU B 335 -41.73 28.98 22.09
N LEU B 336 -40.96 27.90 22.06
CA LEU B 336 -41.53 26.54 22.16
C LEU B 336 -42.13 26.34 23.55
N ALA B 337 -41.43 26.85 24.55
CA ALA B 337 -41.93 26.80 25.93
C ALA B 337 -43.19 27.66 26.07
N LYS B 338 -43.13 28.90 25.58
CA LYS B 338 -44.29 29.81 25.59
C LYS B 338 -45.45 29.27 24.75
N MET C 4 19.39 65.91 -28.38
CA MET C 4 18.63 64.86 -27.64
C MET C 4 18.47 65.23 -26.19
N THR C 5 17.28 64.98 -25.69
CA THR C 5 17.00 65.37 -24.31
C THR C 5 17.56 64.28 -23.42
N ARG C 6 18.30 64.71 -22.43
CA ARG C 6 18.92 63.79 -21.51
C ARG C 6 18.20 63.84 -20.20
N VAL C 7 17.73 62.66 -19.81
CA VAL C 7 16.94 62.50 -18.61
C VAL C 7 17.76 61.75 -17.57
N ALA C 8 17.45 62.00 -16.31
CA ALA C 8 18.03 61.26 -15.20
C ALA C 8 16.95 60.84 -14.22
N ILE C 9 17.03 59.62 -13.72
CA ILE C 9 16.16 59.19 -12.63
C ILE C 9 16.89 59.29 -11.32
N ASN C 10 16.24 59.87 -10.34
CA ASN C 10 16.78 59.94 -8.99
C ASN C 10 15.96 59.10 -8.04
N GLY C 11 16.62 58.13 -7.42
CA GLY C 11 15.97 57.13 -6.57
C GLY C 11 15.63 55.89 -7.38
N PHE C 12 15.81 54.72 -6.79
CA PHE C 12 15.57 53.46 -7.54
C PHE C 12 14.65 52.49 -6.82
N GLY C 13 13.61 53.07 -6.23
CA GLY C 13 12.58 52.30 -5.55
C GLY C 13 11.66 51.73 -6.60
N ARG C 14 10.54 51.23 -6.16
CA ARG C 14 9.58 50.60 -7.07
C ARG C 14 9.15 51.54 -8.18
N ILE C 15 9.00 52.82 -7.88
CA ILE C 15 8.51 53.72 -8.93
C ILE C 15 9.63 54.07 -9.92
N GLY C 16 10.77 54.44 -9.37
CA GLY C 16 12.00 54.63 -10.15
C GLY C 16 12.21 53.50 -11.14
N ARG C 17 12.15 52.27 -10.63
CA ARG C 17 12.40 51.07 -11.44
C ARG C 17 11.38 50.90 -12.55
N MET C 18 10.09 50.94 -12.20
CA MET C 18 9.03 50.69 -13.21
C MET C 18 9.14 51.74 -14.31
N VAL C 19 9.44 52.96 -13.88
CA VAL C 19 9.58 54.09 -14.84
C VAL C 19 10.72 53.79 -15.80
N PHE C 20 11.86 53.52 -15.19
CA PHE C 20 13.09 53.16 -15.93
C PHE C 20 12.84 52.01 -16.89
N ARG C 21 12.20 51.00 -16.34
CA ARG C 21 11.81 49.80 -17.10
C ARG C 21 11.09 50.15 -18.42
N GLN C 22 10.20 51.12 -18.30
CA GLN C 22 9.44 51.64 -19.47
C GLN C 22 10.14 52.76 -20.25
N ALA C 23 10.86 53.60 -19.54
CA ALA C 23 11.53 54.78 -20.13
C ALA C 23 12.65 54.40 -21.08
N ILE C 24 13.40 53.38 -20.69
CA ILE C 24 14.58 52.92 -21.44
C ILE C 24 14.20 52.28 -22.79
N LYS C 25 12.90 52.08 -22.98
CA LYS C 25 12.40 51.50 -24.26
C LYS C 25 11.90 52.58 -25.22
N GLU C 26 12.01 53.82 -24.74
CA GLU C 26 11.57 55.03 -25.49
C GLU C 26 12.72 55.65 -26.28
N SER C 27 12.47 55.94 -27.55
CA SER C 27 13.45 56.66 -28.37
C SER C 27 13.25 58.17 -28.38
N ALA C 28 12.13 58.62 -27.86
CA ALA C 28 11.83 60.08 -27.81
C ALA C 28 12.81 60.84 -26.92
N PHE C 29 13.58 60.10 -26.12
CA PHE C 29 14.54 60.72 -25.21
C PHE C 29 15.46 59.68 -24.60
N GLU C 30 16.44 60.19 -23.86
CA GLU C 30 17.60 59.41 -23.43
C GLU C 30 17.77 59.40 -21.91
N ILE C 31 17.59 58.21 -21.32
CA ILE C 31 17.96 57.98 -19.91
C ILE C 31 19.46 57.80 -19.83
N VAL C 32 20.10 58.62 -19.03
CA VAL C 32 21.57 58.61 -18.90
C VAL C 32 22.07 58.16 -17.52
N ALA C 33 21.61 58.83 -16.50
CA ALA C 33 22.06 58.51 -15.16
C ALA C 33 20.94 57.89 -14.35
N ILE C 34 21.35 57.18 -13.32
CA ILE C 34 20.50 56.78 -12.19
C ILE C 34 21.25 57.05 -10.92
N ASN C 35 20.74 57.95 -10.10
CA ASN C 35 21.33 58.17 -8.78
C ASN C 35 20.61 57.26 -7.80
N ALA C 36 21.28 56.20 -7.37
CA ALA C 36 20.66 55.14 -6.55
C ALA C 36 21.42 54.90 -5.25
N SER C 37 20.77 54.25 -4.31
CA SER C 37 21.43 53.85 -3.03
C SER C 37 22.09 52.49 -3.09
N TYR C 38 22.06 51.88 -4.24
CA TYR C 38 22.43 50.48 -4.34
C TYR C 38 23.72 50.28 -5.10
N PRO C 39 24.42 49.16 -4.84
CA PRO C 39 25.51 48.70 -5.68
C PRO C 39 25.06 48.40 -7.10
N SER C 40 26.03 48.30 -7.98
CA SER C 40 25.78 48.07 -9.41
C SER C 40 25.17 46.70 -9.69
N GLU C 41 25.55 45.71 -8.92
CA GLU C 41 25.09 44.32 -9.17
C GLU C 41 23.63 44.14 -8.69
N THR C 42 23.23 44.98 -7.75
CA THR C 42 21.85 44.92 -7.23
C THR C 42 20.86 45.66 -8.14
N LEU C 43 21.28 46.81 -8.65
CA LEU C 43 20.51 47.60 -9.65
C LEU C 43 20.14 46.76 -10.86
N ALA C 44 21.18 46.13 -11.38
CA ALA C 44 21.09 45.25 -12.56
C ALA C 44 20.09 44.17 -12.30
N HIS C 45 20.11 43.72 -11.06
CA HIS C 45 19.27 42.58 -10.64
C HIS C 45 17.83 43.02 -10.42
N LEU C 46 17.70 44.16 -9.75
CA LEU C 46 16.40 44.80 -9.55
C LEU C 46 15.72 45.13 -10.89
N ILE C 47 16.55 45.34 -11.89
CA ILE C 47 16.04 45.70 -13.22
C ILE C 47 15.46 44.52 -14.00
N LYS C 48 16.19 43.42 -14.02
CA LYS C 48 15.78 42.23 -14.86
C LYS C 48 14.76 41.28 -14.25
N TYR C 49 14.67 41.31 -12.94
CA TYR C 49 13.74 40.43 -12.24
C TYR C 49 12.68 41.25 -11.56
N ASP C 50 11.48 41.11 -12.08
CA ASP C 50 10.32 41.69 -11.38
C ASP C 50 9.35 40.63 -10.87
N THR C 51 9.32 40.59 -9.56
CA THR C 51 8.41 39.75 -8.80
C THR C 51 6.98 39.85 -9.42
N VAL C 52 6.50 41.08 -9.44
CA VAL C 52 5.16 41.41 -9.97
C VAL C 52 5.02 41.42 -11.50
N HIS C 53 5.95 42.08 -12.16
CA HIS C 53 5.85 42.35 -13.63
C HIS C 53 6.61 41.39 -14.53
N GLY C 54 7.32 40.48 -13.89
CA GLY C 54 8.05 39.43 -14.59
C GLY C 54 9.47 39.82 -14.94
N LYS C 55 10.05 39.05 -15.84
CA LYS C 55 11.46 39.17 -16.21
C LYS C 55 11.56 40.33 -17.20
N PHE C 56 12.54 41.18 -16.98
CA PHE C 56 12.82 42.33 -17.87
C PHE C 56 12.90 41.82 -19.28
N ASP C 57 12.12 42.43 -20.14
CA ASP C 57 12.10 42.03 -21.54
C ASP C 57 13.24 42.78 -22.23
N GLY C 58 14.39 42.13 -22.29
CA GLY C 58 15.65 42.79 -22.74
C GLY C 58 16.90 42.33 -22.01
N THR C 59 17.98 43.07 -22.22
CA THR C 59 19.34 42.72 -21.71
C THR C 59 19.97 43.71 -20.72
N VAL C 60 20.47 43.14 -19.62
CA VAL C 60 21.15 43.93 -18.57
C VAL C 60 22.52 43.38 -18.15
N GLU C 61 23.43 44.28 -17.87
CA GLU C 61 24.78 43.94 -17.37
C GLU C 61 25.39 45.05 -16.52
N ALA C 62 26.04 44.61 -15.45
CA ALA C 62 26.63 45.55 -14.48
C ALA C 62 28.15 45.73 -14.65
N PHE C 63 28.60 46.90 -14.29
CA PHE C 63 30.01 47.24 -14.30
C PHE C 63 30.29 48.03 -13.04
N GLU C 64 31.50 48.55 -12.93
CA GLU C 64 31.89 49.25 -11.69
C GLU C 64 30.91 50.38 -11.37
N ASP C 65 31.01 51.39 -12.20
CA ASP C 65 30.29 52.68 -12.03
C ASP C 65 29.08 52.88 -12.96
N HIS C 66 28.74 51.87 -13.73
CA HIS C 66 27.68 52.03 -14.74
C HIS C 66 26.98 50.74 -15.17
N LEU C 67 25.84 50.93 -15.81
CA LEU C 67 25.09 49.82 -16.38
C LEU C 67 25.07 49.91 -17.88
N LEU C 68 24.88 48.77 -18.48
CA LEU C 68 24.56 48.65 -19.90
C LEU C 68 23.22 47.95 -20.03
N VAL C 69 22.22 48.73 -20.41
CA VAL C 69 20.86 48.21 -20.49
C VAL C 69 20.40 48.33 -21.92
N ASP C 70 20.06 47.19 -22.49
CA ASP C 70 19.65 47.10 -23.90
C ASP C 70 20.67 47.81 -24.76
N GLY C 71 21.90 47.62 -24.36
CA GLY C 71 23.05 48.20 -25.08
C GLY C 71 23.25 49.67 -24.74
N LYS C 72 22.21 50.31 -24.26
CA LYS C 72 22.35 51.72 -23.88
C LYS C 72 23.13 51.78 -22.58
N MET C 73 23.94 52.81 -22.48
CA MET C 73 24.81 52.97 -21.34
C MET C 73 24.22 53.97 -20.34
N ILE C 74 24.14 53.57 -19.10
CA ILE C 74 23.60 54.44 -18.06
C ILE C 74 24.57 54.57 -16.91
N ARG C 75 25.00 55.79 -16.69
CA ARG C 75 26.01 56.06 -15.67
C ARG C 75 25.34 55.93 -14.31
N LEU C 76 26.11 55.60 -13.29
CA LEU C 76 25.57 55.48 -11.91
C LEU C 76 26.16 56.54 -11.00
N LEU C 77 25.47 56.76 -9.91
CA LEU C 77 25.82 57.85 -8.97
C LEU C 77 25.30 57.56 -7.59
N ASN C 78 25.99 58.10 -6.60
CA ASN C 78 25.53 57.89 -5.22
C ASN C 78 25.18 59.10 -4.34
N ASN C 79 25.16 60.29 -4.91
CA ASN C 79 24.94 61.51 -4.07
C ASN C 79 23.54 61.63 -3.49
N ARG C 80 23.49 61.77 -2.17
CA ARG C 80 22.21 62.00 -1.45
C ARG C 80 21.71 63.42 -1.59
N ASP C 81 22.55 64.26 -2.16
CA ASP C 81 22.31 65.71 -2.17
C ASP C 81 22.38 66.26 -3.61
N PRO C 82 21.22 66.45 -4.25
CA PRO C 82 21.12 66.84 -5.66
C PRO C 82 22.06 67.96 -6.08
N LYS C 83 22.44 68.80 -5.13
CA LYS C 83 23.35 69.94 -5.39
C LYS C 83 24.74 69.49 -5.88
N GLU C 84 25.22 68.41 -5.26
CA GLU C 84 26.55 67.83 -5.54
C GLU C 84 26.52 66.84 -6.71
N LEU C 85 25.37 66.86 -7.38
CA LEU C 85 25.12 65.98 -8.54
C LEU C 85 25.46 66.64 -9.88
N PRO C 86 26.19 65.93 -10.73
CA PRO C 86 26.71 66.49 -11.98
C PRO C 86 25.76 66.43 -13.14
N TRP C 87 24.60 67.05 -13.00
CA TRP C 87 23.61 67.07 -14.10
C TRP C 87 24.15 67.93 -15.17
N THR C 88 24.83 68.93 -14.68
CA THR C 88 25.33 70.03 -15.49
C THR C 88 26.44 69.51 -16.42
N ASP C 89 27.31 68.72 -15.81
CA ASP C 89 28.41 68.02 -16.51
C ASP C 89 27.90 66.88 -17.41
N LEU C 90 26.98 66.09 -16.87
CA LEU C 90 26.29 65.00 -17.64
C LEU C 90 25.44 65.49 -18.82
N GLY C 91 24.83 66.64 -18.63
CA GLY C 91 23.94 67.23 -19.66
C GLY C 91 22.46 66.86 -19.54
N VAL C 92 22.04 66.55 -18.31
CA VAL C 92 20.61 66.18 -18.09
C VAL C 92 19.73 67.43 -17.98
N GLU C 93 18.83 67.52 -18.94
CA GLU C 93 17.84 68.60 -18.97
C GLU C 93 16.69 68.32 -17.98
N VAL C 94 16.26 67.07 -17.92
CA VAL C 94 15.11 66.67 -17.08
C VAL C 94 15.43 65.63 -16.02
N VAL C 95 15.33 66.01 -14.76
CA VAL C 95 15.42 65.02 -13.66
C VAL C 95 14.05 64.49 -13.27
N ILE C 96 13.95 63.18 -13.08
CA ILE C 96 12.75 62.54 -12.49
C ILE C 96 13.03 62.27 -11.03
N GLU C 97 12.33 62.94 -10.15
CA GLU C 97 12.62 62.83 -8.72
C GLU C 97 11.74 61.77 -8.10
N ALA C 98 12.29 60.59 -7.94
CA ALA C 98 11.54 59.37 -7.45
C ALA C 98 11.93 58.87 -6.03
N THR C 99 12.73 59.65 -5.33
CA THR C 99 13.28 59.19 -4.04
C THR C 99 12.22 59.25 -2.96
N GLY C 100 11.34 60.20 -3.12
CA GLY C 100 10.34 60.51 -2.09
C GLY C 100 10.83 61.56 -1.09
N LYS C 101 12.13 61.63 -0.92
CA LYS C 101 12.76 62.57 0.06
C LYS C 101 12.67 64.07 -0.33
N PHE C 102 12.52 64.33 -1.61
CA PHE C 102 12.69 65.69 -2.21
C PHE C 102 11.43 66.46 -2.72
N ASN C 103 10.27 66.04 -2.29
CA ASN C 103 8.97 66.56 -2.84
C ASN C 103 8.59 68.05 -2.60
N SER C 104 9.23 68.69 -1.63
CA SER C 104 9.00 70.15 -1.42
C SER C 104 9.74 70.91 -2.52
N LYS C 105 9.11 71.92 -3.09
CA LYS C 105 9.75 72.64 -4.21
C LYS C 105 11.10 73.22 -3.80
N GLU C 106 11.18 73.63 -2.55
CA GLU C 106 12.39 74.24 -1.99
C GLU C 106 13.51 73.20 -2.00
N LYS C 107 13.13 71.98 -1.68
CA LYS C 107 14.05 70.82 -1.65
C LYS C 107 14.31 70.24 -3.03
N ALA C 108 13.31 70.34 -3.88
CA ALA C 108 13.37 69.65 -5.19
C ALA C 108 14.12 70.49 -6.22
N ILE C 109 14.26 71.75 -5.88
CA ILE C 109 14.86 72.76 -6.81
C ILE C 109 16.41 72.59 -6.92
N LEU C 110 16.98 71.94 -5.93
CA LEU C 110 18.42 71.67 -5.89
C LEU C 110 18.95 71.07 -7.20
N HIS C 111 18.16 70.17 -7.78
CA HIS C 111 18.51 69.57 -9.10
C HIS C 111 18.69 70.64 -10.17
N VAL C 112 17.94 71.72 -10.04
CA VAL C 112 18.03 72.85 -10.99
C VAL C 112 19.31 73.64 -10.77
N GLU C 113 19.60 73.88 -9.50
CA GLU C 113 20.88 74.48 -9.05
C GLU C 113 22.05 73.66 -9.58
N ALA C 114 21.86 72.36 -9.50
CA ALA C 114 22.84 71.35 -9.96
C ALA C 114 22.95 71.30 -11.48
N GLY C 115 22.14 72.10 -12.15
CA GLY C 115 22.27 72.29 -13.61
C GLY C 115 21.22 71.64 -14.51
N ALA C 116 20.25 71.03 -13.85
CA ALA C 116 19.08 70.44 -14.53
C ALA C 116 18.06 71.51 -14.88
N LYS C 117 17.60 71.49 -16.10
CA LYS C 117 16.52 72.43 -16.49
C LYS C 117 15.17 72.14 -15.76
N LYS C 118 14.73 70.89 -15.81
CA LYS C 118 13.37 70.45 -15.27
C LYS C 118 13.30 69.25 -14.31
N VAL C 119 12.39 69.35 -13.37
CA VAL C 119 12.18 68.31 -12.35
C VAL C 119 10.75 67.79 -12.35
N ILE C 120 10.61 66.50 -12.32
CA ILE C 120 9.29 65.89 -12.30
C ILE C 120 9.09 65.01 -11.11
N LEU C 121 8.20 65.41 -10.22
CA LEU C 121 7.94 64.61 -9.00
C LEU C 121 6.92 63.53 -9.33
N THR C 122 7.36 62.33 -9.01
CA THR C 122 6.59 61.12 -9.18
C THR C 122 5.69 60.91 -7.96
N ALA C 123 5.36 62.00 -7.32
CA ALA C 123 4.46 62.01 -6.17
C ALA C 123 3.70 63.32 -6.07
N PRO C 124 2.74 63.43 -5.14
CA PRO C 124 2.20 64.75 -4.97
C PRO C 124 3.30 65.69 -4.54
N GLY C 125 3.38 66.83 -5.21
CA GLY C 125 4.31 67.88 -4.80
C GLY C 125 3.80 68.65 -3.60
N LYS C 126 4.71 69.29 -2.89
CA LYS C 126 4.38 70.31 -1.86
C LYS C 126 4.85 71.65 -2.34
N ASN C 127 3.91 72.54 -2.62
CA ASN C 127 4.24 73.83 -3.24
C ASN C 127 4.80 73.66 -4.63
N GLU C 128 4.32 72.65 -5.32
CA GLU C 128 4.76 72.39 -6.70
C GLU C 128 4.41 73.62 -7.58
N ASP C 129 5.13 73.79 -8.67
CA ASP C 129 4.76 74.85 -9.65
C ASP C 129 3.45 74.51 -10.31
N VAL C 130 3.33 73.26 -10.70
CA VAL C 130 2.11 72.74 -11.31
C VAL C 130 1.97 71.25 -11.05
N THR C 131 0.73 70.79 -10.93
CA THR C 131 0.42 69.35 -10.94
C THR C 131 -0.30 68.93 -12.22
N ILE C 132 0.20 67.90 -12.86
CA ILE C 132 -0.32 67.47 -14.14
C ILE C 132 -0.75 66.02 -14.11
N VAL C 133 -1.99 65.82 -14.54
CA VAL C 133 -2.55 64.49 -14.73
C VAL C 133 -2.79 64.28 -16.21
N VAL C 134 -2.01 63.40 -16.80
CA VAL C 134 -2.14 63.18 -18.23
C VAL C 134 -3.55 62.68 -18.51
N GLY C 135 -4.20 63.39 -19.40
CA GLY C 135 -5.55 63.06 -19.85
C GLY C 135 -6.55 64.07 -19.35
N VAL C 136 -6.16 64.80 -18.30
CA VAL C 136 -7.09 65.73 -17.63
C VAL C 136 -6.76 67.20 -17.85
N ASN C 137 -5.74 67.65 -17.17
CA ASN C 137 -5.30 69.06 -17.23
C ASN C 137 -3.95 69.31 -17.93
N GLU C 138 -3.47 68.41 -18.74
CA GLU C 138 -2.12 68.53 -19.23
C GLU C 138 -1.84 69.74 -20.12
N ASP C 139 -2.87 70.43 -20.49
CA ASP C 139 -2.70 71.66 -21.30
C ASP C 139 -2.42 72.89 -20.43
N GLN C 140 -2.41 72.70 -19.12
CA GLN C 140 -2.06 73.80 -18.17
C GLN C 140 -0.56 73.96 -18.02
N LEU C 141 0.17 73.13 -18.74
CA LEU C 141 1.63 73.14 -18.66
C LEU C 141 2.22 74.33 -19.42
N ASP C 142 2.78 75.24 -18.64
CA ASP C 142 3.52 76.39 -19.17
C ASP C 142 4.99 76.14 -18.99
N ILE C 143 5.66 75.80 -20.07
CA ILE C 143 7.06 75.34 -19.97
C ILE C 143 8.00 76.47 -19.57
N THR C 144 7.52 77.69 -19.75
CA THR C 144 8.29 78.93 -19.45
C THR C 144 8.07 79.39 -18.03
N LYS C 145 7.15 78.72 -17.38
CA LYS C 145 6.63 79.09 -16.03
C LYS C 145 6.96 78.05 -14.96
N HIS C 146 6.58 76.81 -15.24
CA HIS C 146 6.74 75.67 -14.27
C HIS C 146 8.01 74.89 -14.42
N THR C 147 8.68 74.67 -13.30
CA THR C 147 9.94 73.89 -13.28
C THR C 147 9.86 72.60 -12.43
N VAL C 148 9.48 72.73 -11.16
CA VAL C 148 9.08 71.55 -10.38
C VAL C 148 7.64 71.20 -10.73
N ILE C 149 7.45 69.98 -11.17
CA ILE C 149 6.17 69.56 -11.75
C ILE C 149 5.75 68.24 -11.16
N SER C 150 4.58 68.22 -10.55
CA SER C 150 4.00 66.99 -9.92
C SER C 150 3.15 66.17 -10.88
N ASN C 151 3.36 64.87 -10.85
CA ASN C 151 2.56 63.92 -11.67
C ASN C 151 1.43 63.31 -10.83
N ALA C 152 1.36 63.83 -9.63
CA ALA C 152 0.44 63.38 -8.58
C ALA C 152 0.69 61.91 -8.24
N SER C 153 -0.27 61.36 -7.51
CA SER C 153 -0.31 59.94 -7.12
C SER C 153 -1.00 59.08 -8.20
N CYS C 154 -0.70 57.79 -8.18
CA CYS C 154 -1.39 56.80 -9.08
C CYS C 154 -2.92 56.74 -8.84
N THR C 155 -3.30 57.01 -7.60
CA THR C 155 -4.75 57.01 -7.25
C THR C 155 -5.43 58.17 -7.94
N THR C 156 -4.85 59.34 -7.77
CA THR C 156 -5.39 60.56 -8.45
C THR C 156 -5.41 60.36 -9.97
N ASN C 157 -4.38 59.72 -10.47
CA ASN C 157 -4.33 59.45 -11.91
C ASN C 157 -5.43 58.48 -12.35
N CYS C 158 -5.97 57.73 -11.40
CA CYS C 158 -7.14 56.91 -11.70
C CYS C 158 -8.43 57.69 -11.49
N LEU C 159 -8.48 58.38 -10.38
CA LEU C 159 -9.71 59.09 -9.96
C LEU C 159 -10.11 60.19 -10.94
N ALA C 160 -9.18 61.08 -11.22
CA ALA C 160 -9.44 62.29 -12.03
C ALA C 160 -9.99 62.03 -13.45
N PRO C 161 -9.40 61.12 -14.21
CA PRO C 161 -9.94 60.84 -15.54
C PRO C 161 -11.36 60.28 -15.51
N VAL C 162 -11.59 59.43 -14.55
CA VAL C 162 -12.93 58.93 -14.29
C VAL C 162 -13.86 60.08 -13.97
N VAL C 163 -13.48 60.83 -12.97
CA VAL C 163 -14.34 61.91 -12.47
C VAL C 163 -14.57 62.99 -13.50
N LYS C 164 -13.59 63.18 -14.35
CA LYS C 164 -13.68 64.16 -15.45
C LYS C 164 -14.79 63.78 -16.42
N VAL C 165 -14.80 62.52 -16.81
CA VAL C 165 -15.80 62.00 -17.77
C VAL C 165 -17.21 62.16 -17.22
N LEU C 166 -17.41 61.66 -16.03
CA LEU C 166 -18.71 61.77 -15.37
C LEU C 166 -19.18 63.22 -15.36
N ASP C 167 -18.29 64.12 -14.97
CA ASP C 167 -18.65 65.57 -14.82
C ASP C 167 -18.92 66.31 -16.13
N GLU C 168 -18.19 65.97 -17.18
CA GLU C 168 -18.47 66.54 -18.53
C GLU C 168 -19.83 66.10 -19.00
N GLN C 169 -19.95 64.80 -19.11
CA GLN C 169 -21.12 64.20 -19.81
C GLN C 169 -22.42 64.38 -19.04
N PHE C 170 -22.39 64.05 -17.76
CA PHE C 170 -23.57 64.19 -16.86
C PHE C 170 -23.52 65.27 -15.79
N GLY C 171 -22.39 65.84 -15.51
CA GLY C 171 -22.28 66.82 -14.40
C GLY C 171 -22.30 66.11 -13.05
N ILE C 172 -21.60 66.65 -12.08
CA ILE C 172 -21.41 65.97 -10.79
C ILE C 172 -21.94 66.82 -9.65
N GLU C 173 -22.80 66.22 -8.86
CA GLU C 173 -23.36 66.94 -7.71
C GLU C 173 -22.39 66.80 -6.55
N ASN C 174 -21.90 65.60 -6.42
CA ASN C 174 -21.41 65.11 -5.14
C ASN C 174 -20.89 63.67 -5.21
N GLY C 175 -19.97 63.36 -4.30
CA GLY C 175 -19.33 62.05 -4.34
C GLY C 175 -18.45 61.73 -3.17
N LEU C 176 -18.41 60.46 -2.90
CA LEU C 176 -17.52 59.87 -1.89
C LEU C 176 -16.82 58.73 -2.59
N MET C 177 -15.64 58.45 -2.13
CA MET C 177 -14.84 57.46 -2.81
C MET C 177 -14.14 56.60 -1.76
N THR C 178 -13.86 55.38 -2.18
CA THR C 178 -13.05 54.41 -1.45
C THR C 178 -12.02 53.88 -2.40
N THR C 179 -10.78 54.01 -2.03
CA THR C 179 -9.73 53.39 -2.83
C THR C 179 -9.19 52.20 -2.02
N VAL C 180 -9.13 51.07 -2.72
CA VAL C 180 -8.64 49.82 -2.17
C VAL C 180 -7.25 49.54 -2.73
N HIS C 181 -6.25 49.76 -1.89
CA HIS C 181 -4.81 49.75 -2.32
C HIS C 181 -4.09 48.47 -2.04
N ALA C 182 -3.52 47.91 -3.08
CA ALA C 182 -2.75 46.65 -2.92
C ALA C 182 -1.45 46.87 -2.16
N LEU C 197 0.23 56.53 11.72
CA LEU C 197 -1.05 56.55 12.42
C LEU C 197 -1.40 55.12 12.84
N ARG C 198 -2.21 54.49 12.02
CA ARG C 198 -2.39 53.02 12.07
C ARG C 198 -1.82 52.33 10.81
N ARG C 199 -1.21 53.13 9.93
CA ARG C 199 -0.52 52.57 8.74
C ARG C 199 0.67 51.70 9.15
N ALA C 200 1.12 51.90 10.38
CA ALA C 200 2.29 51.16 10.94
C ALA C 200 2.07 49.63 10.94
N ARG C 201 0.85 49.25 11.25
CA ARG C 201 0.51 47.85 11.52
C ARG C 201 0.66 46.94 10.28
N ALA C 202 0.88 45.67 10.53
CA ALA C 202 1.15 44.67 9.46
C ALA C 202 0.00 44.57 8.49
N CYS C 203 0.30 44.85 7.23
CA CYS C 203 -0.71 44.78 6.13
C CYS C 203 -1.11 43.31 5.88
N GLY C 204 -0.23 42.40 6.30
CA GLY C 204 -0.30 40.99 5.90
C GLY C 204 -1.63 40.31 6.19
N GLN C 205 -2.08 40.49 7.41
CA GLN C 205 -3.36 39.89 7.87
C GLN C 205 -4.54 40.88 8.06
N SER C 206 -4.37 42.10 7.54
CA SER C 206 -5.38 43.16 7.78
C SER C 206 -5.80 43.97 6.60
N ILE C 207 -7.08 44.24 6.59
CA ILE C 207 -7.60 45.41 5.90
C ILE C 207 -7.28 46.63 6.79
N ILE C 208 -6.53 47.56 6.25
CA ILE C 208 -6.14 48.75 7.02
C ILE C 208 -6.81 50.00 6.43
N PRO C 209 -7.77 50.58 7.16
CA PRO C 209 -8.34 51.77 6.64
C PRO C 209 -7.39 52.91 6.90
N THR C 210 -7.44 53.91 6.06
CA THR C 210 -6.66 55.13 6.29
C THR C 210 -7.03 56.24 5.28
N THR C 211 -6.39 57.37 5.42
CA THR C 211 -6.68 58.55 4.61
C THR C 211 -6.16 58.47 3.15
N THR C 212 -6.70 59.35 2.32
CA THR C 212 -6.27 59.48 0.92
C THR C 212 -6.28 60.93 0.55
N GLY C 213 -5.23 61.38 -0.08
CA GLY C 213 -5.18 62.78 -0.53
C GLY C 213 -5.79 62.97 -1.90
N ALA C 214 -6.14 61.86 -2.53
CA ALA C 214 -6.46 61.86 -3.97
C ALA C 214 -7.70 62.68 -4.33
N ALA C 215 -8.61 62.85 -3.38
CA ALA C 215 -9.83 63.64 -3.66
C ALA C 215 -9.52 65.11 -3.53
N LYS C 216 -8.80 65.42 -2.47
CA LYS C 216 -8.39 66.80 -2.17
C LYS C 216 -7.45 67.39 -3.24
N ALA C 217 -6.71 66.51 -3.87
CA ALA C 217 -5.74 66.90 -4.89
C ALA C 217 -6.43 67.33 -6.16
N LEU C 218 -7.65 66.89 -6.34
CA LEU C 218 -8.43 67.25 -7.56
C LEU C 218 -8.54 68.76 -7.72
N ALA C 219 -8.45 69.44 -6.59
CA ALA C 219 -8.51 70.92 -6.54
C ALA C 219 -7.41 71.54 -7.42
N LYS C 220 -6.36 70.78 -7.65
CA LYS C 220 -5.26 71.22 -8.53
C LYS C 220 -5.41 70.79 -10.00
N VAL C 221 -6.38 69.95 -10.27
CA VAL C 221 -6.51 69.33 -11.62
C VAL C 221 -7.88 69.59 -12.23
N LEU C 222 -8.91 69.33 -11.45
CA LEU C 222 -10.29 69.79 -11.79
C LEU C 222 -10.83 70.73 -10.70
N PRO C 223 -10.45 72.02 -10.75
CA PRO C 223 -10.78 72.89 -9.61
C PRO C 223 -12.26 73.24 -9.48
N HIS C 224 -13.00 73.14 -10.58
CA HIS C 224 -14.47 73.34 -10.50
C HIS C 224 -15.15 72.30 -9.66
N LEU C 225 -14.41 71.23 -9.34
CA LEU C 225 -14.92 70.09 -8.50
C LEU C 225 -14.56 70.17 -7.03
N ASN C 226 -13.97 71.29 -6.67
CA ASN C 226 -13.57 71.54 -5.28
C ASN C 226 -14.69 71.32 -4.33
N GLY C 227 -14.37 70.59 -3.28
CA GLY C 227 -15.33 70.30 -2.17
C GLY C 227 -16.44 69.32 -2.47
N LYS C 228 -16.47 68.81 -3.69
CA LYS C 228 -17.57 67.91 -4.10
C LYS C 228 -17.25 66.45 -3.89
N LEU C 229 -16.01 66.17 -3.54
CA LEU C 229 -15.50 64.82 -3.44
C LEU C 229 -14.57 64.58 -2.26
N HIS C 230 -14.93 63.59 -1.49
CA HIS C 230 -14.13 63.17 -0.36
C HIS C 230 -13.93 61.66 -0.40
N GLY C 231 -12.97 61.15 0.34
CA GLY C 231 -12.59 59.74 0.15
C GLY C 231 -11.69 59.22 1.22
N MET C 232 -11.40 57.94 1.08
CA MET C 232 -10.49 57.23 1.98
C MET C 232 -9.99 55.96 1.33
N ALA C 233 -9.09 55.30 2.03
CA ALA C 233 -8.38 54.17 1.47
C ALA C 233 -8.55 52.94 2.35
N LEU C 234 -8.72 51.81 1.68
CA LEU C 234 -8.55 50.49 2.34
C LEU C 234 -7.32 49.77 1.81
N ARG C 235 -6.32 49.63 2.65
CA ARG C 235 -5.10 48.90 2.26
C ARG C 235 -5.32 47.43 2.51
N VAL C 236 -5.15 46.62 1.48
CA VAL C 236 -5.36 45.17 1.60
C VAL C 236 -4.12 44.41 1.20
N PRO C 237 -3.95 43.20 1.72
CA PRO C 237 -2.79 42.43 1.34
C PRO C 237 -2.93 41.76 -0.01
N THR C 238 -2.81 42.57 -1.04
CA THR C 238 -2.85 42.10 -2.42
C THR C 238 -1.62 42.65 -3.11
N PRO C 239 -1.06 41.92 -4.07
CA PRO C 239 0.27 42.27 -4.50
C PRO C 239 0.33 43.53 -5.33
N ASN C 240 -0.43 43.65 -6.41
CA ASN C 240 -0.19 44.82 -7.25
C ASN C 240 -1.35 45.61 -7.82
N VAL C 241 -2.59 45.15 -7.71
CA VAL C 241 -3.62 45.93 -8.38
C VAL C 241 -4.57 46.57 -7.41
N SER C 242 -4.86 47.82 -7.68
CA SER C 242 -5.68 48.65 -6.80
C SER C 242 -6.95 49.01 -7.51
N LEU C 243 -7.98 49.36 -6.77
CA LEU C 243 -9.19 49.93 -7.38
C LEU C 243 -9.72 51.16 -6.68
N VAL C 244 -10.34 52.01 -7.47
CA VAL C 244 -11.18 53.11 -6.99
C VAL C 244 -12.67 52.78 -7.11
N ASP C 245 -13.36 52.92 -6.02
CA ASP C 245 -14.79 52.57 -5.90
C ASP C 245 -15.55 53.88 -5.64
N LEU C 246 -16.17 54.40 -6.68
CA LEU C 246 -16.72 55.77 -6.66
C LEU C 246 -18.27 55.84 -6.60
N VAL C 247 -18.76 56.53 -5.59
CA VAL C 247 -20.19 56.79 -5.47
C VAL C 247 -20.52 58.28 -5.58
N VAL C 248 -21.08 58.62 -6.70
CA VAL C 248 -21.35 60.02 -7.01
C VAL C 248 -22.83 60.22 -7.39
N ASP C 249 -23.40 61.32 -6.94
CA ASP C 249 -24.70 61.82 -7.46
C ASP C 249 -24.51 62.75 -8.65
N VAL C 250 -25.16 62.45 -9.76
CA VAL C 250 -25.05 63.28 -10.98
C VAL C 250 -26.22 64.25 -11.13
N LYS C 251 -26.12 65.13 -12.10
CA LYS C 251 -27.05 66.27 -12.21
C LYS C 251 -28.23 66.00 -13.15
N ARG C 252 -28.19 64.88 -13.82
CA ARG C 252 -29.29 64.50 -14.71
C ARG C 252 -29.50 62.99 -14.80
N ASP C 253 -30.72 62.61 -15.06
CA ASP C 253 -31.07 61.18 -15.10
C ASP C 253 -30.10 60.40 -15.97
N VAL C 254 -29.66 59.27 -15.42
CA VAL C 254 -28.73 58.36 -16.10
C VAL C 254 -29.16 56.91 -15.97
N THR C 255 -28.45 56.06 -16.67
CA THR C 255 -28.71 54.61 -16.61
C THR C 255 -27.39 53.88 -16.81
N VAL C 256 -27.35 52.66 -16.30
CA VAL C 256 -26.13 51.85 -16.43
C VAL C 256 -25.58 51.92 -17.85
N GLU C 257 -26.45 51.68 -18.81
CA GLU C 257 -26.04 51.70 -20.25
C GLU C 257 -25.42 53.04 -20.63
N ALA C 258 -26.12 54.11 -20.24
CA ALA C 258 -25.68 55.50 -20.55
C ALA C 258 -24.27 55.74 -20.02
N ILE C 259 -24.09 55.41 -18.76
CA ILE C 259 -22.79 55.61 -18.09
C ILE C 259 -21.65 54.80 -18.73
N ASN C 260 -21.91 53.52 -18.92
CA ASN C 260 -20.91 52.60 -19.53
C ASN C 260 -20.64 52.96 -20.97
N ASP C 261 -21.66 53.50 -21.63
CA ASP C 261 -21.52 54.00 -23.02
C ASP C 261 -20.56 55.19 -23.08
N ALA C 262 -20.58 55.99 -22.04
CA ALA C 262 -19.77 57.22 -22.02
C ALA C 262 -18.33 56.92 -21.77
N PHE C 263 -18.07 55.79 -21.15
CA PHE C 263 -16.68 55.30 -21.01
C PHE C 263 -16.16 54.59 -22.26
N LYS C 264 -16.96 53.72 -22.85
CA LYS C 264 -16.53 52.99 -24.06
C LYS C 264 -16.30 53.95 -25.21
N THR C 265 -17.00 55.06 -25.17
CA THR C 265 -16.82 56.12 -26.18
C THR C 265 -15.50 56.85 -25.94
N VAL C 266 -15.32 57.23 -24.70
CA VAL C 266 -14.10 57.98 -24.29
C VAL C 266 -12.85 57.10 -24.35
N ALA C 267 -13.03 55.84 -24.01
CA ALA C 267 -11.94 54.84 -24.14
C ALA C 267 -11.50 54.66 -25.58
N ASN C 268 -12.41 54.88 -26.50
CA ASN C 268 -12.07 54.92 -27.95
C ASN C 268 -11.68 56.31 -28.45
N GLY C 269 -11.98 57.28 -27.63
CA GLY C 269 -11.83 58.70 -27.97
C GLY C 269 -10.65 59.42 -27.36
N ALA C 270 -10.95 60.63 -26.93
CA ALA C 270 -9.96 61.56 -26.31
C ALA C 270 -9.09 60.94 -25.21
N LEU C 271 -9.62 59.90 -24.58
CA LEU C 271 -8.93 59.24 -23.45
C LEU C 271 -8.25 57.90 -23.78
N LYS C 272 -8.24 57.58 -25.05
CA LYS C 272 -7.61 56.32 -25.51
C LYS C 272 -6.20 56.24 -24.91
N GLY C 273 -5.94 55.16 -24.20
CA GLY C 273 -4.62 54.90 -23.58
C GLY C 273 -4.53 55.40 -22.16
N ILE C 274 -5.44 56.28 -21.81
CA ILE C 274 -5.58 56.71 -20.42
C ILE C 274 -6.61 55.80 -19.77
N VAL C 275 -7.80 55.84 -20.33
CA VAL C 275 -8.96 55.08 -19.82
C VAL C 275 -9.27 53.94 -20.75
N GLU C 276 -9.66 52.85 -20.13
CA GLU C 276 -10.08 51.67 -20.86
C GLU C 276 -11.42 51.26 -20.30
N PHE C 277 -12.18 50.56 -21.11
CA PHE C 277 -13.43 50.01 -20.62
C PHE C 277 -13.47 48.48 -20.76
N SER C 278 -13.57 47.82 -19.63
CA SER C 278 -13.64 46.35 -19.56
C SER C 278 -15.07 45.85 -19.40
N GLU C 279 -15.48 45.09 -20.38
CA GLU C 279 -16.80 44.42 -20.39
C GLU C 279 -16.76 43.10 -19.61
N GLU C 280 -15.59 42.51 -19.58
CA GLU C 280 -15.39 41.12 -19.09
C GLU C 280 -15.37 40.97 -17.57
N PRO C 281 -15.78 39.80 -17.07
CA PRO C 281 -15.65 39.41 -15.67
C PRO C 281 -14.24 38.95 -15.33
N LEU C 282 -13.41 39.93 -15.04
CA LEU C 282 -12.05 39.70 -14.66
C LEU C 282 -11.84 40.04 -13.20
N VAL C 283 -10.66 39.74 -12.70
CA VAL C 283 -10.31 39.94 -11.30
C VAL C 283 -9.04 40.75 -11.27
N SER C 284 -8.60 41.14 -10.10
CA SER C 284 -7.63 42.26 -10.06
C SER C 284 -6.39 41.93 -10.88
N ILE C 285 -5.93 40.69 -10.78
CA ILE C 285 -4.65 40.27 -11.45
C ILE C 285 -4.66 40.29 -12.97
N ASP C 286 -5.83 40.31 -13.56
CA ASP C 286 -5.90 40.37 -15.02
C ASP C 286 -5.45 41.71 -15.54
N PHE C 287 -5.24 42.61 -14.60
CA PHE C 287 -4.85 44.01 -14.88
C PHE C 287 -3.39 44.34 -14.58
N ASN C 288 -2.65 43.30 -14.30
CA ASN C 288 -1.19 43.37 -14.22
C ASN C 288 -0.55 43.87 -15.49
N THR C 289 0.32 44.85 -15.36
CA THR C 289 1.10 45.32 -16.52
C THR C 289 0.20 45.95 -17.57
N ASN C 290 -0.91 46.46 -17.09
CA ASN C 290 -1.79 47.31 -17.88
C ASN C 290 -1.27 48.74 -17.76
N THR C 291 -1.22 49.43 -18.89
CA THR C 291 -0.59 50.78 -18.96
C THR C 291 -1.61 51.91 -18.83
N HIS C 292 -2.87 51.53 -18.76
CA HIS C 292 -3.97 52.47 -18.56
C HIS C 292 -4.00 53.03 -17.17
N SER C 293 -4.55 54.23 -17.08
CA SER C 293 -4.69 54.94 -15.81
C SER C 293 -5.88 54.49 -15.00
N ALA C 294 -6.96 54.23 -15.73
CA ALA C 294 -8.22 53.74 -15.15
C ALA C 294 -8.83 52.68 -16.06
N ILE C 295 -9.10 51.53 -15.48
CA ILE C 295 -9.85 50.47 -16.17
C ILE C 295 -11.23 50.31 -15.57
N ILE C 296 -12.22 50.71 -16.33
CA ILE C 296 -13.60 50.71 -15.85
C ILE C 296 -14.17 49.31 -15.98
N ASP C 297 -14.66 48.81 -14.86
CA ASP C 297 -15.23 47.47 -14.82
C ASP C 297 -16.71 47.55 -15.17
N GLY C 298 -17.02 47.25 -16.41
CA GLY C 298 -18.36 47.42 -16.95
C GLY C 298 -19.42 46.81 -16.06
N LEU C 299 -19.21 45.55 -15.71
CA LEU C 299 -20.19 44.77 -14.90
C LEU C 299 -20.49 45.32 -13.52
N SER C 300 -19.67 46.21 -13.00
CA SER C 300 -19.85 46.72 -11.62
C SER C 300 -20.55 48.06 -11.53
N THR C 301 -20.80 48.64 -12.68
CA THR C 301 -21.45 49.96 -12.76
C THR C 301 -22.86 49.78 -12.26
N MET C 302 -23.27 50.69 -11.40
CA MET C 302 -24.64 50.68 -10.88
C MET C 302 -25.28 52.06 -10.94
N VAL C 303 -26.58 52.08 -11.12
CA VAL C 303 -27.35 53.31 -11.00
C VAL C 303 -28.53 53.08 -10.09
N MET C 304 -28.70 53.99 -9.16
CA MET C 304 -29.78 53.89 -8.20
C MET C 304 -30.58 55.19 -8.14
N GLY C 305 -31.82 55.11 -8.63
CA GLY C 305 -32.77 56.24 -8.57
C GLY C 305 -32.53 57.32 -9.60
N ASP C 306 -31.76 56.96 -10.61
CA ASP C 306 -31.50 57.82 -11.77
C ASP C 306 -30.31 58.76 -11.57
N ARG C 307 -29.93 58.97 -10.33
CA ARG C 307 -28.90 59.97 -10.06
C ARG C 307 -27.67 59.51 -9.31
N LYS C 308 -27.79 58.39 -8.65
CA LYS C 308 -26.72 57.92 -7.77
C LYS C 308 -25.96 56.82 -8.46
N VAL C 309 -24.72 57.12 -8.75
CA VAL C 309 -23.91 56.27 -9.61
C VAL C 309 -22.75 55.61 -8.90
N LYS C 310 -22.54 54.35 -9.25
CA LYS C 310 -21.35 53.64 -8.81
C LYS C 310 -20.51 53.19 -9.97
N VAL C 311 -19.21 53.41 -9.81
CA VAL C 311 -18.25 53.08 -10.87
C VAL C 311 -17.00 52.52 -10.24
N LEU C 312 -16.52 51.44 -10.86
CA LEU C 312 -15.22 50.82 -10.50
C LEU C 312 -14.16 50.93 -11.52
N ALA C 313 -13.03 51.41 -11.08
CA ALA C 313 -11.88 51.57 -11.93
C ALA C 313 -10.67 50.85 -11.30
N TRP C 314 -10.22 49.82 -11.99
CA TRP C 314 -9.01 49.12 -11.61
C TRP C 314 -7.86 49.96 -12.09
N TYR C 315 -6.74 49.86 -11.41
CA TYR C 315 -5.49 50.39 -11.94
C TYR C 315 -4.26 49.66 -11.43
N ASP C 316 -3.33 49.40 -12.32
CA ASP C 316 -2.00 48.94 -11.90
C ASP C 316 -1.31 50.15 -11.30
N ASN C 317 -1.03 50.10 -10.03
CA ASN C 317 -0.49 51.25 -9.29
C ASN C 317 1.01 51.53 -9.49
N GLU C 318 1.62 50.76 -10.37
CA GLU C 318 2.95 51.09 -10.84
C GLU C 318 3.01 51.22 -12.34
N TRP C 319 2.48 50.23 -13.02
CA TRP C 319 2.53 50.17 -14.49
C TRP C 319 1.84 51.29 -15.18
N GLY C 320 0.61 51.55 -14.79
CA GLY C 320 -0.15 52.65 -15.41
C GLY C 320 0.56 53.97 -15.10
N TYR C 321 0.68 54.22 -13.81
CA TYR C 321 1.26 55.46 -13.29
C TYR C 321 2.57 55.76 -14.00
N SER C 322 3.43 54.77 -14.02
CA SER C 322 4.75 54.85 -14.66
C SER C 322 4.70 55.21 -16.14
N ARG C 323 3.68 54.75 -16.80
CA ARG C 323 3.53 55.09 -18.20
C ARG C 323 3.13 56.56 -18.30
N ARG C 324 2.46 57.06 -17.27
CA ARG C 324 2.05 58.50 -17.22
C ARG C 324 3.24 59.39 -16.92
N VAL C 325 4.20 58.85 -16.21
CA VAL C 325 5.44 59.60 -15.96
C VAL C 325 6.18 59.76 -17.28
N VAL C 326 6.27 58.67 -18.02
CA VAL C 326 6.90 58.71 -19.37
C VAL C 326 6.17 59.69 -20.29
N ASP C 327 4.85 59.57 -20.35
CA ASP C 327 4.01 60.52 -21.13
C ASP C 327 4.30 61.97 -20.74
N LEU C 328 4.42 62.19 -19.44
CA LEU C 328 4.69 63.53 -18.90
C LEU C 328 6.09 64.01 -19.27
N VAL C 329 7.04 63.10 -19.14
CA VAL C 329 8.42 63.36 -19.59
C VAL C 329 8.42 63.72 -21.09
N THR C 330 7.91 62.82 -21.92
CA THR C 330 8.09 62.98 -23.37
C THR C 330 7.60 64.37 -23.73
N LEU C 331 6.57 64.74 -23.01
CA LEU C 331 5.84 65.99 -23.28
C LEU C 331 6.55 67.26 -22.79
N VAL C 332 7.03 67.20 -21.57
CA VAL C 332 7.93 68.23 -21.06
C VAL C 332 9.17 68.30 -21.97
N VAL C 333 9.50 67.17 -22.57
CA VAL C 333 10.61 67.10 -23.54
C VAL C 333 10.26 67.96 -24.75
N ASP C 334 9.12 67.63 -25.32
CA ASP C 334 8.56 68.32 -26.50
C ASP C 334 8.45 69.81 -26.32
N GLU C 335 8.29 70.22 -25.07
CA GLU C 335 8.18 71.66 -24.74
C GLU C 335 9.52 72.39 -24.82
N LEU C 336 10.56 71.67 -24.43
CA LEU C 336 11.93 72.23 -24.43
C LEU C 336 12.45 72.46 -25.86
N ALA C 337 11.92 71.67 -26.78
CA ALA C 337 12.17 71.86 -28.22
C ALA C 337 11.57 73.21 -28.66
N LYS C 338 10.26 73.32 -28.47
CA LYS C 338 9.54 74.58 -28.74
C LYS C 338 9.90 75.68 -27.72
N THR D 5 7.15 -64.38 30.35
CA THR D 5 8.40 -64.93 29.79
C THR D 5 9.09 -63.81 28.97
N ARG D 6 10.22 -64.15 28.39
CA ARG D 6 11.13 -63.14 27.85
C ARG D 6 11.16 -63.12 26.32
N VAL D 7 10.78 -61.98 25.77
CA VAL D 7 10.53 -61.86 24.33
C VAL D 7 11.51 -60.91 23.64
N ALA D 8 11.90 -61.31 22.45
CA ALA D 8 12.81 -60.51 21.60
C ALA D 8 12.19 -60.15 20.26
N ILE D 9 12.28 -58.88 19.89
CA ILE D 9 11.95 -58.38 18.54
C ILE D 9 13.16 -58.42 17.60
N ASN D 10 13.08 -59.19 16.54
CA ASN D 10 14.07 -59.12 15.46
C ASN D 10 13.57 -58.15 14.39
N GLY D 11 14.28 -57.04 14.26
CA GLY D 11 13.94 -56.02 13.27
C GLY D 11 13.25 -54.86 13.93
N PHE D 12 13.60 -53.66 13.47
CA PHE D 12 13.05 -52.44 14.06
C PHE D 12 12.55 -51.43 13.03
N GLY D 13 11.96 -51.98 11.98
CA GLY D 13 11.32 -51.16 10.95
C GLY D 13 10.00 -50.68 11.48
N ARG D 14 9.18 -50.13 10.62
CA ARG D 14 7.93 -49.47 11.08
C ARG D 14 7.08 -50.43 11.89
N ILE D 15 7.09 -51.65 11.42
CA ILE D 15 6.26 -52.70 12.01
C ILE D 15 6.74 -53.08 13.42
N GLY D 16 8.01 -53.47 13.47
CA GLY D 16 8.68 -53.79 14.76
C GLY D 16 8.58 -52.65 15.78
N ARG D 17 8.61 -51.45 15.26
CA ARG D 17 8.52 -50.24 16.09
C ARG D 17 7.14 -50.10 16.78
N MET D 18 6.10 -50.33 16.03
CA MET D 18 4.72 -50.21 16.58
C MET D 18 4.40 -51.32 17.55
N VAL D 19 4.82 -52.53 17.19
CA VAL D 19 4.65 -53.69 18.08
C VAL D 19 5.26 -53.37 19.45
N PHE D 20 6.50 -52.94 19.38
CA PHE D 20 7.29 -52.64 20.57
C PHE D 20 6.64 -51.58 21.43
N ARG D 21 6.14 -50.58 20.76
CA ARG D 21 5.46 -49.46 21.45
C ARG D 21 4.23 -49.92 22.19
N GLN D 22 3.53 -50.83 21.52
CA GLN D 22 2.31 -51.46 22.08
C GLN D 22 2.58 -52.45 23.23
N ALA D 23 3.65 -53.21 23.07
CA ALA D 23 4.04 -54.26 24.05
C ALA D 23 4.32 -53.69 25.42
N ILE D 24 4.94 -52.53 25.43
CA ILE D 24 5.47 -51.93 26.67
C ILE D 24 4.36 -51.60 27.67
N LYS D 25 3.16 -51.42 27.15
CA LYS D 25 1.99 -51.15 28.02
C LYS D 25 1.26 -52.45 28.38
N GLU D 26 2.00 -53.55 28.29
CA GLU D 26 1.52 -54.91 28.61
C GLU D 26 2.34 -55.62 29.70
N SER D 27 1.62 -56.21 30.64
CA SER D 27 2.22 -56.97 31.79
C SER D 27 2.57 -58.37 31.40
N ALA D 28 1.72 -58.89 30.52
CA ALA D 28 1.74 -60.33 30.16
C ALA D 28 3.14 -60.83 29.91
N PHE D 29 3.83 -60.07 29.07
CA PHE D 29 5.26 -60.29 28.75
C PHE D 29 6.02 -58.99 28.75
N GLU D 30 7.34 -59.11 28.74
CA GLU D 30 8.23 -57.95 28.65
C GLU D 30 9.26 -58.16 27.54
N ILE D 31 9.37 -57.18 26.66
CA ILE D 31 10.37 -57.20 25.59
C ILE D 31 11.73 -56.92 26.18
N VAL D 32 12.63 -57.89 26.15
CA VAL D 32 13.97 -57.68 26.75
C VAL D 32 15.05 -57.26 25.77
N ALA D 33 14.81 -57.52 24.50
CA ALA D 33 15.86 -57.29 23.49
C ALA D 33 15.33 -56.95 22.10
N ILE D 34 16.11 -56.14 21.42
CA ILE D 34 15.85 -55.77 20.02
C ILE D 34 17.09 -56.03 19.20
N ASN D 35 16.97 -56.79 18.14
CA ASN D 35 18.05 -56.88 17.16
C ASN D 35 17.67 -55.96 16.02
N ALA D 36 18.64 -55.25 15.51
CA ALA D 36 18.40 -54.22 14.49
C ALA D 36 19.71 -53.52 14.16
N SER D 37 19.73 -52.85 13.03
CA SER D 37 20.97 -52.19 12.53
C SER D 37 21.18 -50.75 12.98
N TYR D 38 20.23 -50.20 13.69
CA TYR D 38 20.33 -48.78 14.15
C TYR D 38 21.23 -48.60 15.35
N PRO D 39 21.76 -47.40 15.51
CA PRO D 39 22.42 -46.96 16.71
C PRO D 39 21.42 -46.64 17.81
N SER D 40 21.85 -46.81 19.03
CA SER D 40 20.95 -46.67 20.18
C SER D 40 20.34 -45.29 20.26
N GLU D 41 21.14 -44.29 19.95
CA GLU D 41 20.67 -42.87 20.00
C GLU D 41 19.54 -42.67 19.00
N THR D 42 19.69 -43.33 17.88
CA THR D 42 18.66 -43.34 16.81
C THR D 42 17.44 -44.14 17.26
N LEU D 43 17.67 -45.38 17.64
CA LEU D 43 16.61 -46.29 18.16
C LEU D 43 15.74 -45.60 19.19
N ALA D 44 16.41 -44.87 20.06
CA ALA D 44 15.75 -44.08 21.14
C ALA D 44 14.76 -43.16 20.54
N HIS D 45 15.22 -42.54 19.48
CA HIS D 45 14.48 -41.45 18.84
C HIS D 45 13.28 -41.96 18.09
N LEU D 46 13.53 -43.00 17.31
CA LEU D 46 12.50 -43.62 16.48
C LEU D 46 11.31 -43.99 17.38
N ILE D 47 11.67 -44.61 18.49
CA ILE D 47 10.70 -44.92 19.57
C ILE D 47 10.10 -43.64 20.12
N LYS D 48 10.96 -42.80 20.68
CA LYS D 48 10.51 -41.62 21.45
C LYS D 48 9.52 -40.76 20.66
N TYR D 49 9.82 -40.63 19.39
CA TYR D 49 9.07 -39.76 18.47
C TYR D 49 8.50 -40.54 17.32
N ASP D 50 7.20 -40.51 17.19
CA ASP D 50 6.55 -41.24 16.09
C ASP D 50 6.02 -40.32 15.02
N THR D 51 6.32 -40.69 13.80
CA THR D 51 5.93 -39.88 12.64
C THR D 51 4.40 -39.70 12.59
N VAL D 52 3.70 -40.82 12.72
CA VAL D 52 2.22 -40.89 12.48
C VAL D 52 1.30 -40.97 13.71
N HIS D 53 1.81 -41.56 14.76
CA HIS D 53 0.98 -41.85 15.96
C HIS D 53 1.15 -40.86 17.05
N GLY D 54 1.92 -39.82 16.76
CA GLY D 54 2.29 -38.86 17.80
C GLY D 54 3.51 -39.32 18.59
N LYS D 55 3.47 -39.09 19.88
CA LYS D 55 4.71 -39.15 20.68
C LYS D 55 4.56 -40.02 21.92
N PHE D 56 5.71 -40.45 22.42
CA PHE D 56 5.83 -41.32 23.61
C PHE D 56 5.69 -40.50 24.89
N THR D 59 9.01 -42.28 28.92
CA THR D 59 10.41 -41.86 28.87
C THR D 59 11.33 -42.84 28.18
N VAL D 60 12.46 -42.30 27.75
CA VAL D 60 13.54 -43.11 27.16
C VAL D 60 14.92 -42.53 27.42
N GLU D 61 15.92 -43.40 27.33
CA GLU D 61 17.32 -42.93 27.26
C GLU D 61 18.21 -44.01 26.67
N ALA D 62 19.36 -43.59 26.16
CA ALA D 62 20.23 -44.50 25.40
C ALA D 62 21.52 -44.84 26.10
N PHE D 63 22.18 -45.83 25.54
CA PHE D 63 23.45 -46.32 26.01
C PHE D 63 24.11 -47.09 24.89
N GLU D 64 25.41 -47.31 24.99
CA GLU D 64 26.13 -48.04 23.91
C GLU D 64 25.32 -49.26 23.44
N ASP D 65 25.30 -50.27 24.27
CA ASP D 65 24.75 -51.59 23.87
C ASP D 65 23.32 -51.93 24.40
N HIS D 66 22.69 -51.00 25.09
CA HIS D 66 21.34 -51.23 25.69
C HIS D 66 20.50 -49.98 25.88
N LEU D 67 19.19 -50.16 26.11
CA LEU D 67 18.28 -49.01 26.32
C LEU D 67 17.56 -49.04 27.68
N LEU D 68 17.03 -47.89 28.03
CA LEU D 68 16.14 -47.76 29.17
C LEU D 68 14.84 -47.13 28.78
N VAL D 69 13.82 -47.95 28.72
CA VAL D 69 12.49 -47.42 28.46
C VAL D 69 11.69 -47.65 29.72
N ASP D 70 11.17 -46.56 30.23
CA ASP D 70 10.44 -46.58 31.49
C ASP D 70 11.23 -47.43 32.48
N GLY D 71 12.43 -46.97 32.77
CA GLY D 71 13.29 -47.58 33.81
C GLY D 71 13.64 -49.03 33.54
N LYS D 72 13.23 -49.54 32.40
CA LYS D 72 13.32 -50.97 32.12
C LYS D 72 14.43 -51.27 31.08
N MET D 73 15.17 -52.32 31.35
CA MET D 73 16.39 -52.62 30.59
C MET D 73 16.11 -53.45 29.36
N ILE D 74 16.19 -52.78 28.24
CA ILE D 74 16.12 -53.45 26.93
C ILE D 74 17.54 -53.58 26.36
N ARG D 75 17.97 -54.79 26.07
CA ARG D 75 19.31 -55.00 25.48
C ARG D 75 19.29 -54.83 23.96
N LEU D 76 20.36 -54.27 23.42
CA LEU D 76 20.43 -54.00 21.96
C LEU D 76 21.50 -54.79 21.26
N LEU D 77 21.07 -55.63 20.35
CA LEU D 77 21.99 -56.36 19.50
C LEU D 77 21.98 -55.80 18.10
N ASN D 78 23.13 -55.89 17.46
CA ASN D 78 23.20 -55.68 16.02
C ASN D 78 23.81 -56.91 15.36
N ASN D 79 22.95 -57.73 14.77
CA ASN D 79 23.40 -58.85 13.91
C ASN D 79 22.43 -59.19 12.78
N ARG D 80 23.01 -59.64 11.68
CA ARG D 80 22.25 -60.15 10.50
C ARG D 80 21.98 -61.64 10.40
N ASP D 81 22.75 -62.46 11.11
CA ASP D 81 22.47 -63.90 11.21
C ASP D 81 21.82 -64.20 12.55
N PRO D 82 20.65 -64.86 12.54
CA PRO D 82 19.95 -65.16 13.78
C PRO D 82 20.57 -66.28 14.62
N LYS D 83 21.19 -67.24 13.94
CA LYS D 83 21.76 -68.44 14.61
C LYS D 83 22.79 -68.06 15.66
N GLU D 84 23.39 -66.91 15.44
CA GLU D 84 24.49 -66.38 16.29
C GLU D 84 24.05 -65.37 17.34
N LEU D 85 22.75 -65.13 17.39
CA LEU D 85 22.14 -64.28 18.44
C LEU D 85 22.04 -65.10 19.75
N PRO D 86 22.20 -64.44 20.91
CA PRO D 86 22.16 -65.06 22.22
C PRO D 86 20.81 -65.11 22.88
N TRP D 87 19.93 -65.90 22.31
CA TRP D 87 18.61 -66.08 22.93
C TRP D 87 18.72 -66.86 24.20
N THR D 88 19.42 -67.98 24.12
CA THR D 88 19.59 -68.87 25.29
C THR D 88 20.34 -68.18 26.40
N ASP D 89 21.36 -67.48 25.99
CA ASP D 89 22.18 -66.68 26.89
C ASP D 89 21.27 -65.66 27.56
N LEU D 90 20.40 -65.11 26.74
CA LEU D 90 19.46 -64.07 27.20
C LEU D 90 18.16 -64.62 27.77
N GLY D 91 17.93 -65.90 27.52
CA GLY D 91 16.73 -66.55 28.05
C GLY D 91 15.47 -65.99 27.44
N VAL D 92 15.51 -65.85 26.13
CA VAL D 92 14.35 -65.41 25.34
C VAL D 92 13.64 -66.68 24.79
N GLU D 93 12.42 -66.87 25.27
CA GLU D 93 11.61 -68.02 24.83
C GLU D 93 11.01 -67.80 23.44
N VAL D 94 10.45 -66.61 23.25
CA VAL D 94 9.76 -66.23 21.99
C VAL D 94 10.39 -65.07 21.23
N VAL D 95 10.56 -65.26 19.94
CA VAL D 95 11.09 -64.23 19.05
C VAL D 95 10.10 -63.73 18.01
N ILE D 96 9.92 -62.43 18.01
CA ILE D 96 9.06 -61.73 17.04
C ILE D 96 9.87 -61.33 15.82
N GLU D 97 9.68 -62.01 14.72
CA GLU D 97 10.50 -61.79 13.51
C GLU D 97 9.89 -60.71 12.61
N ALA D 98 10.43 -59.51 12.75
CA ALA D 98 9.89 -58.27 12.12
C ALA D 98 10.76 -57.68 10.99
N THR D 99 11.80 -58.38 10.64
CA THR D 99 12.64 -57.94 9.51
C THR D 99 11.98 -58.36 8.24
N GLY D 100 11.31 -59.48 8.34
CA GLY D 100 10.63 -60.07 7.17
C GLY D 100 11.63 -60.35 6.08
N LYS D 101 12.88 -60.56 6.50
CA LYS D 101 13.90 -61.18 5.63
C LYS D 101 13.85 -62.72 5.75
N PHE D 102 13.25 -63.14 6.86
CA PHE D 102 13.22 -64.57 7.29
C PHE D 102 11.86 -65.30 7.22
N ASN D 103 10.95 -64.71 6.47
CA ASN D 103 9.58 -65.28 6.33
C ASN D 103 9.49 -66.73 5.85
N SER D 104 10.49 -67.16 5.10
CA SER D 104 10.66 -68.60 4.79
C SER D 104 10.94 -69.33 6.12
N LYS D 105 10.50 -70.56 6.29
CA LYS D 105 10.76 -71.16 7.57
C LYS D 105 12.19 -71.64 7.75
N GLU D 106 12.67 -72.39 6.79
CA GLU D 106 13.97 -72.91 6.93
C GLU D 106 14.90 -71.79 7.28
N LYS D 107 14.40 -70.57 7.29
CA LYS D 107 15.19 -69.42 7.66
C LYS D 107 14.79 -68.95 9.04
N ALA D 108 13.52 -69.01 9.29
CA ALA D 108 12.94 -68.55 10.58
C ALA D 108 13.42 -69.36 11.79
N ILE D 109 13.91 -70.55 11.51
CA ILE D 109 14.36 -71.49 12.57
C ILE D 109 15.72 -71.12 13.19
N LEU D 110 16.54 -70.42 12.43
CA LEU D 110 17.88 -70.11 12.95
C LEU D 110 17.68 -69.60 14.37
N HIS D 111 16.57 -68.87 14.54
CA HIS D 111 16.11 -68.42 15.87
C HIS D 111 15.94 -69.55 16.86
N VAL D 112 15.40 -70.66 16.40
CA VAL D 112 15.19 -71.86 17.26
C VAL D 112 16.52 -72.49 17.68
N GLU D 113 17.47 -72.42 16.78
CA GLU D 113 18.80 -73.02 17.00
C GLU D 113 19.66 -72.16 17.91
N ALA D 114 19.32 -70.88 17.94
CA ALA D 114 20.01 -69.88 18.81
C ALA D 114 19.38 -69.87 20.20
N GLY D 115 18.45 -70.80 20.36
CA GLY D 115 17.90 -71.13 21.70
C GLY D 115 16.52 -70.59 22.00
N ALA D 116 15.90 -70.03 20.98
CA ALA D 116 14.53 -69.53 21.12
C ALA D 116 13.52 -70.65 20.89
N LYS D 117 12.47 -70.64 21.70
CA LYS D 117 11.44 -71.68 21.63
C LYS D 117 10.50 -71.47 20.44
N LYS D 118 10.03 -70.23 20.30
CA LYS D 118 8.95 -69.89 19.34
C LYS D 118 9.18 -68.62 18.52
N VAL D 119 8.97 -68.76 17.24
CA VAL D 119 9.11 -67.67 16.27
C VAL D 119 7.78 -67.15 15.76
N ILE D 120 7.59 -65.85 15.84
CA ILE D 120 6.33 -65.25 15.41
C ILE D 120 6.51 -64.25 14.30
N LEU D 121 6.09 -64.64 13.11
CA LEU D 121 6.24 -63.80 11.90
C LEU D 121 5.14 -62.78 11.76
N THR D 122 5.57 -61.54 11.64
CA THR D 122 4.66 -60.40 11.42
C THR D 122 4.42 -60.21 9.94
N ALA D 123 4.54 -61.29 9.20
CA ALA D 123 4.20 -61.34 7.78
C ALA D 123 3.60 -62.69 7.44
N PRO D 124 3.10 -62.88 6.20
CA PRO D 124 2.71 -64.24 5.86
C PRO D 124 3.94 -65.13 5.79
N GLY D 125 3.76 -66.34 6.29
CA GLY D 125 4.82 -67.34 6.25
C GLY D 125 5.03 -67.95 4.88
N LYS D 126 6.04 -68.78 4.81
CA LYS D 126 6.23 -69.73 3.72
C LYS D 126 6.55 -71.04 4.41
N ASN D 127 5.65 -72.00 4.26
CA ASN D 127 5.76 -73.28 4.98
C ASN D 127 5.70 -73.11 6.50
N GLU D 128 5.03 -72.07 6.94
CA GLU D 128 4.89 -71.81 8.38
C GLU D 128 4.09 -72.95 9.00
N ASP D 129 4.24 -73.13 10.29
CA ASP D 129 3.53 -74.23 11.00
C ASP D 129 2.05 -73.95 11.09
N VAL D 130 1.71 -72.69 10.95
CA VAL D 130 0.33 -72.23 11.08
C VAL D 130 0.26 -70.73 10.88
N THR D 131 -0.91 -70.30 10.49
CA THR D 131 -1.22 -68.90 10.36
C THR D 131 -2.37 -68.65 11.29
N ILE D 132 -2.36 -67.49 11.91
CA ILE D 132 -3.33 -67.14 12.91
C ILE D 132 -3.81 -65.71 12.72
N VAL D 133 -5.11 -65.55 12.57
CA VAL D 133 -5.76 -64.24 12.59
C VAL D 133 -6.60 -64.15 13.85
N VAL D 134 -6.18 -63.35 14.81
CA VAL D 134 -6.88 -63.29 16.09
C VAL D 134 -8.31 -62.76 15.94
N GLY D 135 -9.24 -63.58 16.37
CA GLY D 135 -10.68 -63.30 16.24
C GLY D 135 -11.34 -64.21 15.23
N VAL D 136 -10.55 -65.13 14.72
CA VAL D 136 -11.02 -66.02 13.64
C VAL D 136 -10.61 -67.48 13.87
N ASN D 137 -9.33 -67.74 13.75
CA ASN D 137 -8.76 -69.09 13.97
C ASN D 137 -7.79 -69.33 15.13
N GLU D 138 -7.69 -68.47 16.10
CA GLU D 138 -6.63 -68.66 17.09
C GLU D 138 -6.69 -69.95 17.88
N ASP D 139 -7.87 -70.48 18.04
CA ASP D 139 -8.06 -71.77 18.77
C ASP D 139 -7.39 -72.97 18.06
N GLN D 140 -6.98 -72.73 16.82
CA GLN D 140 -6.28 -73.75 16.00
C GLN D 140 -4.80 -73.80 16.29
N LEU D 141 -4.40 -72.97 17.22
CA LEU D 141 -3.01 -72.96 17.67
C LEU D 141 -2.75 -74.12 18.61
N ASP D 142 -1.77 -74.93 18.21
CA ASP D 142 -1.22 -76.07 18.99
C ASP D 142 0.26 -75.88 19.34
N ILE D 143 0.50 -75.52 20.60
CA ILE D 143 1.86 -75.30 21.09
C ILE D 143 2.79 -76.48 20.89
N THR D 144 2.20 -77.65 20.82
CA THR D 144 2.96 -78.89 20.66
C THR D 144 3.58 -79.02 19.27
N LYS D 145 2.71 -78.91 18.28
CA LYS D 145 3.12 -79.04 16.84
C LYS D 145 3.65 -77.77 16.18
N HIS D 146 3.19 -76.62 16.66
CA HIS D 146 3.42 -75.32 15.98
C HIS D 146 4.52 -74.46 16.58
N THR D 147 5.63 -74.33 15.86
CA THR D 147 6.78 -73.51 16.33
C THR D 147 6.90 -72.13 15.62
N VAL D 148 7.05 -72.15 14.31
CA VAL D 148 7.01 -70.91 13.49
C VAL D 148 5.56 -70.51 13.15
N ILE D 149 5.15 -69.36 13.66
CA ILE D 149 3.75 -68.91 13.55
C ILE D 149 3.54 -67.53 12.90
N SER D 150 2.77 -67.54 11.82
CA SER D 150 2.50 -66.35 11.00
C SER D 150 1.26 -65.57 11.45
N ASN D 151 1.40 -64.28 11.62
CA ASN D 151 0.23 -63.42 11.98
C ASN D 151 -0.53 -62.92 10.75
N ALA D 152 -0.14 -63.43 9.61
CA ALA D 152 -0.63 -63.03 8.29
C ALA D 152 -0.31 -61.54 8.03
N SER D 153 -1.12 -60.91 7.22
CA SER D 153 -0.84 -59.52 6.81
C SER D 153 -1.88 -58.64 7.45
N CYS D 154 -1.71 -57.33 7.38
CA CYS D 154 -2.71 -56.43 8.01
C CYS D 154 -4.03 -56.48 7.23
N THR D 155 -3.92 -56.73 5.95
CA THR D 155 -5.08 -56.84 5.06
C THR D 155 -5.87 -58.11 5.36
N THR D 156 -5.15 -59.20 5.56
CA THR D 156 -5.80 -60.49 5.90
C THR D 156 -6.55 -60.38 7.23
N ASN D 157 -5.92 -59.69 8.16
CA ASN D 157 -6.56 -59.31 9.46
C ASN D 157 -7.78 -58.34 9.34
N CYS D 158 -7.93 -57.65 8.22
CA CYS D 158 -9.19 -56.86 8.01
C CYS D 158 -10.31 -57.72 7.36
N LEU D 159 -9.98 -58.21 6.19
CA LEU D 159 -10.81 -59.09 5.39
C LEU D 159 -11.42 -60.31 6.12
N ALA D 160 -10.59 -61.03 6.85
CA ALA D 160 -11.01 -62.33 7.47
C ALA D 160 -12.05 -62.19 8.58
N PRO D 161 -11.85 -61.26 9.50
CA PRO D 161 -12.97 -61.02 10.43
C PRO D 161 -14.26 -60.48 9.80
N VAL D 162 -14.14 -59.82 8.66
CA VAL D 162 -15.33 -59.27 7.99
C VAL D 162 -16.03 -60.34 7.17
N VAL D 163 -15.21 -61.06 6.44
CA VAL D 163 -15.70 -62.15 5.54
C VAL D 163 -16.34 -63.34 6.26
N LYS D 164 -15.89 -63.65 7.46
CA LYS D 164 -16.54 -64.73 8.22
C LYS D 164 -17.86 -64.34 8.86
N VAL D 165 -17.92 -63.11 9.35
CA VAL D 165 -19.15 -62.55 9.96
C VAL D 165 -20.25 -62.61 8.93
N LEU D 166 -19.85 -62.35 7.71
CA LEU D 166 -20.77 -62.37 6.58
C LEU D 166 -21.16 -63.82 6.28
N ASP D 167 -20.18 -64.68 6.41
CA ASP D 167 -20.34 -66.12 6.09
C ASP D 167 -21.26 -66.85 7.07
N GLU D 168 -21.00 -66.61 8.34
CA GLU D 168 -21.76 -67.27 9.38
C GLU D 168 -23.19 -66.85 9.43
N GLN D 169 -23.40 -65.56 9.28
CA GLN D 169 -24.74 -64.96 9.36
C GLN D 169 -25.60 -65.12 8.09
N PHE D 170 -25.02 -64.82 6.93
CA PHE D 170 -25.72 -64.97 5.63
C PHE D 170 -25.18 -66.05 4.68
N GLY D 171 -24.00 -66.55 4.99
CA GLY D 171 -23.31 -67.52 4.11
C GLY D 171 -22.79 -66.78 2.90
N ILE D 172 -21.64 -67.20 2.37
CA ILE D 172 -21.05 -66.51 1.21
C ILE D 172 -21.08 -67.36 -0.02
N GLU D 173 -21.30 -66.74 -1.15
CA GLU D 173 -21.34 -67.46 -2.43
C GLU D 173 -20.08 -67.15 -3.21
N ASN D 174 -19.92 -65.87 -3.48
CA ASN D 174 -18.84 -65.33 -4.28
C ASN D 174 -18.32 -64.04 -3.72
N GLY D 175 -17.07 -63.74 -4.03
CA GLY D 175 -16.56 -62.41 -3.76
C GLY D 175 -15.41 -62.02 -4.66
N LEU D 176 -15.37 -60.73 -4.88
CA LEU D 176 -14.20 -60.04 -5.42
C LEU D 176 -13.96 -58.92 -4.45
N MET D 177 -12.71 -58.56 -4.28
CA MET D 177 -12.40 -57.49 -3.37
C MET D 177 -11.30 -56.61 -3.94
N THR D 178 -11.24 -55.40 -3.44
CA THR D 178 -10.11 -54.47 -3.66
C THR D 178 -9.59 -53.98 -2.32
N THR D 179 -8.28 -53.99 -2.15
CA THR D 179 -7.71 -53.36 -0.97
C THR D 179 -7.05 -52.11 -1.46
N VAL D 180 -7.33 -51.02 -0.77
CA VAL D 180 -6.74 -49.71 -1.10
C VAL D 180 -5.71 -49.36 -0.04
N HIS D 181 -4.46 -49.51 -0.42
CA HIS D 181 -3.32 -49.41 0.51
C HIS D 181 -2.71 -48.05 0.53
N ALA D 182 -2.43 -47.60 1.73
CA ALA D 182 -1.52 -46.46 1.95
C ALA D 182 -0.06 -46.97 2.02
N LEU D 197 6.92 -55.51 -10.53
CA LEU D 197 7.23 -54.63 -11.66
C LEU D 197 6.60 -53.24 -11.44
N ARG D 198 5.28 -53.23 -11.41
CA ARG D 198 4.53 -51.99 -11.13
C ARG D 198 4.86 -51.44 -9.73
N ARG D 199 5.19 -52.36 -8.84
CA ARG D 199 5.49 -51.98 -7.44
C ARG D 199 6.66 -50.98 -7.35
N ALA D 200 7.66 -51.19 -8.20
CA ALA D 200 8.89 -50.36 -8.22
C ALA D 200 8.60 -48.86 -8.33
N ARG D 201 7.56 -48.52 -9.08
CA ARG D 201 7.29 -47.13 -9.49
C ARG D 201 6.93 -46.25 -8.29
N ALA D 202 7.18 -44.95 -8.43
CA ALA D 202 6.91 -43.95 -7.37
C ALA D 202 5.49 -44.00 -6.92
N CYS D 203 5.30 -44.24 -5.63
CA CYS D 203 3.94 -44.31 -5.03
C CYS D 203 3.35 -42.92 -4.83
N GLY D 204 4.24 -41.92 -4.87
CA GLY D 204 3.91 -40.53 -4.47
C GLY D 204 2.96 -39.83 -5.41
N GLN D 205 3.15 -40.08 -6.69
CA GLN D 205 2.25 -39.55 -7.73
C GLN D 205 1.00 -40.41 -7.91
N SER D 206 1.17 -41.72 -7.90
CA SER D 206 0.22 -42.64 -8.57
C SER D 206 -0.66 -43.55 -7.72
N ILE D 207 -1.71 -43.97 -8.36
CA ILE D 207 -2.40 -45.18 -7.97
C ILE D 207 -1.68 -46.38 -8.62
N ILE D 208 -1.19 -47.27 -7.78
CA ILE D 208 -0.45 -48.43 -8.28
C ILE D 208 -1.26 -49.75 -8.15
N PRO D 209 -1.72 -50.32 -9.27
CA PRO D 209 -2.40 -51.60 -9.18
C PRO D 209 -1.42 -52.76 -9.00
N THR D 210 -1.73 -53.65 -8.07
CA THR D 210 -0.82 -54.75 -7.75
C THR D 210 -1.61 -55.93 -7.15
N THR D 211 -0.91 -57.03 -6.89
CA THR D 211 -1.53 -58.23 -6.30
C THR D 211 -1.66 -58.14 -4.77
N THR D 212 -2.54 -58.98 -4.29
CA THR D 212 -2.76 -59.17 -2.86
C THR D 212 -2.82 -60.66 -2.62
N GLY D 213 -2.34 -61.07 -1.48
CA GLY D 213 -2.42 -62.48 -1.09
C GLY D 213 -3.49 -62.73 -0.07
N ALA D 214 -4.06 -61.63 0.40
CA ALA D 214 -4.99 -61.67 1.54
C ALA D 214 -6.19 -62.56 1.25
N ALA D 215 -6.58 -62.65 -0.02
CA ALA D 215 -7.74 -63.50 -0.36
C ALA D 215 -7.34 -64.95 -0.36
N LYS D 216 -6.18 -65.20 -0.96
CA LYS D 216 -5.58 -66.55 -1.01
C LYS D 216 -5.37 -67.15 0.39
N ALA D 217 -5.05 -66.27 1.32
CA ALA D 217 -4.66 -66.65 2.68
C ALA D 217 -5.83 -67.14 3.51
N LEU D 218 -7.03 -66.72 3.15
CA LEU D 218 -8.20 -67.14 3.93
C LEU D 218 -8.21 -68.66 3.90
N ALA D 219 -7.72 -69.18 2.78
CA ALA D 219 -7.60 -70.62 2.59
C ALA D 219 -6.84 -71.29 3.73
N LYS D 220 -6.01 -70.54 4.43
CA LYS D 220 -5.39 -71.04 5.69
C LYS D 220 -6.06 -70.65 7.03
N VAL D 221 -6.90 -69.64 7.07
CA VAL D 221 -7.66 -69.35 8.35
C VAL D 221 -9.16 -69.63 8.31
N LEU D 222 -9.69 -69.79 7.10
CA LEU D 222 -11.13 -70.11 6.88
C LEU D 222 -11.23 -71.01 5.67
N PRO D 223 -10.97 -72.31 5.84
CA PRO D 223 -10.70 -73.11 4.67
C PRO D 223 -11.94 -73.36 3.85
N HIS D 224 -13.09 -73.25 4.51
CA HIS D 224 -14.40 -73.51 3.82
C HIS D 224 -14.69 -72.48 2.76
N LEU D 225 -13.99 -71.36 2.84
CA LEU D 225 -14.14 -70.22 1.90
C LEU D 225 -13.18 -70.25 0.69
N ASN D 226 -12.59 -71.41 0.50
CA ASN D 226 -11.62 -71.64 -0.61
C ASN D 226 -12.10 -71.37 -2.00
N GLY D 227 -11.38 -70.47 -2.66
CA GLY D 227 -11.65 -70.10 -4.07
C GLY D 227 -13.03 -69.51 -4.28
N LYS D 228 -13.58 -68.98 -3.22
CA LYS D 228 -14.80 -68.18 -3.32
C LYS D 228 -14.51 -66.70 -3.39
N LEU D 229 -13.27 -66.35 -3.13
CA LEU D 229 -12.82 -64.97 -3.03
C LEU D 229 -11.46 -64.76 -3.63
N HIS D 230 -11.37 -63.72 -4.46
CA HIS D 230 -10.16 -63.28 -5.09
C HIS D 230 -10.03 -61.79 -4.81
N GLY D 231 -8.87 -61.23 -5.11
CA GLY D 231 -8.69 -59.82 -4.80
C GLY D 231 -7.54 -59.17 -5.50
N MET D 232 -7.50 -57.85 -5.40
CA MET D 232 -6.33 -57.09 -5.82
C MET D 232 -6.12 -55.89 -4.92
N ALA D 233 -4.96 -55.27 -5.08
CA ALA D 233 -4.55 -54.12 -4.28
C ALA D 233 -4.42 -52.88 -5.14
N LEU D 234 -4.89 -51.77 -4.58
CA LEU D 234 -4.57 -50.42 -5.11
C LEU D 234 -3.74 -49.65 -4.09
N ARG D 235 -2.51 -49.42 -4.44
CA ARG D 235 -1.61 -48.65 -3.59
C ARG D 235 -1.80 -47.20 -3.91
N VAL D 236 -2.25 -46.44 -2.92
CA VAL D 236 -2.39 -44.97 -3.05
C VAL D 236 -1.53 -44.19 -2.09
N PRO D 237 -1.20 -42.94 -2.45
CA PRO D 237 -0.44 -42.02 -1.61
C PRO D 237 -1.23 -41.41 -0.47
N THR D 238 -1.30 -42.15 0.61
CA THR D 238 -1.82 -41.62 1.88
C THR D 238 -1.01 -42.24 3.02
N PRO D 239 -0.90 -41.53 4.14
CA PRO D 239 0.06 -41.89 5.13
C PRO D 239 -0.22 -43.18 5.90
N ASN D 240 -1.41 -43.40 6.45
CA ASN D 240 -1.55 -44.61 7.29
C ASN D 240 -2.72 -45.58 7.04
N VAL D 241 -3.91 -45.02 7.00
CA VAL D 241 -5.12 -45.83 6.97
C VAL D 241 -5.41 -46.43 5.61
N SER D 242 -5.79 -47.69 5.62
CA SER D 242 -6.06 -48.45 4.38
C SER D 242 -7.49 -48.91 4.39
N LEU D 243 -8.03 -49.35 3.27
CA LEU D 243 -9.37 -49.90 3.32
C LEU D 243 -9.54 -51.15 2.49
N VAL D 244 -10.45 -52.01 2.91
CA VAL D 244 -10.88 -53.12 2.08
C VAL D 244 -12.26 -52.88 1.51
N ASP D 245 -12.36 -53.08 0.21
CA ASP D 245 -13.61 -52.85 -0.57
C ASP D 245 -14.15 -54.18 -1.15
N LEU D 246 -15.11 -54.75 -0.46
CA LEU D 246 -15.55 -56.13 -0.74
C LEU D 246 -16.93 -56.21 -1.36
N VAL D 247 -17.01 -56.86 -2.50
CA VAL D 247 -18.30 -57.17 -3.13
C VAL D 247 -18.58 -58.68 -3.10
N VAL D 248 -19.46 -59.07 -2.21
CA VAL D 248 -19.83 -60.48 -2.12
C VAL D 248 -21.27 -60.71 -2.57
N ASP D 249 -21.49 -61.88 -3.14
CA ASP D 249 -22.89 -62.37 -3.31
C ASP D 249 -23.13 -63.37 -2.18
N VAL D 250 -24.16 -63.13 -1.39
CA VAL D 250 -24.50 -63.99 -0.24
C VAL D 250 -25.57 -65.03 -0.61
N LYS D 251 -25.88 -65.89 0.34
CA LYS D 251 -26.69 -67.11 0.08
C LYS D 251 -28.18 -66.88 0.35
N ARG D 252 -28.50 -65.70 0.85
CA ARG D 252 -29.89 -65.40 1.22
C ARG D 252 -30.15 -63.90 1.24
N ASP D 253 -31.42 -63.54 1.16
CA ASP D 253 -31.79 -62.14 0.98
C ASP D 253 -31.43 -61.27 2.19
N VAL D 254 -30.80 -60.16 1.90
CA VAL D 254 -30.34 -59.23 2.93
C VAL D 254 -30.74 -57.81 2.61
N THR D 255 -30.57 -56.94 3.59
CA THR D 255 -30.72 -55.50 3.37
C THR D 255 -29.57 -54.73 4.02
N VAL D 256 -29.35 -53.51 3.59
CA VAL D 256 -28.32 -52.66 4.20
C VAL D 256 -28.44 -52.74 5.75
N GLU D 257 -29.63 -52.54 6.24
CA GLU D 257 -29.86 -52.61 7.71
C GLU D 257 -29.52 -54.01 8.28
N ALA D 258 -29.84 -55.01 7.50
CA ALA D 258 -29.56 -56.39 7.92
C ALA D 258 -28.04 -56.59 8.07
N ILE D 259 -27.32 -56.17 7.05
CA ILE D 259 -25.85 -56.35 7.05
C ILE D 259 -25.19 -55.53 8.15
N ASN D 260 -25.56 -54.26 8.23
CA ASN D 260 -24.98 -53.32 9.22
C ASN D 260 -25.25 -53.72 10.65
N ASP D 261 -26.35 -54.42 10.84
CA ASP D 261 -26.69 -54.92 12.19
C ASP D 261 -25.87 -56.15 12.59
N ALA D 262 -25.52 -56.94 11.60
CA ALA D 262 -24.65 -58.09 11.89
C ALA D 262 -23.34 -57.60 12.49
N PHE D 263 -22.82 -56.53 11.92
CA PHE D 263 -21.52 -55.96 12.38
C PHE D 263 -21.60 -55.26 13.74
N LYS D 264 -22.65 -54.50 13.93
CA LYS D 264 -22.89 -53.78 15.22
C LYS D 264 -22.92 -54.80 16.34
N THR D 265 -23.62 -55.88 16.10
CA THR D 265 -23.76 -56.98 17.08
C THR D 265 -22.41 -57.60 17.42
N VAL D 266 -21.79 -58.09 16.38
CA VAL D 266 -20.45 -58.71 16.46
C VAL D 266 -19.38 -57.79 17.09
N ALA D 267 -19.60 -56.50 16.99
CA ALA D 267 -18.66 -55.50 17.55
C ALA D 267 -18.85 -55.32 19.06
N ASN D 268 -20.06 -55.56 19.50
CA ASN D 268 -20.36 -55.65 20.95
C ASN D 268 -20.19 -57.10 21.44
N GLY D 269 -20.07 -57.98 20.46
CA GLY D 269 -20.02 -59.44 20.67
C GLY D 269 -18.65 -60.08 20.59
N ALA D 270 -18.64 -61.27 19.99
CA ALA D 270 -17.41 -62.11 19.94
C ALA D 270 -16.19 -61.40 19.38
N LEU D 271 -16.44 -60.47 18.48
CA LEU D 271 -15.35 -59.76 17.77
C LEU D 271 -15.01 -58.42 18.39
N LYS D 272 -15.51 -58.20 19.58
CA LYS D 272 -15.26 -56.95 20.30
C LYS D 272 -13.77 -56.69 20.33
N GLY D 273 -13.41 -55.51 19.91
CA GLY D 273 -12.02 -55.06 19.94
C GLY D 273 -11.27 -55.47 18.69
N ILE D 274 -11.75 -56.51 18.05
CA ILE D 274 -11.22 -56.87 16.74
C ILE D 274 -11.93 -56.07 15.65
N VAL D 275 -13.25 -56.03 15.76
CA VAL D 275 -14.12 -55.35 14.78
C VAL D 275 -14.95 -54.24 15.39
N GLU D 276 -15.21 -53.25 14.58
CA GLU D 276 -15.97 -52.08 15.03
C GLU D 276 -16.82 -51.55 13.92
N PHE D 277 -17.96 -51.02 14.32
CA PHE D 277 -18.94 -50.47 13.39
C PHE D 277 -19.01 -48.98 13.61
N SER D 278 -18.74 -48.26 12.54
CA SER D 278 -18.71 -46.78 12.56
C SER D 278 -19.92 -46.27 11.82
N GLU D 279 -20.77 -45.55 12.54
CA GLU D 279 -21.99 -44.96 11.94
C GLU D 279 -21.82 -43.57 11.37
N GLU D 280 -20.87 -42.84 11.94
CA GLU D 280 -20.63 -41.43 11.53
C GLU D 280 -19.81 -41.29 10.25
N PRO D 281 -19.95 -40.16 9.57
CA PRO D 281 -19.27 -39.96 8.31
C PRO D 281 -17.88 -39.38 8.50
N LEU D 282 -16.93 -40.22 8.18
CA LEU D 282 -15.56 -39.97 8.49
C LEU D 282 -14.68 -40.27 7.29
N VAL D 283 -13.48 -39.75 7.35
CA VAL D 283 -12.49 -40.02 6.32
C VAL D 283 -11.35 -40.85 6.89
N SER D 284 -10.45 -41.29 6.04
CA SER D 284 -9.44 -42.30 6.43
C SER D 284 -8.63 -41.89 7.65
N ILE D 285 -8.21 -40.62 7.68
CA ILE D 285 -7.29 -40.19 8.76
C ILE D 285 -7.93 -40.19 10.15
N ASP D 286 -9.25 -40.27 10.19
CA ASP D 286 -9.97 -40.37 11.46
C ASP D 286 -9.67 -41.65 12.23
N PHE D 287 -9.23 -42.65 11.49
CA PHE D 287 -8.99 -44.03 12.01
C PHE D 287 -7.55 -44.29 12.41
N ASN D 288 -6.79 -43.23 12.35
CA ASN D 288 -5.42 -43.19 12.87
C ASN D 288 -5.38 -43.64 14.31
N THR D 289 -4.40 -44.47 14.61
CA THR D 289 -4.15 -44.90 16.02
C THR D 289 -5.36 -45.65 16.60
N ASN D 290 -6.06 -46.33 15.71
CA ASN D 290 -7.16 -47.23 16.08
C ASN D 290 -6.65 -48.67 16.06
N THR D 291 -6.94 -49.38 17.14
CA THR D 291 -6.36 -50.73 17.40
C THR D 291 -7.11 -51.89 16.75
N HIS D 292 -8.31 -51.61 16.28
CA HIS D 292 -9.17 -52.64 15.62
C HIS D 292 -8.64 -53.17 14.30
N SER D 293 -9.01 -54.39 13.99
CA SER D 293 -8.52 -55.05 12.78
C SER D 293 -9.25 -54.57 11.54
N ALA D 294 -10.54 -54.35 11.73
CA ALA D 294 -11.45 -53.82 10.69
C ALA D 294 -12.46 -52.86 11.30
N ILE D 295 -12.60 -51.69 10.69
CA ILE D 295 -13.64 -50.72 11.09
C ILE D 295 -14.62 -50.55 9.95
N ILE D 296 -15.82 -51.05 10.18
CA ILE D 296 -16.86 -51.09 9.16
C ILE D 296 -17.42 -49.68 8.92
N ASP D 297 -17.41 -49.27 7.65
CA ASP D 297 -17.91 -47.96 7.24
C ASP D 297 -19.39 -48.14 6.93
N GLY D 298 -20.21 -47.88 7.93
CA GLY D 298 -21.64 -48.26 7.92
C GLY D 298 -22.45 -47.46 6.91
N LEU D 299 -21.94 -46.29 6.56
CA LEU D 299 -22.63 -45.44 5.58
C LEU D 299 -22.30 -45.88 4.14
N SER D 300 -21.31 -46.74 3.98
CA SER D 300 -20.92 -47.22 2.64
C SER D 300 -21.55 -48.54 2.18
N THR D 301 -22.16 -49.25 3.11
CA THR D 301 -22.73 -50.56 2.80
C THR D 301 -23.79 -50.47 1.77
N MET D 302 -23.69 -51.27 0.75
CA MET D 302 -24.73 -51.30 -0.31
C MET D 302 -25.27 -52.70 -0.51
N VAL D 303 -26.50 -52.80 -0.99
CA VAL D 303 -27.05 -54.09 -1.43
C VAL D 303 -27.70 -53.99 -2.80
N MET D 304 -27.37 -54.91 -3.66
CA MET D 304 -27.97 -54.94 -5.00
C MET D 304 -28.69 -56.26 -5.19
N GLY D 305 -29.94 -56.09 -5.57
CA GLY D 305 -30.92 -57.17 -5.74
C GLY D 305 -30.98 -58.24 -4.69
N ASP D 306 -30.95 -57.84 -3.42
CA ASP D 306 -31.02 -58.80 -2.27
C ASP D 306 -29.80 -59.68 -2.01
N ARG D 307 -29.00 -59.98 -3.01
CA ARG D 307 -27.87 -60.90 -2.76
C ARG D 307 -26.47 -60.33 -2.89
N LYS D 308 -26.35 -59.16 -3.49
CA LYS D 308 -25.01 -58.60 -3.80
C LYS D 308 -24.57 -57.47 -2.88
N VAL D 309 -23.60 -57.78 -2.04
CA VAL D 309 -23.27 -56.86 -0.95
C VAL D 309 -21.96 -56.14 -1.15
N LYS D 310 -21.96 -54.85 -0.79
CA LYS D 310 -20.73 -54.08 -0.70
C LYS D 310 -20.45 -53.63 0.70
N VAL D 311 -19.29 -54.03 1.18
CA VAL D 311 -18.84 -53.59 2.50
C VAL D 311 -17.46 -52.95 2.40
N LEU D 312 -17.32 -51.85 3.13
CA LEU D 312 -16.08 -51.09 3.26
C LEU D 312 -15.56 -51.13 4.68
N ALA D 313 -14.36 -51.67 4.84
CA ALA D 313 -13.72 -51.68 6.16
C ALA D 313 -12.37 -50.95 6.14
N TRP D 314 -12.23 -50.03 7.08
CA TRP D 314 -10.96 -49.30 7.29
C TRP D 314 -10.08 -50.14 8.15
N TYR D 315 -8.79 -50.03 7.95
CA TYR D 315 -7.84 -50.52 8.95
C TYR D 315 -6.59 -49.67 8.97
N ASP D 316 -6.13 -49.40 10.18
CA ASP D 316 -4.81 -48.80 10.38
C ASP D 316 -3.84 -49.91 10.07
N ASN D 317 -3.05 -49.75 9.05
CA ASN D 317 -2.23 -50.90 8.59
C ASN D 317 -1.06 -51.23 9.52
N GLU D 318 -0.81 -50.32 10.45
CA GLU D 318 0.24 -50.50 11.47
C GLU D 318 -0.29 -50.75 12.84
N TRP D 319 -1.08 -49.81 13.33
CA TRP D 319 -1.56 -49.84 14.75
C TRP D 319 -2.36 -51.09 15.05
N GLY D 320 -3.40 -51.28 14.27
CA GLY D 320 -4.30 -52.44 14.47
C GLY D 320 -3.53 -53.75 14.41
N TYR D 321 -2.85 -53.94 13.31
CA TYR D 321 -2.11 -55.18 13.07
C TYR D 321 -1.13 -55.47 14.19
N SER D 322 -0.50 -54.41 14.63
CA SER D 322 0.48 -54.46 15.71
C SER D 322 -0.11 -55.01 16.99
N ARG D 323 -1.28 -54.52 17.30
CA ARG D 323 -1.98 -54.90 18.52
C ARG D 323 -2.39 -56.35 18.43
N ARG D 324 -2.62 -56.79 17.21
CA ARG D 324 -2.96 -58.21 16.95
C ARG D 324 -1.72 -59.08 17.12
N VAL D 325 -0.56 -58.45 17.08
CA VAL D 325 0.67 -59.21 17.27
C VAL D 325 0.89 -59.41 18.76
N VAL D 326 0.71 -58.35 19.50
CA VAL D 326 0.84 -58.42 20.97
C VAL D 326 -0.19 -59.37 21.56
N ASP D 327 -1.31 -59.52 20.85
CA ASP D 327 -2.36 -60.49 21.24
C ASP D 327 -1.91 -61.92 20.93
N LEU D 328 -1.25 -62.08 19.81
CA LEU D 328 -0.78 -63.42 19.43
C LEU D 328 0.39 -63.81 20.29
N VAL D 329 1.24 -62.83 20.52
CA VAL D 329 2.43 -63.08 21.32
C VAL D 329 1.97 -63.48 22.71
N THR D 330 1.00 -62.74 23.19
CA THR D 330 0.46 -62.96 24.54
C THR D 330 -0.09 -64.37 24.71
N LEU D 331 -0.79 -64.81 23.69
CA LEU D 331 -1.39 -66.16 23.65
C LEU D 331 -0.36 -67.27 23.73
N VAL D 332 0.63 -67.13 22.91
CA VAL D 332 1.70 -68.12 22.80
C VAL D 332 2.47 -68.24 24.13
N VAL D 333 2.69 -67.10 24.75
CA VAL D 333 3.39 -67.06 26.04
C VAL D 333 2.62 -67.78 27.13
N ASP D 334 1.34 -67.51 27.16
CA ASP D 334 0.43 -68.15 28.11
C ASP D 334 0.41 -69.67 27.87
N GLU D 335 0.37 -69.99 26.60
CA GLU D 335 0.28 -71.37 26.16
C GLU D 335 1.54 -72.15 26.58
N LEU D 336 2.69 -71.55 26.36
CA LEU D 336 3.97 -72.12 26.84
C LEU D 336 3.92 -72.31 28.34
N ALA D 337 3.45 -71.27 29.01
CA ALA D 337 3.36 -71.24 30.49
C ALA D 337 2.57 -72.42 31.09
N LYS D 338 1.69 -73.01 30.28
CA LYS D 338 0.84 -74.14 30.73
C LYS D 338 1.38 -75.52 30.28
N MET E 4 34.63 -44.63 -31.96
CA MET E 4 33.61 -44.67 -30.89
C MET E 4 34.19 -45.33 -29.66
N THR E 5 34.21 -44.58 -28.56
CA THR E 5 34.70 -45.14 -27.29
C THR E 5 33.60 -45.97 -26.66
N ARG E 6 34.02 -47.12 -26.15
CA ARG E 6 33.11 -48.11 -25.58
C ARG E 6 32.97 -47.88 -24.08
N VAL E 7 31.73 -47.67 -23.65
CA VAL E 7 31.40 -47.38 -22.22
C VAL E 7 30.28 -48.25 -21.63
N ALA E 8 30.33 -48.37 -20.31
CA ALA E 8 29.40 -49.18 -19.53
C ALA E 8 28.86 -48.42 -18.33
N ILE E 9 27.65 -48.79 -17.91
CA ILE E 9 27.03 -48.21 -16.70
C ILE E 9 26.89 -49.23 -15.56
N ASN E 10 27.50 -48.92 -14.45
CA ASN E 10 27.39 -49.77 -13.28
C ASN E 10 26.26 -49.26 -12.40
N GLY E 11 25.27 -50.10 -12.21
CA GLY E 11 24.05 -49.76 -11.41
C GLY E 11 22.98 -49.08 -12.23
N PHE E 12 21.73 -49.34 -11.89
CA PHE E 12 20.59 -48.79 -12.65
C PHE E 12 19.53 -48.20 -11.75
N GLY E 13 19.98 -47.29 -10.91
CA GLY E 13 19.10 -46.49 -10.04
C GLY E 13 18.52 -45.41 -10.91
N ARG E 14 17.95 -44.40 -10.29
CA ARG E 14 17.38 -43.28 -11.08
C ARG E 14 18.48 -42.60 -11.91
N ILE E 15 19.62 -42.44 -11.30
CA ILE E 15 20.72 -41.78 -12.00
C ILE E 15 21.12 -42.59 -13.23
N GLY E 16 21.55 -43.81 -12.99
CA GLY E 16 21.98 -44.75 -14.06
C GLY E 16 20.98 -44.82 -15.20
N ARG E 17 19.73 -44.95 -14.80
CA ARG E 17 18.62 -45.00 -15.75
C ARG E 17 18.55 -43.71 -16.56
N MET E 18 18.60 -42.61 -15.83
CA MET E 18 18.39 -41.27 -16.42
C MET E 18 19.59 -40.84 -17.28
N VAL E 19 20.77 -41.30 -16.88
CA VAL E 19 22.01 -41.06 -17.63
C VAL E 19 21.96 -41.84 -18.92
N PHE E 20 21.64 -43.10 -18.77
CA PHE E 20 21.45 -44.01 -19.90
C PHE E 20 20.55 -43.33 -20.93
N ARG E 21 19.39 -42.91 -20.47
CA ARG E 21 18.33 -42.41 -21.36
C ARG E 21 18.85 -41.43 -22.41
N GLN E 22 19.66 -40.49 -21.95
CA GLN E 22 20.20 -39.44 -22.87
C GLN E 22 21.60 -39.73 -23.39
N ALA E 23 22.19 -40.76 -22.82
CA ALA E 23 23.55 -41.19 -23.20
C ALA E 23 23.58 -42.04 -24.46
N ILE E 24 22.63 -42.95 -24.55
CA ILE E 24 22.44 -43.78 -25.76
C ILE E 24 22.29 -42.85 -26.93
N LYS E 25 21.69 -41.71 -26.62
CA LYS E 25 21.32 -40.67 -27.61
C LYS E 25 22.44 -39.67 -27.86
N GLU E 26 23.61 -39.96 -27.29
CA GLU E 26 24.85 -39.21 -27.61
C GLU E 26 25.76 -40.01 -28.54
N SER E 27 26.14 -39.38 -29.65
CA SER E 27 26.93 -40.02 -30.71
C SER E 27 28.45 -40.13 -30.43
N ALA E 28 28.97 -39.09 -29.77
CA ALA E 28 30.43 -38.94 -29.45
C ALA E 28 31.03 -40.19 -28.82
N PHE E 29 30.20 -40.90 -28.10
CA PHE E 29 30.56 -42.25 -27.66
C PHE E 29 29.34 -43.16 -27.80
N GLU E 30 29.61 -44.45 -27.79
CA GLU E 30 28.55 -45.45 -27.88
C GLU E 30 28.50 -46.24 -26.59
N ILE E 31 27.28 -46.44 -26.13
CA ILE E 31 27.04 -47.32 -24.97
C ILE E 31 27.03 -48.78 -25.36
N VAL E 32 27.72 -49.59 -24.57
CA VAL E 32 27.83 -51.05 -24.85
C VAL E 32 27.18 -51.97 -23.79
N ALA E 33 27.67 -51.93 -22.57
CA ALA E 33 27.16 -52.86 -21.53
C ALA E 33 26.37 -52.21 -20.38
N ILE E 34 25.96 -53.06 -19.45
CA ILE E 34 25.36 -52.65 -18.15
C ILE E 34 25.47 -53.68 -17.05
N ASN E 35 25.42 -53.20 -15.84
CA ASN E 35 25.34 -54.13 -14.72
C ASN E 35 24.29 -53.70 -13.73
N ALA E 36 23.34 -54.60 -13.51
CA ALA E 36 22.22 -54.34 -12.60
C ALA E 36 21.65 -55.61 -11.99
N SER E 37 20.93 -55.43 -10.90
CA SER E 37 20.26 -56.56 -10.24
C SER E 37 18.92 -56.87 -10.90
N TYR E 38 18.64 -56.14 -11.96
CA TYR E 38 17.32 -56.26 -12.64
C TYR E 38 17.35 -57.18 -13.87
N PRO E 39 16.34 -58.04 -13.97
CA PRO E 39 16.15 -58.95 -15.10
C PRO E 39 15.73 -58.23 -16.36
N SER E 40 15.96 -58.87 -17.48
CA SER E 40 15.85 -58.21 -18.79
C SER E 40 14.51 -57.57 -19.06
N GLU E 41 13.46 -58.29 -18.76
CA GLU E 41 12.09 -57.78 -19.02
C GLU E 41 11.89 -56.49 -18.22
N THR E 42 12.32 -56.55 -16.98
CA THR E 42 12.27 -55.43 -16.03
C THR E 42 12.97 -54.15 -16.55
N LEU E 43 14.23 -54.29 -16.87
CA LEU E 43 15.05 -53.15 -17.34
C LEU E 43 14.44 -52.48 -18.54
N ALA E 44 13.85 -53.29 -19.40
CA ALA E 44 13.22 -52.80 -20.63
C ALA E 44 12.09 -51.84 -20.28
N HIS E 45 11.29 -52.29 -19.34
CA HIS E 45 10.13 -51.54 -18.86
C HIS E 45 10.59 -50.21 -18.30
N LEU E 46 11.56 -50.31 -17.43
CA LEU E 46 12.20 -49.15 -16.77
C LEU E 46 12.67 -48.08 -17.71
N ILE E 47 13.31 -48.51 -18.78
CA ILE E 47 13.71 -47.56 -19.84
C ILE E 47 12.46 -46.89 -20.47
N LYS E 48 11.46 -47.72 -20.71
CA LYS E 48 10.33 -47.31 -21.54
C LYS E 48 9.37 -46.37 -20.83
N TYR E 49 9.07 -46.72 -19.60
CA TYR E 49 8.14 -45.91 -18.79
C TYR E 49 8.88 -45.20 -17.67
N ASP E 50 8.51 -43.94 -17.50
CA ASP E 50 9.08 -43.12 -16.45
C ASP E 50 7.98 -42.25 -15.88
N THR E 51 7.91 -42.27 -14.56
CA THR E 51 6.81 -41.62 -13.82
C THR E 51 6.89 -40.10 -13.95
N VAL E 52 8.11 -39.64 -14.15
CA VAL E 52 8.48 -38.21 -14.04
C VAL E 52 8.67 -37.54 -15.40
N HIS E 53 9.65 -38.04 -16.14
CA HIS E 53 10.04 -37.46 -17.44
C HIS E 53 9.22 -37.97 -18.60
N GLY E 54 8.43 -38.98 -18.30
CA GLY E 54 7.46 -39.51 -19.28
C GLY E 54 7.98 -40.68 -20.05
N LYS E 55 7.29 -41.02 -21.12
CA LYS E 55 7.65 -42.22 -21.91
C LYS E 55 8.96 -41.96 -22.67
N PHE E 56 9.71 -43.02 -22.81
CA PHE E 56 11.00 -42.99 -23.50
C PHE E 56 10.74 -42.68 -24.97
N ASP E 57 11.55 -41.79 -25.51
CA ASP E 57 11.52 -41.47 -26.95
C ASP E 57 12.47 -42.44 -27.66
N GLY E 58 11.88 -43.45 -28.31
CA GLY E 58 12.64 -44.56 -28.89
C GLY E 58 11.91 -45.87 -28.78
N THR E 59 12.66 -46.97 -28.85
CA THR E 59 12.08 -48.33 -28.73
C THR E 59 13.05 -49.37 -28.16
N VAL E 60 12.51 -50.23 -27.30
CA VAL E 60 13.30 -51.24 -26.57
C VAL E 60 12.80 -52.67 -26.81
N GLU E 61 13.68 -53.63 -26.55
CA GLU E 61 13.33 -55.06 -26.64
C GLU E 61 14.25 -55.92 -25.77
N ALA E 62 13.73 -57.05 -25.32
CA ALA E 62 14.31 -57.78 -24.16
C ALA E 62 14.66 -59.26 -24.40
N PHE E 63 15.80 -59.65 -23.87
CA PHE E 63 16.40 -60.98 -24.09
C PHE E 63 17.13 -61.52 -22.87
N GLU E 64 17.39 -62.82 -22.87
CA GLU E 64 17.98 -63.49 -21.69
C GLU E 64 19.10 -62.65 -21.08
N ASP E 65 20.18 -62.55 -21.83
CA ASP E 65 21.39 -61.84 -21.36
C ASP E 65 21.64 -60.43 -21.95
N HIS E 66 20.83 -60.00 -22.90
CA HIS E 66 21.09 -58.70 -23.58
C HIS E 66 19.84 -57.92 -23.90
N LEU E 67 20.02 -56.70 -24.39
CA LEU E 67 18.89 -55.84 -24.83
C LEU E 67 19.02 -55.37 -26.25
N LEU E 68 18.08 -54.52 -26.55
CA LEU E 68 18.15 -53.69 -27.71
C LEU E 68 17.43 -52.37 -27.48
N VAL E 69 18.04 -51.30 -27.95
CA VAL E 69 17.42 -49.96 -27.84
C VAL E 69 17.65 -49.08 -29.05
N ASP E 70 16.57 -48.74 -29.73
CA ASP E 70 16.67 -47.78 -30.84
C ASP E 70 17.67 -48.28 -31.89
N GLY E 71 17.76 -49.59 -32.00
CA GLY E 71 18.59 -50.27 -33.03
C GLY E 71 19.91 -50.88 -32.58
N LYS E 72 20.17 -50.82 -31.29
CA LYS E 72 21.51 -51.10 -30.76
C LYS E 72 21.50 -52.21 -29.71
N MET E 73 22.63 -52.91 -29.61
CA MET E 73 22.75 -54.07 -28.72
C MET E 73 23.44 -53.67 -27.44
N ILE E 74 22.82 -54.00 -26.32
CA ILE E 74 23.37 -53.70 -25.01
C ILE E 74 23.50 -54.98 -24.21
N ARG E 75 24.67 -55.20 -23.63
CA ARG E 75 24.89 -56.42 -22.83
C ARG E 75 24.48 -56.19 -21.41
N LEU E 76 23.96 -57.22 -20.77
CA LEU E 76 23.65 -57.14 -19.33
C LEU E 76 24.34 -58.19 -18.50
N LEU E 77 24.74 -57.73 -17.35
CA LEU E 77 25.44 -58.57 -16.40
C LEU E 77 24.71 -58.43 -15.10
N ASN E 78 24.83 -59.43 -14.25
CA ASN E 78 24.58 -59.23 -12.84
C ASN E 78 25.82 -59.75 -12.16
N ASN E 79 26.71 -58.83 -11.84
CA ASN E 79 27.95 -59.13 -11.11
C ASN E 79 28.08 -58.13 -9.99
N ARG E 80 27.87 -58.61 -8.77
CA ARG E 80 27.87 -57.73 -7.59
C ARG E 80 29.24 -57.10 -7.46
N ASP E 81 30.23 -57.83 -7.96
CA ASP E 81 31.66 -57.49 -7.72
C ASP E 81 32.37 -56.93 -8.96
N PRO E 82 32.97 -55.73 -8.82
CA PRO E 82 33.67 -55.03 -9.89
C PRO E 82 34.84 -55.77 -10.53
N LYS E 83 35.68 -56.41 -9.71
CA LYS E 83 36.92 -57.10 -10.19
C LYS E 83 36.61 -58.17 -11.24
N GLU E 84 35.76 -59.08 -10.84
CA GLU E 84 35.22 -60.15 -11.71
C GLU E 84 34.48 -59.57 -12.92
N LEU E 85 34.10 -58.30 -12.80
CA LEU E 85 33.45 -57.61 -13.91
C LEU E 85 34.33 -57.87 -15.15
N PRO E 86 33.70 -58.19 -16.29
CA PRO E 86 34.40 -58.66 -17.47
C PRO E 86 34.84 -57.55 -18.41
N TRP E 87 35.47 -56.52 -17.88
CA TRP E 87 35.63 -55.25 -18.64
C TRP E 87 36.56 -55.30 -19.83
N THR E 88 37.77 -55.77 -19.56
CA THR E 88 38.81 -55.90 -20.60
C THR E 88 38.30 -56.64 -21.86
N ASP E 89 37.42 -57.60 -21.62
CA ASP E 89 36.82 -58.45 -22.71
C ASP E 89 35.86 -57.69 -23.65
N LEU E 90 34.80 -57.16 -23.07
CA LEU E 90 33.81 -56.37 -23.84
C LEU E 90 34.54 -55.16 -24.39
N GLY E 91 35.72 -54.98 -23.82
CA GLY E 91 36.68 -53.94 -24.26
C GLY E 91 36.17 -52.52 -24.01
N VAL E 92 35.89 -52.24 -22.76
CA VAL E 92 35.32 -50.94 -22.38
C VAL E 92 36.29 -50.07 -21.61
N GLU E 93 36.53 -48.91 -22.18
CA GLU E 93 37.52 -47.95 -21.64
C GLU E 93 37.04 -47.34 -20.31
N VAL E 94 35.81 -46.86 -20.33
CA VAL E 94 35.28 -45.99 -19.24
C VAL E 94 33.98 -46.48 -18.61
N VAL E 95 34.03 -46.64 -17.31
CA VAL E 95 32.91 -47.15 -16.49
C VAL E 95 32.18 -46.05 -15.71
N ILE E 96 30.95 -45.76 -16.13
CA ILE E 96 30.05 -44.85 -15.37
C ILE E 96 29.50 -45.60 -14.15
N GLU E 97 29.91 -45.20 -12.98
CA GLU E 97 29.56 -45.95 -11.78
C GLU E 97 28.39 -45.23 -11.11
N ALA E 98 27.21 -45.79 -11.29
CA ALA E 98 25.94 -45.22 -10.75
C ALA E 98 25.27 -46.03 -9.63
N THR E 99 25.90 -47.07 -9.16
CA THR E 99 25.30 -47.93 -8.11
C THR E 99 25.30 -47.21 -6.77
N GLY E 100 26.33 -46.42 -6.55
CA GLY E 100 26.46 -45.69 -5.30
C GLY E 100 27.09 -46.51 -4.19
N LYS E 101 27.41 -47.74 -4.50
CA LYS E 101 28.12 -48.60 -3.51
C LYS E 101 29.66 -48.53 -3.63
N PHE E 102 30.10 -48.04 -4.77
CA PHE E 102 31.56 -48.01 -5.12
C PHE E 102 32.25 -46.64 -5.13
N ASN E 103 31.64 -45.66 -4.50
CA ASN E 103 32.14 -44.25 -4.60
C ASN E 103 33.47 -43.95 -3.91
N SER E 104 34.03 -44.94 -3.25
CA SER E 104 35.39 -44.80 -2.70
C SER E 104 36.44 -45.23 -3.73
N LYS E 105 37.51 -44.45 -3.82
CA LYS E 105 38.53 -44.65 -4.90
C LYS E 105 38.87 -46.12 -5.11
N GLU E 106 39.37 -46.69 -4.04
CA GLU E 106 39.70 -48.12 -3.99
C GLU E 106 38.54 -48.91 -4.63
N LYS E 107 37.38 -48.83 -4.01
CA LYS E 107 36.24 -49.63 -4.48
C LYS E 107 36.10 -49.44 -5.99
N ALA E 108 36.14 -48.20 -6.41
CA ALA E 108 35.89 -47.89 -7.84
C ALA E 108 37.11 -48.13 -8.73
N ILE E 109 38.22 -48.48 -8.09
CA ILE E 109 39.49 -48.79 -8.83
C ILE E 109 39.48 -50.24 -9.39
N LEU E 110 38.50 -51.00 -8.92
CA LEU E 110 38.32 -52.41 -9.34
C LEU E 110 37.97 -52.48 -10.82
N HIS E 111 37.06 -51.61 -11.20
CA HIS E 111 36.73 -51.46 -12.63
C HIS E 111 37.99 -51.30 -13.43
N VAL E 112 38.91 -50.55 -12.84
CA VAL E 112 40.21 -50.23 -13.50
C VAL E 112 41.04 -51.48 -13.68
N GLU E 113 41.20 -52.15 -12.56
CA GLU E 113 41.91 -53.45 -12.49
C GLU E 113 41.35 -54.45 -13.48
N ALA E 114 40.05 -54.43 -13.60
CA ALA E 114 39.29 -55.45 -14.36
C ALA E 114 39.28 -55.10 -15.85
N GLY E 115 40.12 -54.14 -16.18
CA GLY E 115 40.42 -53.81 -17.60
C GLY E 115 39.99 -52.43 -18.04
N ALA E 116 39.21 -51.79 -17.18
CA ALA E 116 38.73 -50.42 -17.45
C ALA E 116 39.83 -49.39 -17.20
N LYS E 117 39.87 -48.38 -18.04
CA LYS E 117 40.84 -47.28 -17.85
C LYS E 117 40.37 -46.27 -16.80
N LYS E 118 39.44 -45.44 -17.23
CA LYS E 118 38.98 -44.29 -16.44
C LYS E 118 37.55 -44.52 -15.96
N VAL E 119 37.29 -44.18 -14.71
CA VAL E 119 35.96 -44.43 -14.12
C VAL E 119 35.34 -43.24 -13.38
N ILE E 120 34.09 -43.00 -13.74
CA ILE E 120 33.33 -41.79 -13.40
C ILE E 120 32.16 -41.96 -12.43
N LEU E 121 32.28 -41.33 -11.28
CA LEU E 121 31.29 -41.45 -10.20
C LEU E 121 30.19 -40.41 -10.35
N THR E 122 28.96 -40.90 -10.31
CA THR E 122 27.74 -40.07 -10.43
C THR E 122 27.31 -39.63 -9.03
N ALA E 123 28.30 -39.42 -8.20
CA ALA E 123 28.06 -38.98 -6.83
C ALA E 123 29.34 -38.48 -6.21
N PRO E 124 29.24 -37.61 -5.18
CA PRO E 124 30.44 -37.08 -4.56
C PRO E 124 31.34 -38.23 -4.13
N GLY E 125 32.55 -38.21 -4.61
CA GLY E 125 33.45 -39.34 -4.44
C GLY E 125 34.26 -39.17 -3.17
N LYS E 126 34.87 -40.25 -2.74
CA LYS E 126 35.84 -40.16 -1.62
C LYS E 126 37.23 -40.56 -2.04
N ASN E 127 38.19 -39.78 -1.58
CA ASN E 127 39.61 -40.07 -1.87
C ASN E 127 39.81 -40.22 -3.37
N GLU E 128 38.96 -39.55 -4.11
CA GLU E 128 38.97 -39.59 -5.60
C GLU E 128 40.04 -38.67 -6.16
N ASP E 129 40.53 -39.02 -7.34
CA ASP E 129 41.61 -38.21 -7.96
C ASP E 129 41.14 -36.78 -8.15
N VAL E 130 39.91 -36.66 -8.63
CA VAL E 130 39.41 -35.35 -9.00
C VAL E 130 37.89 -35.26 -8.96
N THR E 131 37.41 -34.11 -8.53
CA THR E 131 35.99 -33.77 -8.61
C THR E 131 35.81 -32.68 -9.65
N ILE E 132 34.89 -32.91 -10.55
CA ILE E 132 34.63 -32.00 -11.67
C ILE E 132 33.18 -31.61 -11.79
N VAL E 133 32.93 -30.34 -11.53
CA VAL E 133 31.65 -29.71 -11.87
C VAL E 133 31.81 -28.97 -13.18
N VAL E 134 30.99 -29.34 -14.14
CA VAL E 134 31.03 -28.75 -15.48
C VAL E 134 30.48 -27.34 -15.51
N GLY E 135 31.20 -26.48 -16.21
CA GLY E 135 30.90 -25.04 -16.31
C GLY E 135 31.79 -24.27 -15.35
N VAL E 136 32.52 -25.05 -14.55
CA VAL E 136 33.27 -24.50 -13.42
C VAL E 136 34.75 -24.85 -13.47
N ASN E 137 35.09 -26.03 -13.03
CA ASN E 137 36.49 -26.51 -13.05
C ASN E 137 36.81 -27.57 -14.10
N GLU E 138 35.95 -27.76 -15.08
CA GLU E 138 36.13 -28.88 -16.00
C GLU E 138 37.51 -28.83 -16.61
N ASP E 139 38.15 -27.69 -16.45
CA ASP E 139 39.51 -27.44 -16.94
C ASP E 139 40.63 -28.08 -16.14
N GLN E 140 40.32 -28.48 -14.91
CA GLN E 140 41.34 -29.03 -14.00
C GLN E 140 41.53 -30.55 -14.18
N LEU E 141 40.85 -31.07 -15.19
CA LEU E 141 40.90 -32.50 -15.53
C LEU E 141 42.03 -32.83 -16.49
N ASP E 142 42.99 -33.55 -15.95
CA ASP E 142 44.17 -34.05 -16.67
C ASP E 142 44.03 -35.56 -16.78
N ILE E 143 43.77 -36.03 -17.98
CA ILE E 143 43.44 -37.46 -18.17
C ILE E 143 44.54 -38.37 -17.64
N THR E 144 45.75 -37.85 -17.66
CA THR E 144 46.96 -38.63 -17.28
C THR E 144 47.11 -38.77 -15.77
N LYS E 145 46.73 -37.71 -15.08
CA LYS E 145 46.83 -37.65 -13.61
C LYS E 145 45.65 -38.36 -12.93
N HIS E 146 44.46 -38.14 -13.48
CA HIS E 146 43.20 -38.63 -12.87
C HIS E 146 42.57 -39.84 -13.52
N THR E 147 42.31 -40.85 -12.71
CA THR E 147 41.57 -42.06 -13.18
C THR E 147 40.15 -42.11 -12.61
N VAL E 148 40.06 -42.13 -11.28
CA VAL E 148 38.78 -42.10 -10.54
C VAL E 148 38.24 -40.68 -10.30
N ILE E 149 37.20 -40.34 -11.04
CA ILE E 149 36.69 -38.97 -11.17
C ILE E 149 35.23 -38.81 -10.74
N SER E 150 34.96 -37.78 -9.94
CA SER E 150 33.58 -37.53 -9.46
C SER E 150 32.92 -36.31 -10.09
N ASN E 151 31.63 -36.43 -10.32
CA ASN E 151 30.82 -35.34 -10.89
C ASN E 151 30.07 -34.58 -9.80
N ALA E 152 30.40 -34.95 -8.59
CA ALA E 152 29.79 -34.38 -7.35
C ALA E 152 28.30 -34.66 -7.28
N SER E 153 27.60 -33.83 -6.53
CA SER E 153 26.17 -34.05 -6.28
C SER E 153 25.40 -33.00 -7.05
N CYS E 154 24.19 -33.34 -7.41
CA CYS E 154 23.39 -32.45 -8.25
C CYS E 154 23.15 -31.07 -7.61
N THR E 155 23.17 -31.03 -6.29
CA THR E 155 23.06 -29.76 -5.55
C THR E 155 24.30 -28.89 -5.76
N THR E 156 25.43 -29.52 -5.67
CA THR E 156 26.71 -28.83 -5.92
C THR E 156 26.77 -28.33 -7.36
N ASN E 157 26.18 -29.08 -8.25
CA ASN E 157 26.12 -28.71 -9.66
C ASN E 157 25.20 -27.53 -9.93
N CYS E 158 24.30 -27.30 -9.01
CA CYS E 158 23.43 -26.09 -9.10
C CYS E 158 24.12 -24.90 -8.44
N LEU E 159 24.73 -25.16 -7.31
CA LEU E 159 25.31 -24.11 -6.46
C LEU E 159 26.64 -23.57 -6.97
N ALA E 160 27.45 -24.43 -7.53
CA ALA E 160 28.83 -24.03 -7.96
C ALA E 160 28.82 -23.04 -9.10
N PRO E 161 27.94 -23.20 -10.06
CA PRO E 161 27.84 -22.24 -11.13
C PRO E 161 27.32 -20.87 -10.69
N VAL E 162 26.36 -20.87 -9.80
CA VAL E 162 25.76 -19.61 -9.35
C VAL E 162 26.78 -18.80 -8.58
N VAL E 163 27.44 -19.51 -7.70
CA VAL E 163 28.44 -18.93 -6.80
C VAL E 163 29.67 -18.45 -7.56
N LYS E 164 29.92 -19.06 -8.68
CA LYS E 164 31.02 -18.63 -9.54
C LYS E 164 30.67 -17.27 -10.15
N VAL E 165 29.54 -17.21 -10.81
CA VAL E 165 29.11 -15.96 -11.45
C VAL E 165 29.11 -14.79 -10.48
N LEU E 166 28.67 -15.03 -9.28
CA LEU E 166 28.62 -13.97 -8.26
C LEU E 166 30.05 -13.59 -7.81
N ASP E 167 30.89 -14.59 -7.61
CA ASP E 167 32.26 -14.34 -7.13
C ASP E 167 33.05 -13.50 -8.12
N GLU E 168 33.02 -13.97 -9.35
CA GLU E 168 33.78 -13.34 -10.43
C GLU E 168 33.35 -11.91 -10.68
N GLN E 169 32.05 -11.72 -10.66
CA GLN E 169 31.44 -10.41 -10.99
C GLN E 169 31.41 -9.37 -9.86
N PHE E 170 31.00 -9.79 -8.69
CA PHE E 170 30.84 -8.90 -7.52
C PHE E 170 31.74 -9.22 -6.34
N GLY E 171 32.35 -10.39 -6.39
CA GLY E 171 33.16 -10.89 -5.26
C GLY E 171 32.21 -11.34 -4.19
N ILE E 172 32.60 -12.35 -3.42
CA ILE E 172 31.72 -12.88 -2.34
C ILE E 172 32.34 -12.67 -0.98
N GLU E 173 31.52 -12.33 -0.02
CA GLU E 173 32.00 -12.08 1.34
C GLU E 173 31.63 -13.30 2.19
N ASN E 174 30.33 -13.44 2.42
CA ASN E 174 29.73 -14.55 3.18
C ASN E 174 28.54 -15.12 2.41
N GLY E 175 28.12 -16.30 2.78
CA GLY E 175 26.82 -16.76 2.33
C GLY E 175 26.25 -17.87 3.19
N LEU E 176 24.93 -17.88 3.26
CA LEU E 176 24.18 -19.00 3.83
C LEU E 176 23.17 -19.45 2.78
N MET E 177 23.13 -20.74 2.56
CA MET E 177 22.22 -21.27 1.59
C MET E 177 21.33 -22.23 2.35
N THR E 178 20.09 -22.28 1.93
CA THR E 178 19.20 -23.36 2.29
C THR E 178 18.94 -24.06 1.00
N THR E 179 19.01 -25.38 1.02
CA THR E 179 18.58 -26.20 -0.13
C THR E 179 17.22 -26.84 0.11
N VAL E 180 16.33 -26.73 -0.85
CA VAL E 180 14.99 -27.34 -0.71
C VAL E 180 14.82 -28.53 -1.66
N HIS E 181 14.92 -29.71 -1.10
CA HIS E 181 15.07 -30.98 -1.86
C HIS E 181 13.79 -31.70 -2.10
N ALA E 182 13.43 -31.80 -3.35
CA ALA E 182 12.38 -32.76 -3.72
C ALA E 182 12.90 -34.16 -3.35
N TYR E 183 11.97 -35.02 -2.95
CA TYR E 183 12.32 -36.42 -2.64
C TYR E 183 12.55 -37.20 -3.96
N LEU E 197 19.00 -40.05 10.70
CA LEU E 197 19.16 -39.03 11.74
C LEU E 197 17.80 -38.39 12.00
N ARG E 198 17.54 -37.28 11.31
CA ARG E 198 16.18 -36.80 11.04
C ARG E 198 15.69 -37.46 9.76
N ARG E 199 16.66 -37.97 9.05
CA ARG E 199 16.45 -38.64 7.75
C ARG E 199 15.76 -40.00 7.92
N ALA E 200 15.77 -40.51 9.16
CA ALA E 200 15.14 -41.84 9.46
C ALA E 200 13.59 -41.76 9.40
N ARG E 201 13.10 -40.54 9.59
CA ARG E 201 11.65 -40.26 9.68
C ARG E 201 10.95 -40.22 8.33
N ALA E 202 9.65 -40.46 8.36
CA ALA E 202 8.82 -40.50 7.13
C ALA E 202 8.58 -39.10 6.54
N CYS E 203 9.05 -38.95 5.32
CA CYS E 203 9.19 -37.63 4.66
C CYS E 203 7.99 -37.20 3.85
N GLY E 204 7.02 -38.10 3.76
CA GLY E 204 5.83 -37.91 2.89
C GLY E 204 4.94 -36.76 3.35
N GLN E 205 4.77 -36.70 4.65
CA GLN E 205 3.92 -35.65 5.24
C GLN E 205 4.75 -34.49 5.85
N SER E 206 6.07 -34.55 5.72
CA SER E 206 6.98 -33.64 6.47
C SER E 206 7.94 -32.78 5.69
N ILE E 207 8.18 -31.60 6.24
CA ILE E 207 9.40 -30.84 5.93
C ILE E 207 10.53 -31.31 6.86
N ILE E 208 11.51 -31.98 6.28
CA ILE E 208 12.62 -32.58 7.06
C ILE E 208 13.93 -31.75 6.95
N PRO E 209 14.31 -31.05 8.01
CA PRO E 209 15.59 -30.37 7.96
C PRO E 209 16.75 -31.35 8.05
N THR E 210 17.80 -31.06 7.32
CA THR E 210 18.98 -31.93 7.38
C THR E 210 20.27 -31.21 6.98
N THR E 211 21.36 -31.94 6.97
CA THR E 211 22.64 -31.38 6.49
C THR E 211 22.71 -31.44 4.96
N THR E 212 23.55 -30.58 4.42
CA THR E 212 23.97 -30.64 3.01
C THR E 212 25.50 -30.56 2.91
N GLY E 213 26.04 -31.20 1.89
CA GLY E 213 27.50 -31.21 1.68
C GLY E 213 27.94 -30.34 0.52
N ALA E 214 26.96 -29.66 -0.05
CA ALA E 214 27.15 -28.89 -1.29
C ALA E 214 28.05 -27.66 -1.09
N ALA E 215 27.96 -27.09 0.10
CA ALA E 215 28.79 -25.91 0.43
C ALA E 215 30.24 -26.28 0.72
N LYS E 216 30.45 -27.43 1.34
CA LYS E 216 31.84 -27.88 1.66
C LYS E 216 32.48 -28.52 0.42
N ALA E 217 31.65 -29.08 -0.43
CA ALA E 217 32.11 -29.62 -1.74
C ALA E 217 32.73 -28.53 -2.63
N LEU E 218 32.36 -27.29 -2.40
CA LEU E 218 32.92 -26.20 -3.21
C LEU E 218 34.45 -26.15 -3.05
N ALA E 219 34.90 -26.57 -1.87
CA ALA E 219 36.36 -26.62 -1.56
C ALA E 219 37.10 -27.45 -2.61
N LYS E 220 36.38 -28.43 -3.14
CA LYS E 220 36.94 -29.30 -4.18
C LYS E 220 36.96 -28.63 -5.55
N VAL E 221 35.91 -27.91 -5.90
CA VAL E 221 35.82 -27.25 -7.24
C VAL E 221 36.05 -25.74 -7.29
N LEU E 222 35.99 -25.10 -6.15
CA LEU E 222 36.11 -23.62 -6.08
C LEU E 222 36.87 -23.19 -4.85
N PRO E 223 38.17 -23.52 -4.81
CA PRO E 223 38.89 -23.51 -3.55
C PRO E 223 39.10 -22.10 -2.96
N HIS E 224 39.09 -21.08 -3.78
CA HIS E 224 39.25 -19.70 -3.25
C HIS E 224 38.09 -19.30 -2.37
N LEU E 225 37.05 -20.11 -2.36
CA LEU E 225 35.82 -19.84 -1.57
C LEU E 225 35.64 -20.58 -0.24
N ASN E 226 36.67 -21.28 0.20
CA ASN E 226 36.59 -22.01 1.47
C ASN E 226 36.21 -21.19 2.68
N GLY E 227 35.26 -21.70 3.42
CA GLY E 227 34.86 -21.13 4.70
C GLY E 227 33.92 -19.94 4.57
N LYS E 228 33.68 -19.56 3.32
CA LYS E 228 32.79 -18.44 3.00
C LYS E 228 31.31 -18.83 2.91
N LEU E 229 31.07 -20.06 2.49
CA LEU E 229 29.70 -20.61 2.32
C LEU E 229 29.41 -21.85 3.17
N HIS E 230 28.33 -21.77 3.92
CA HIS E 230 27.78 -22.85 4.73
C HIS E 230 26.32 -22.98 4.42
N GLY E 231 25.73 -24.13 4.70
CA GLY E 231 24.33 -24.34 4.38
C GLY E 231 23.69 -25.56 4.98
N MET E 232 22.42 -25.71 4.66
CA MET E 232 21.63 -26.79 5.20
C MET E 232 20.58 -27.16 4.18
N ALA E 233 19.79 -28.17 4.49
CA ALA E 233 18.80 -28.65 3.54
C ALA E 233 17.42 -28.78 4.17
N LEU E 234 16.43 -28.75 3.30
CA LEU E 234 15.05 -29.01 3.66
C LEU E 234 14.54 -29.97 2.61
N ARG E 235 14.23 -31.16 3.04
CA ARG E 235 13.54 -32.14 2.17
C ARG E 235 12.05 -31.91 2.29
N VAL E 236 11.42 -31.70 1.16
CA VAL E 236 9.94 -31.58 1.13
C VAL E 236 9.36 -32.68 0.28
N PRO E 237 8.08 -33.03 0.46
CA PRO E 237 7.54 -34.13 -0.32
C PRO E 237 7.04 -33.67 -1.67
N THR E 238 7.95 -33.32 -2.56
CA THR E 238 7.64 -32.87 -3.94
C THR E 238 8.36 -33.79 -4.92
N PRO E 239 7.80 -33.99 -6.12
CA PRO E 239 8.28 -35.14 -6.86
C PRO E 239 9.69 -35.01 -7.43
N ASN E 240 10.01 -33.90 -8.07
CA ASN E 240 11.28 -33.86 -8.83
C ASN E 240 12.17 -32.63 -8.67
N VAL E 241 11.66 -31.48 -9.06
CA VAL E 241 12.50 -30.29 -9.08
C VAL E 241 12.85 -29.82 -7.67
N SER E 242 14.07 -29.35 -7.52
CA SER E 242 14.60 -28.85 -6.23
C SER E 242 15.05 -27.40 -6.37
N LEU E 243 15.31 -26.74 -5.26
CA LEU E 243 15.94 -25.43 -5.36
C LEU E 243 17.01 -25.13 -4.31
N VAL E 244 17.93 -24.29 -4.71
CA VAL E 244 18.92 -23.73 -3.83
C VAL E 244 18.54 -22.30 -3.61
N ASP E 245 18.44 -21.92 -2.37
CA ASP E 245 18.17 -20.54 -2.07
C ASP E 245 19.32 -19.99 -1.25
N LEU E 246 19.97 -19.02 -1.85
CA LEU E 246 21.25 -18.55 -1.37
C LEU E 246 21.22 -17.08 -0.91
N VAL E 247 21.82 -16.81 0.21
CA VAL E 247 21.92 -15.43 0.63
C VAL E 247 23.37 -15.04 0.84
N VAL E 248 23.90 -14.27 -0.08
CA VAL E 248 25.30 -13.87 0.05
C VAL E 248 25.43 -12.40 0.27
N ASP E 249 26.46 -12.05 1.00
CA ASP E 249 26.98 -10.68 0.95
C ASP E 249 28.13 -10.60 -0.04
N VAL E 250 28.08 -9.56 -0.87
CA VAL E 250 29.05 -9.37 -1.96
C VAL E 250 29.99 -8.25 -1.60
N LYS E 251 30.99 -8.05 -2.44
CA LYS E 251 32.14 -7.16 -2.09
C LYS E 251 32.02 -5.74 -2.59
N ARG E 252 31.01 -5.51 -3.40
CA ARG E 252 30.70 -4.18 -3.93
C ARG E 252 29.18 -3.98 -4.17
N ASP E 253 28.78 -2.73 -4.31
CA ASP E 253 27.34 -2.42 -4.44
C ASP E 253 26.72 -3.04 -5.70
N VAL E 254 25.55 -3.63 -5.48
CA VAL E 254 24.78 -4.22 -6.58
C VAL E 254 23.29 -3.82 -6.51
N THR E 255 22.56 -4.13 -7.57
CA THR E 255 21.10 -4.06 -7.54
C THR E 255 20.43 -5.32 -8.08
N VAL E 256 19.11 -5.37 -8.04
CA VAL E 256 18.36 -6.53 -8.60
C VAL E 256 18.67 -6.69 -10.09
N GLU E 257 18.63 -5.58 -10.81
CA GLU E 257 18.84 -5.61 -12.28
C GLU E 257 20.28 -6.04 -12.57
N ALA E 258 21.20 -5.54 -11.78
CA ALA E 258 22.64 -5.85 -11.97
C ALA E 258 22.87 -7.36 -11.79
N ILE E 259 22.49 -7.87 -10.63
CA ILE E 259 22.55 -9.32 -10.38
C ILE E 259 21.90 -10.11 -11.50
N ASN E 260 20.64 -9.83 -11.71
CA ASN E 260 19.85 -10.51 -12.75
C ASN E 260 20.50 -10.43 -14.13
N ASP E 261 21.17 -9.34 -14.37
CA ASP E 261 21.81 -9.18 -15.67
C ASP E 261 23.04 -10.05 -15.79
N ALA E 262 23.72 -10.20 -14.67
CA ALA E 262 24.93 -11.03 -14.65
C ALA E 262 24.57 -12.44 -15.09
N PHE E 263 23.43 -12.90 -14.63
CA PHE E 263 22.96 -14.29 -14.92
C PHE E 263 22.44 -14.44 -16.34
N LYS E 264 21.83 -13.40 -16.82
CA LYS E 264 21.35 -13.39 -18.23
C LYS E 264 22.53 -13.48 -19.19
N THR E 265 23.52 -12.64 -18.96
CA THR E 265 24.71 -12.59 -19.81
C THR E 265 25.40 -13.94 -19.88
N VAL E 266 25.62 -14.51 -18.70
CA VAL E 266 26.39 -15.76 -18.58
C VAL E 266 25.65 -16.96 -19.17
N ALA E 267 24.34 -16.86 -19.20
CA ALA E 267 23.47 -17.92 -19.74
C ALA E 267 23.39 -17.84 -21.27
N ASN E 268 23.77 -16.69 -21.77
CA ASN E 268 23.92 -16.46 -23.23
C ASN E 268 25.32 -16.76 -23.70
N GLY E 269 26.18 -16.88 -22.71
CA GLY E 269 27.66 -16.95 -22.88
C GLY E 269 28.33 -18.27 -22.56
N ALA E 270 29.41 -18.10 -21.79
CA ALA E 270 30.26 -19.20 -21.27
C ALA E 270 29.53 -20.27 -20.43
N LEU E 271 28.42 -19.90 -19.83
CA LEU E 271 27.62 -20.90 -19.08
C LEU E 271 26.41 -21.43 -19.89
N LYS E 272 26.41 -21.12 -21.17
CA LYS E 272 25.27 -21.47 -22.03
C LYS E 272 24.93 -22.93 -21.82
N GLY E 273 23.65 -23.17 -21.57
CA GLY E 273 23.14 -24.53 -21.37
C GLY E 273 23.52 -25.16 -20.04
N ILE E 274 24.46 -24.56 -19.33
CA ILE E 274 24.68 -24.94 -17.92
C ILE E 274 23.70 -24.19 -17.04
N VAL E 275 23.67 -22.88 -17.23
CA VAL E 275 22.85 -21.95 -16.44
C VAL E 275 21.85 -21.23 -17.31
N GLU E 276 20.66 -21.10 -16.76
CA GLU E 276 19.53 -20.45 -17.44
C GLU E 276 18.92 -19.40 -16.57
N PHE E 277 18.40 -18.35 -17.21
CA PHE E 277 17.70 -17.27 -16.47
C PHE E 277 16.25 -17.28 -16.91
N SER E 278 15.37 -17.44 -15.96
CA SER E 278 13.93 -17.45 -16.23
C SER E 278 13.32 -16.16 -15.70
N GLU E 279 12.63 -15.42 -16.54
CA GLU E 279 11.95 -14.15 -16.09
C GLU E 279 10.50 -14.30 -15.65
N GLU E 280 9.94 -15.47 -15.94
CA GLU E 280 8.49 -15.74 -15.75
C GLU E 280 8.08 -16.13 -14.32
N PRO E 281 6.78 -16.03 -14.00
CA PRO E 281 6.31 -16.55 -12.74
C PRO E 281 5.92 -18.01 -12.92
N LEU E 282 6.91 -18.86 -12.79
CA LEU E 282 6.71 -20.30 -12.86
C LEU E 282 6.75 -20.96 -11.49
N VAL E 283 6.40 -22.23 -11.49
CA VAL E 283 6.42 -23.03 -10.26
C VAL E 283 7.26 -24.26 -10.54
N SER E 284 7.67 -24.95 -9.49
CA SER E 284 8.80 -25.92 -9.61
C SER E 284 8.60 -27.00 -10.67
N ILE E 285 7.36 -27.34 -10.94
CA ILE E 285 7.09 -28.47 -11.87
C ILE E 285 7.43 -28.10 -13.31
N ASP E 286 7.42 -26.80 -13.56
CA ASP E 286 7.62 -26.26 -14.91
C ASP E 286 9.03 -26.45 -15.41
N PHE E 287 9.93 -26.70 -14.49
CA PHE E 287 11.37 -26.98 -14.81
C PHE E 287 11.67 -28.46 -14.90
N ASN E 288 10.62 -29.21 -14.79
CA ASN E 288 10.67 -30.65 -14.97
C ASN E 288 11.40 -30.96 -16.22
N THR E 289 12.28 -31.93 -16.17
CA THR E 289 12.87 -32.44 -17.41
C THR E 289 13.71 -31.35 -18.15
N ASN E 290 14.14 -30.38 -17.38
CA ASN E 290 15.01 -29.29 -17.85
C ASN E 290 16.49 -29.70 -17.78
N THR E 291 17.29 -29.35 -18.77
CA THR E 291 18.70 -29.87 -18.80
C THR E 291 19.77 -28.97 -18.20
N HIS E 292 19.38 -27.86 -17.64
CA HIS E 292 20.37 -26.94 -17.03
C HIS E 292 20.71 -27.30 -15.59
N SER E 293 21.95 -27.03 -15.24
CA SER E 293 22.45 -27.32 -13.89
C SER E 293 21.82 -26.38 -12.86
N ALA E 294 21.60 -25.16 -13.31
CA ALA E 294 20.99 -24.10 -12.50
C ALA E 294 20.04 -23.21 -13.32
N ILE E 295 18.83 -23.07 -12.81
CA ILE E 295 17.81 -22.21 -13.40
C ILE E 295 17.42 -21.09 -12.47
N ILE E 296 17.84 -19.91 -12.82
CA ILE E 296 17.71 -18.76 -11.94
C ILE E 296 16.28 -18.17 -11.99
N ASP E 297 15.68 -18.05 -10.84
CA ASP E 297 14.34 -17.52 -10.77
C ASP E 297 14.43 -16.01 -10.63
N GLY E 298 14.23 -15.34 -11.75
CA GLY E 298 14.53 -13.91 -11.90
C GLY E 298 13.67 -12.98 -11.07
N LEU E 299 12.42 -13.36 -10.89
CA LEU E 299 11.48 -12.54 -10.10
C LEU E 299 11.83 -12.58 -8.60
N SER E 300 12.63 -13.55 -8.23
CA SER E 300 12.96 -13.81 -6.80
C SER E 300 14.23 -13.13 -6.28
N THR E 301 15.06 -12.65 -7.20
CA THR E 301 16.32 -12.00 -6.82
C THR E 301 15.96 -10.84 -5.92
N MET E 302 16.65 -10.68 -4.82
CA MET E 302 16.41 -9.51 -3.97
C MET E 302 17.74 -8.90 -3.55
N VAL E 303 17.75 -7.62 -3.24
CA VAL E 303 18.94 -6.95 -2.66
C VAL E 303 18.62 -6.06 -1.47
N MET E 304 19.31 -6.27 -0.37
CA MET E 304 19.14 -5.42 0.84
C MET E 304 20.44 -4.73 1.15
N GLY E 305 20.33 -3.44 1.41
CA GLY E 305 21.45 -2.65 1.87
C GLY E 305 22.57 -2.58 0.87
N ASP E 306 22.24 -2.80 -0.40
CA ASP E 306 23.24 -2.73 -1.50
C ASP E 306 24.19 -3.91 -1.60
N ARG E 307 24.27 -4.70 -0.55
CA ARG E 307 25.28 -5.81 -0.49
C ARG E 307 24.69 -7.24 -0.42
N LYS E 308 23.78 -7.42 0.52
CA LYS E 308 23.07 -8.68 0.76
C LYS E 308 22.14 -9.12 -0.40
N VAL E 309 22.30 -10.32 -0.85
CA VAL E 309 21.64 -10.74 -2.08
C VAL E 309 21.04 -12.10 -1.97
N LYS E 310 19.76 -12.18 -2.31
CA LYS E 310 19.09 -13.48 -2.42
C LYS E 310 19.02 -13.86 -3.87
N VAL E 311 19.40 -15.08 -4.12
CA VAL E 311 19.21 -15.69 -5.42
C VAL E 311 18.54 -17.04 -5.31
N LEU E 312 17.66 -17.32 -6.25
CA LEU E 312 16.97 -18.63 -6.36
C LEU E 312 17.32 -19.40 -7.60
N ALA E 313 17.78 -20.61 -7.38
CA ALA E 313 18.20 -21.47 -8.46
C ALA E 313 17.41 -22.77 -8.46
N TRP E 314 16.56 -22.95 -9.46
CA TRP E 314 15.84 -24.24 -9.66
C TRP E 314 16.82 -25.22 -10.26
N TYR E 315 16.65 -26.49 -9.96
CA TYR E 315 17.31 -27.57 -10.74
C TYR E 315 16.54 -28.88 -10.68
N ASP E 316 16.41 -29.54 -11.81
CA ASP E 316 15.84 -30.88 -11.79
C ASP E 316 16.93 -31.85 -11.34
N ASN E 317 16.71 -32.45 -10.18
CA ASN E 317 17.80 -33.18 -9.47
C ASN E 317 18.17 -34.53 -10.10
N GLU E 318 17.40 -34.90 -11.10
CA GLU E 318 17.77 -36.05 -11.93
C GLU E 318 18.30 -35.62 -13.28
N TRP E 319 17.50 -34.85 -13.97
CA TRP E 319 17.72 -34.55 -15.39
C TRP E 319 18.91 -33.67 -15.70
N GLY E 320 18.95 -32.50 -15.09
CA GLY E 320 20.07 -31.57 -15.30
C GLY E 320 21.39 -32.24 -14.95
N TYR E 321 21.42 -32.78 -13.75
CA TYR E 321 22.59 -33.50 -13.26
C TYR E 321 23.10 -34.58 -14.18
N SER E 322 22.18 -35.41 -14.63
CA SER E 322 22.59 -36.60 -15.39
C SER E 322 22.95 -36.21 -16.81
N ARG E 323 22.65 -34.98 -17.18
CA ARG E 323 23.18 -34.42 -18.45
C ARG E 323 24.68 -34.04 -18.30
N ARG E 324 25.03 -33.46 -17.16
CA ARG E 324 26.42 -33.10 -16.90
C ARG E 324 27.25 -34.38 -16.88
N VAL E 325 26.61 -35.47 -16.52
CA VAL E 325 27.31 -36.78 -16.45
C VAL E 325 27.66 -37.23 -17.86
N VAL E 326 26.72 -37.13 -18.77
CA VAL E 326 27.05 -37.40 -20.16
C VAL E 326 28.20 -36.44 -20.49
N ASP E 327 27.97 -35.18 -20.22
CA ASP E 327 28.97 -34.14 -20.48
C ASP E 327 30.38 -34.53 -19.99
N LEU E 328 30.46 -34.91 -18.73
CA LEU E 328 31.76 -35.23 -18.13
C LEU E 328 32.34 -36.44 -18.82
N VAL E 329 31.47 -37.35 -19.19
CA VAL E 329 31.92 -38.66 -19.75
C VAL E 329 32.49 -38.45 -21.14
N THR E 330 31.96 -37.48 -21.84
CA THR E 330 32.40 -37.25 -23.24
C THR E 330 33.70 -36.42 -23.32
N LEU E 331 34.03 -35.72 -22.25
CA LEU E 331 35.28 -34.94 -22.21
C LEU E 331 36.42 -35.90 -22.12
N VAL E 332 36.21 -36.83 -21.23
CA VAL E 332 37.22 -37.87 -20.92
C VAL E 332 37.49 -38.65 -22.19
N VAL E 333 36.40 -38.89 -22.89
CA VAL E 333 36.41 -39.55 -24.21
C VAL E 333 37.13 -38.73 -25.28
N ASP E 334 37.00 -37.41 -25.17
CA ASP E 334 37.69 -36.47 -26.10
C ASP E 334 39.16 -36.22 -25.72
N GLU E 335 39.45 -36.39 -24.44
CA GLU E 335 40.82 -36.64 -23.99
C GLU E 335 41.00 -38.11 -24.22
N LEU E 336 42.13 -38.66 -23.81
CA LEU E 336 42.29 -40.13 -23.78
C LEU E 336 42.51 -40.67 -25.21
N ALA E 337 42.02 -39.88 -26.14
CA ALA E 337 42.38 -39.98 -27.55
C ALA E 337 43.69 -39.24 -27.68
N LYS E 338 43.60 -37.97 -27.32
CA LYS E 338 44.72 -37.02 -27.36
C LYS E 338 45.68 -37.24 -26.19
N MET F 4 -18.90 -12.06 32.70
CA MET F 4 -18.18 -12.53 31.49
C MET F 4 -18.71 -11.74 30.30
N THR F 5 -17.88 -11.64 29.28
CA THR F 5 -18.23 -10.82 28.12
C THR F 5 -18.58 -11.65 26.91
N ARG F 6 -19.70 -11.33 26.32
CA ARG F 6 -20.17 -12.08 25.15
C ARG F 6 -19.31 -11.77 23.92
N VAL F 7 -18.87 -12.84 23.29
CA VAL F 7 -18.15 -12.76 22.02
C VAL F 7 -18.85 -13.52 20.89
N ALA F 8 -18.60 -13.11 19.68
CA ALA F 8 -19.17 -13.76 18.50
C ALA F 8 -18.08 -14.06 17.49
N ILE F 9 -18.18 -15.22 16.86
CA ILE F 9 -17.27 -15.55 15.78
C ILE F 9 -18.06 -15.36 14.53
N ASN F 10 -17.46 -14.76 13.55
CA ASN F 10 -18.12 -14.52 12.26
C ASN F 10 -17.36 -15.26 11.18
N GLY F 11 -18.01 -16.28 10.65
CA GLY F 11 -17.43 -17.23 9.68
C GLY F 11 -16.86 -18.45 10.36
N PHE F 12 -16.89 -19.58 9.68
CA PHE F 12 -16.40 -20.84 10.27
C PHE F 12 -15.51 -21.60 9.30
N GLY F 13 -14.51 -20.89 8.83
CA GLY F 13 -13.50 -21.49 7.98
C GLY F 13 -12.53 -22.16 8.95
N ARG F 14 -11.32 -22.44 8.49
CA ARG F 14 -10.34 -23.11 9.33
C ARG F 14 -9.99 -22.33 10.58
N ILE F 15 -9.83 -21.05 10.41
CA ILE F 15 -9.38 -20.19 11.54
C ILE F 15 -10.52 -20.01 12.52
N GLY F 16 -11.69 -19.80 11.95
CA GLY F 16 -12.94 -19.70 12.73
C GLY F 16 -13.08 -20.89 13.67
N ARG F 17 -12.86 -22.07 13.11
CA ARG F 17 -12.99 -23.33 13.85
C ARG F 17 -11.95 -23.47 14.97
N MET F 18 -10.69 -23.28 14.61
CA MET F 18 -9.60 -23.44 15.62
C MET F 18 -9.75 -22.43 16.75
N VAL F 19 -9.96 -21.17 16.35
CA VAL F 19 -10.20 -20.09 17.32
C VAL F 19 -11.32 -20.55 18.28
N PHE F 20 -12.39 -20.95 17.66
CA PHE F 20 -13.57 -21.38 18.40
C PHE F 20 -13.19 -22.42 19.45
N ARG F 21 -12.45 -23.37 18.95
CA ARG F 21 -12.11 -24.58 19.72
C ARG F 21 -11.37 -24.34 21.03
N GLN F 22 -10.39 -23.47 20.96
CA GLN F 22 -9.56 -23.17 22.16
C GLN F 22 -10.15 -22.04 22.97
N ALA F 23 -11.10 -21.37 22.37
CA ALA F 23 -11.82 -20.27 23.03
C ALA F 23 -12.77 -20.82 24.10
N ILE F 24 -13.49 -21.88 23.74
CA ILE F 24 -14.41 -22.53 24.69
C ILE F 24 -13.63 -23.33 25.74
N LYS F 25 -12.59 -24.02 25.29
C LYS F 25 -11.56 -22.72 27.47
N GLU F 26 -12.13 -21.53 27.54
CA GLU F 26 -11.52 -20.44 28.34
C GLU F 26 -12.48 -19.62 29.16
N SER F 27 -11.94 -19.11 30.25
CA SER F 27 -12.71 -18.46 31.32
C SER F 27 -13.04 -16.99 31.09
N ALA F 28 -12.05 -16.26 30.59
CA ALA F 28 -12.09 -14.77 30.53
C ALA F 28 -13.27 -14.19 29.77
N PHE F 29 -13.86 -15.01 28.95
CA PHE F 29 -15.03 -14.62 28.15
C PHE F 29 -15.74 -15.84 27.60
N GLU F 30 -16.82 -15.62 26.91
CA GLU F 30 -17.64 -16.73 26.48
C GLU F 30 -18.22 -16.51 25.09
N ILE F 31 -18.05 -17.52 24.25
CA ILE F 31 -18.59 -17.47 22.89
C ILE F 31 -20.09 -17.76 22.95
N VAL F 32 -20.88 -16.77 22.61
CA VAL F 32 -22.35 -16.93 22.63
C VAL F 32 -23.00 -17.03 21.26
N ALA F 33 -22.22 -16.87 20.21
CA ALA F 33 -22.79 -16.89 18.85
C ALA F 33 -21.78 -17.22 17.76
N ILE F 34 -22.28 -17.80 16.70
CA ILE F 34 -21.52 -17.97 15.45
C ILE F 34 -22.40 -17.52 14.31
N ASN F 35 -21.89 -16.68 13.43
CA ASN F 35 -22.58 -16.46 12.15
C ASN F 35 -21.84 -17.21 11.07
N ALA F 36 -22.52 -18.17 10.47
CA ALA F 36 -21.91 -19.08 9.48
C ALA F 36 -22.80 -19.29 8.27
N SER F 37 -22.24 -19.95 7.27
CA SER F 37 -23.02 -20.39 6.08
C SER F 37 -23.38 -21.91 6.07
N TYR F 38 -23.10 -22.59 7.16
CA TYR F 38 -23.33 -24.04 7.24
C TYR F 38 -24.42 -24.40 8.29
N PRO F 39 -25.24 -25.43 8.00
CA PRO F 39 -26.38 -25.82 8.82
C PRO F 39 -25.94 -26.53 10.06
N SER F 40 -26.70 -26.40 11.12
CA SER F 40 -26.30 -26.95 12.44
C SER F 40 -25.63 -28.31 12.35
N GLU F 41 -26.17 -29.15 11.49
CA GLU F 41 -25.68 -30.54 11.31
C GLU F 41 -24.20 -30.49 10.98
N THR F 42 -23.90 -29.61 10.04
CA THR F 42 -22.52 -29.53 9.48
C THR F 42 -21.49 -28.87 10.41
N LEU F 43 -21.87 -27.78 11.03
CA LEU F 43 -20.98 -27.11 12.02
C LEU F 43 -20.60 -28.15 13.05
N ALA F 44 -21.65 -28.81 13.50
CA ALA F 44 -21.63 -29.80 14.59
C ALA F 44 -20.47 -30.75 14.41
N HIS F 45 -20.43 -31.24 13.19
CA HIS F 45 -19.46 -32.25 12.73
C HIS F 45 -18.06 -31.69 12.68
N LEU F 46 -17.96 -30.49 12.13
CA LEU F 46 -16.67 -29.78 11.96
C LEU F 46 -15.99 -29.51 13.29
N ILE F 47 -16.78 -29.11 14.25
CA ILE F 47 -16.27 -28.88 15.61
C ILE F 47 -15.65 -30.14 16.19
N LYS F 48 -16.36 -31.24 16.01
CA LYS F 48 -16.03 -32.50 16.73
C LYS F 48 -14.88 -33.28 16.12
N TYR F 49 -14.89 -33.35 14.82
CA TYR F 49 -13.88 -34.11 14.09
C TYR F 49 -12.95 -33.17 13.32
N ASP F 50 -11.67 -33.36 13.55
CA ASP F 50 -10.62 -32.50 12.96
C ASP F 50 -9.63 -33.27 12.11
N THR F 51 -9.53 -32.77 10.89
CA THR F 51 -8.67 -33.33 9.84
C THR F 51 -7.22 -33.32 10.28
N VAL F 52 -6.86 -32.24 10.96
CA VAL F 52 -5.46 -31.98 11.37
C VAL F 52 -5.09 -32.15 12.86
N HIS F 53 -6.03 -31.85 13.73
CA HIS F 53 -5.79 -31.88 15.22
C HIS F 53 -6.42 -33.03 15.94
N GLY F 54 -7.08 -33.87 15.16
CA GLY F 54 -7.83 -35.01 15.72
C GLY F 54 -9.27 -34.69 16.12
N LYS F 55 -9.67 -35.22 17.27
CA LYS F 55 -11.08 -35.26 17.69
C LYS F 55 -11.32 -34.34 18.90
N PHE F 56 -12.56 -33.92 19.06
CA PHE F 56 -12.91 -32.83 20.02
C PHE F 56 -12.91 -33.33 21.44
N ASP F 57 -12.12 -32.64 22.26
CA ASP F 57 -11.90 -33.01 23.67
C ASP F 57 -13.15 -32.78 24.50
N GLY F 58 -14.08 -32.05 23.91
CA GLY F 58 -15.38 -31.74 24.55
C GLY F 58 -16.54 -32.56 24.02
N THR F 59 -17.71 -31.95 24.07
CA THR F 59 -18.97 -32.58 23.65
C THR F 59 -19.79 -31.66 22.78
N VAL F 60 -20.60 -32.24 21.92
CA VAL F 60 -21.38 -31.45 20.96
C VAL F 60 -22.72 -32.06 20.59
N GLU F 61 -23.70 -31.20 20.51
CA GLU F 61 -25.08 -31.59 20.26
C GLU F 61 -25.77 -30.60 19.33
N ALA F 62 -26.40 -31.11 18.30
CA ALA F 62 -26.94 -30.25 17.23
C ALA F 62 -28.43 -29.97 17.38
N PHE F 63 -28.82 -28.78 16.96
CA PHE F 63 -30.23 -28.32 17.04
C PHE F 63 -30.62 -27.45 15.85
N GLU F 64 -31.88 -27.04 15.83
CA GLU F 64 -32.38 -26.20 14.71
C GLU F 64 -31.64 -24.86 14.58
N ASP F 65 -31.95 -23.99 15.52
CA ASP F 65 -31.56 -22.54 15.46
C ASP F 65 -30.33 -22.19 16.29
N HIS F 66 -29.80 -23.20 16.95
CA HIS F 66 -28.65 -22.99 17.86
C HIS F 66 -27.88 -24.27 17.99
N LEU F 67 -26.92 -24.26 18.89
CA LEU F 67 -26.03 -25.38 19.08
C LEU F 67 -25.81 -25.54 20.57
N LEU F 68 -25.44 -26.73 21.01
CA LEU F 68 -24.95 -26.89 22.38
C LEU F 68 -23.63 -27.58 22.43
N VAL F 69 -22.84 -27.08 23.36
CA VAL F 69 -21.48 -27.52 23.58
C VAL F 69 -21.20 -27.53 25.06
N ASP F 70 -20.91 -28.70 25.60
CA ASP F 70 -20.57 -28.77 27.03
C ASP F 70 -21.68 -28.13 27.85
N GLY F 71 -22.86 -28.12 27.26
CA GLY F 71 -24.05 -27.46 27.85
C GLY F 71 -24.10 -25.96 27.63
N LYS F 72 -23.15 -25.48 26.84
CA LYS F 72 -23.03 -24.05 26.51
C LYS F 72 -23.76 -23.75 25.19
N MET F 73 -24.76 -22.89 25.26
CA MET F 73 -25.62 -22.61 24.10
C MET F 73 -24.94 -21.63 23.15
N ILE F 74 -25.17 -21.86 21.88
CA ILE F 74 -24.60 -21.04 20.84
C ILE F 74 -25.62 -20.82 19.73
N ARG F 75 -26.01 -19.58 19.51
CA ARG F 75 -27.01 -19.33 18.46
C ARG F 75 -26.33 -19.30 17.11
N LEU F 76 -27.03 -19.85 16.14
CA LEU F 76 -26.52 -19.97 14.77
C LEU F 76 -27.26 -19.02 13.83
N LEU F 77 -26.51 -18.06 13.30
CA LEU F 77 -27.03 -17.02 12.40
C LEU F 77 -26.51 -17.27 11.01
N ASN F 78 -27.34 -17.06 10.01
CA ASN F 78 -26.83 -17.08 8.63
C ASN F 78 -27.19 -15.78 7.93
N ASN F 79 -26.29 -14.81 8.03
CA ASN F 79 -26.43 -13.56 7.25
C ASN F 79 -25.10 -13.11 6.74
N ARG F 80 -25.05 -12.92 5.44
CA ARG F 80 -23.82 -12.44 4.77
C ARG F 80 -23.65 -10.92 4.91
N ASP F 81 -24.64 -10.28 5.52
CA ASP F 81 -24.54 -8.84 5.86
C ASP F 81 -24.45 -8.61 7.38
N PRO F 82 -23.34 -8.04 7.85
CA PRO F 82 -23.11 -7.69 9.26
C PRO F 82 -23.99 -6.57 9.78
N LYS F 83 -24.53 -5.80 8.85
CA LYS F 83 -25.40 -4.65 9.18
C LYS F 83 -26.60 -5.15 9.95
N GLU F 84 -27.05 -6.30 9.46
CA GLU F 84 -28.29 -6.93 9.91
C GLU F 84 -28.11 -7.96 11.00
N LEU F 85 -26.89 -8.11 11.49
CA LEU F 85 -26.64 -9.01 12.62
C LEU F 85 -27.11 -8.36 13.94
N PRO F 86 -27.63 -9.17 14.88
CA PRO F 86 -28.20 -8.70 16.12
C PRO F 86 -27.26 -8.76 17.31
N TRP F 87 -26.23 -7.94 17.34
CA TRP F 87 -25.29 -7.96 18.51
C TRP F 87 -25.85 -7.31 19.75
N THR F 88 -26.10 -6.02 19.64
CA THR F 88 -26.65 -5.23 20.77
C THR F 88 -27.88 -5.95 21.27
N ASP F 89 -28.62 -6.39 20.26
CA ASP F 89 -29.75 -7.33 20.41
C ASP F 89 -29.36 -8.53 21.31
N LEU F 90 -28.22 -9.11 20.99
CA LEU F 90 -27.72 -10.35 21.67
C LEU F 90 -26.69 -10.20 22.80
N GLY F 91 -26.33 -8.97 23.11
CA GLY F 91 -25.40 -8.68 24.21
C GLY F 91 -23.92 -8.78 23.84
N VAL F 92 -23.67 -8.71 22.53
CA VAL F 92 -22.35 -9.00 21.97
C VAL F 92 -21.45 -7.79 21.93
N GLU F 93 -20.48 -7.84 22.82
CA GLU F 93 -19.47 -6.77 23.00
C GLU F 93 -18.40 -6.79 21.90
N VAL F 94 -17.86 -7.98 21.66
CA VAL F 94 -16.72 -8.19 20.75
C VAL F 94 -16.96 -9.19 19.62
N VAL F 95 -16.69 -8.78 18.39
CA VAL F 95 -16.78 -9.69 17.23
C VAL F 95 -15.40 -10.16 16.71
N ILE F 96 -15.20 -11.47 16.73
CA ILE F 96 -14.05 -12.16 16.14
C ILE F 96 -14.35 -12.47 14.68
N GLU F 97 -13.64 -11.85 13.78
CA GLU F 97 -14.00 -11.92 12.36
C GLU F 97 -13.07 -12.89 11.62
N ALA F 98 -13.60 -14.07 11.35
CA ALA F 98 -12.93 -15.20 10.66
C ALA F 98 -13.36 -15.47 9.20
N THR F 99 -14.20 -14.64 8.66
CA THR F 99 -14.76 -14.91 7.28
C THR F 99 -13.73 -14.59 6.23
N GLY F 100 -12.95 -13.59 6.56
CA GLY F 100 -11.88 -13.09 5.68
C GLY F 100 -12.39 -12.22 4.53
N LYS F 101 -13.69 -12.01 4.49
CA LYS F 101 -14.30 -11.20 3.39
C LYS F 101 -14.57 -9.72 3.74
N PHE F 102 -14.48 -9.43 5.03
CA PHE F 102 -14.67 -8.06 5.55
C PHE F 102 -13.39 -7.41 6.11
N ASN F 103 -12.26 -7.91 5.64
CA ASN F 103 -10.95 -7.53 6.22
C ASN F 103 -10.64 -6.03 6.22
N SER F 104 -11.42 -5.28 5.46
CA SER F 104 -11.27 -3.81 5.42
C SER F 104 -12.22 -3.11 6.41
N LYS F 105 -11.69 -2.13 7.13
CA LYS F 105 -12.45 -1.45 8.22
C LYS F 105 -13.83 -0.94 7.76
N GLU F 106 -13.86 -0.31 6.61
CA GLU F 106 -15.07 0.28 6.14
C GLU F 106 -16.14 -0.76 6.11
N LYS F 107 -15.72 -1.95 5.74
CA LYS F 107 -16.61 -3.12 5.63
C LYS F 107 -16.75 -3.91 6.93
N ALA F 108 -15.81 -3.70 7.83
CA ALA F 108 -15.81 -4.40 9.13
C ALA F 108 -16.52 -3.60 10.23
N ILE F 109 -16.73 -2.34 9.93
CA ILE F 109 -17.28 -1.40 10.93
C ILE F 109 -18.76 -1.67 11.18
N LEU F 110 -19.36 -2.35 10.22
CA LEU F 110 -20.78 -2.79 10.28
C LEU F 110 -21.13 -3.66 11.50
N HIS F 111 -20.17 -4.39 12.01
CA HIS F 111 -20.37 -5.13 13.28
C HIS F 111 -20.56 -4.15 14.42
N VAL F 112 -19.90 -3.00 14.32
CA VAL F 112 -20.06 -1.93 15.34
C VAL F 112 -21.35 -1.12 15.15
N GLU F 113 -21.70 -0.91 13.90
CA GLU F 113 -23.02 -0.35 13.56
C GLU F 113 -24.11 -1.13 14.30
N ALA F 114 -23.95 -2.44 14.26
CA ALA F 114 -25.01 -3.43 14.65
C ALA F 114 -25.00 -3.76 16.13
N GLY F 115 -24.22 -3.00 16.87
CA GLY F 115 -24.25 -3.07 18.35
C GLY F 115 -23.05 -3.65 19.05
N ALA F 116 -22.03 -3.97 18.25
CA ALA F 116 -20.80 -4.55 18.77
C ALA F 116 -19.77 -3.46 19.02
N LYS F 117 -19.15 -3.49 20.17
CA LYS F 117 -18.11 -2.49 20.52
C LYS F 117 -16.77 -2.67 19.74
N LYS F 118 -16.38 -3.91 19.55
CA LYS F 118 -15.05 -4.20 18.98
C LYS F 118 -15.01 -5.34 17.98
N VAL F 119 -14.22 -5.13 16.95
CA VAL F 119 -13.96 -6.16 15.96
C VAL F 119 -12.50 -6.55 16.01
N ILE F 120 -12.25 -7.84 16.07
CA ILE F 120 -10.88 -8.37 16.01
C ILE F 120 -10.70 -9.19 14.76
N LEU F 121 -9.84 -8.72 13.88
CA LEU F 121 -9.58 -9.41 12.60
C LEU F 121 -8.53 -10.51 12.78
N THR F 122 -8.89 -11.69 12.33
CA THR F 122 -7.98 -12.87 12.34
C THR F 122 -7.11 -12.91 11.07
N ALA F 123 -7.02 -11.79 10.41
CA ALA F 123 -6.16 -11.62 9.22
C ALA F 123 -5.58 -10.22 9.26
N PRO F 124 -4.74 -9.87 8.27
CA PRO F 124 -4.21 -8.53 8.21
C PRO F 124 -5.30 -7.54 7.81
N GLY F 125 -5.35 -6.42 8.51
CA GLY F 125 -6.38 -5.39 8.28
C GLY F 125 -6.10 -4.39 7.18
N LYS F 126 -7.16 -3.77 6.70
CA LYS F 126 -7.05 -2.60 5.83
C LYS F 126 -7.60 -1.39 6.57
N ASN F 127 -6.79 -0.35 6.63
CA ASN F 127 -7.17 0.86 7.41
C ASN F 127 -7.70 0.54 8.81
N GLU F 128 -7.09 -0.41 9.47
CA GLU F 128 -7.51 -0.80 10.83
C GLU F 128 -6.94 0.13 11.90
N ASP F 129 -7.64 0.24 13.01
CA ASP F 129 -7.18 1.12 14.09
C ASP F 129 -5.78 0.72 14.53
N VAL F 130 -5.59 -0.57 14.72
CA VAL F 130 -4.29 -1.07 15.16
C VAL F 130 -4.02 -2.54 14.81
N THR F 131 -2.75 -2.85 14.66
CA THR F 131 -2.32 -4.24 14.52
C THR F 131 -1.47 -4.63 15.71
N ILE F 132 -1.87 -5.71 16.34
CA ILE F 132 -1.21 -6.19 17.55
C ILE F 132 -0.74 -7.58 17.30
N VAL F 133 0.56 -7.77 17.40
CA VAL F 133 1.13 -9.11 17.49
C VAL F 133 1.41 -9.35 18.95
N VAL F 134 0.78 -10.37 19.51
CA VAL F 134 0.99 -10.69 20.93
C VAL F 134 2.39 -11.19 21.19
N GLY F 135 2.99 -10.58 22.19
CA GLY F 135 4.38 -10.86 22.60
C GLY F 135 5.31 -9.74 22.17
N VAL F 136 4.81 -8.88 21.31
CA VAL F 136 5.64 -7.81 20.73
C VAL F 136 5.20 -6.39 21.03
N ASN F 137 4.13 -6.00 20.38
CA ASN F 137 3.65 -4.60 20.43
C ASN F 137 2.36 -4.33 21.22
N GLU F 138 1.95 -5.24 22.07
CA GLU F 138 0.62 -5.19 22.62
C GLU F 138 0.31 -4.03 23.52
N ASP F 139 1.34 -3.45 24.09
CA ASP F 139 1.26 -2.19 24.85
C ASP F 139 0.60 -1.09 24.02
N GLN F 140 0.78 -1.20 22.73
CA GLN F 140 0.28 -0.23 21.77
C GLN F 140 -1.25 -0.19 21.73
N LEU F 141 -1.87 -1.23 22.27
CA LEU F 141 -3.35 -1.30 22.29
C LEU F 141 -3.92 -0.22 23.20
N ASP F 142 -4.61 0.70 22.56
CA ASP F 142 -5.34 1.78 23.20
C ASP F 142 -6.82 1.50 22.98
N ILE F 143 -7.50 1.27 24.07
CA ILE F 143 -8.86 0.76 24.01
C ILE F 143 -9.85 1.81 23.53
N THR F 144 -9.60 3.04 23.93
CA THR F 144 -10.48 4.20 23.63
C THR F 144 -10.23 4.82 22.26
N LYS F 145 -9.06 4.53 21.73
CA LYS F 145 -8.72 4.93 20.34
C LYS F 145 -9.20 3.88 19.32
N HIS F 146 -9.03 2.61 19.68
CA HIS F 146 -9.15 1.47 18.70
C HIS F 146 -10.39 0.61 18.77
N THR F 147 -10.98 0.44 17.61
CA THR F 147 -12.20 -0.37 17.44
C THR F 147 -11.97 -1.62 16.55
N VAL F 148 -11.44 -1.42 15.36
CA VAL F 148 -11.07 -2.56 14.50
C VAL F 148 -9.59 -2.94 14.62
N ILE F 149 -9.36 -4.10 15.18
CA ILE F 149 -8.02 -4.53 15.56
C ILE F 149 -7.55 -5.76 14.80
N SER F 150 -6.39 -5.67 14.17
CA SER F 150 -5.81 -6.80 13.40
C SER F 150 -4.86 -7.66 14.22
N ASN F 151 -4.94 -8.96 14.03
CA ASN F 151 -4.04 -9.92 14.72
C ASN F 151 -2.82 -10.26 13.88
N ALA F 152 -2.75 -9.56 12.78
CA ALA F 152 -1.86 -9.87 11.66
C ALA F 152 -2.10 -11.28 11.11
N SER F 153 -1.09 -11.83 10.51
CA SER F 153 -1.19 -13.16 9.91
C SER F 153 -0.31 -14.07 10.68
N CYS F 154 -0.40 -15.36 10.39
CA CYS F 154 0.34 -16.36 11.21
C CYS F 154 1.87 -16.28 11.00
N THR F 155 2.26 -15.97 9.78
CA THR F 155 3.68 -15.73 9.47
C THR F 155 4.23 -14.53 10.21
N THR F 156 3.50 -13.43 10.16
CA THR F 156 3.93 -12.23 10.90
C THR F 156 4.10 -12.57 12.37
N ASN F 157 3.23 -13.43 12.86
CA ASN F 157 3.20 -13.74 14.28
C ASN F 157 4.42 -14.59 14.66
N CYS F 158 4.91 -15.32 13.70
CA CYS F 158 6.11 -16.13 13.93
C CYS F 158 7.35 -15.24 13.80
N LEU F 159 7.32 -14.36 12.82
CA LEU F 159 8.47 -13.54 12.41
C LEU F 159 8.79 -12.41 13.38
N ALA F 160 7.75 -11.69 13.75
CA ALA F 160 7.91 -10.50 14.61
C ALA F 160 8.58 -10.81 15.96
N PRO F 161 8.11 -11.83 16.68
CA PRO F 161 8.72 -12.19 17.94
C PRO F 161 10.19 -12.62 17.79
N VAL F 162 10.48 -13.40 16.77
CA VAL F 162 11.87 -13.81 16.50
C VAL F 162 12.71 -12.56 16.22
N VAL F 163 12.31 -11.83 15.21
CA VAL F 163 13.04 -10.59 14.83
C VAL F 163 13.18 -9.60 15.98
N LYS F 164 12.18 -9.54 16.82
CA LYS F 164 12.26 -8.67 17.99
C LYS F 164 13.43 -9.05 18.89
N VAL F 165 13.51 -10.33 19.18
CA VAL F 165 14.56 -10.83 20.10
C VAL F 165 15.94 -10.48 19.57
N LEU F 166 16.19 -10.86 18.33
CA LEU F 166 17.50 -10.59 17.72
C LEU F 166 17.85 -9.12 17.92
N ASP F 167 16.95 -8.26 17.51
CA ASP F 167 17.17 -6.81 17.51
C ASP F 167 17.40 -6.21 18.89
N GLU F 168 16.66 -6.68 19.89
CA GLU F 168 16.89 -6.19 21.27
C GLU F 168 18.30 -6.51 21.76
N GLN F 169 18.66 -7.77 21.64
CA GLN F 169 19.99 -8.31 22.10
C GLN F 169 21.22 -7.91 21.27
N PHE F 170 21.15 -8.15 19.98
CA PHE F 170 22.31 -7.98 19.07
C PHE F 170 22.22 -6.83 18.06
N GLY F 171 21.04 -6.26 17.97
CA GLY F 171 20.77 -5.22 16.97
C GLY F 171 20.66 -5.87 15.61
N ILE F 172 19.80 -5.33 14.78
CA ILE F 172 19.60 -5.82 13.40
C ILE F 172 20.03 -4.77 12.42
N GLU F 173 20.94 -5.15 11.56
CA GLU F 173 21.40 -4.29 10.50
C GLU F 173 20.36 -4.36 9.42
N ASN F 174 20.25 -5.54 8.87
CA ASN F 174 19.24 -5.88 7.88
C ASN F 174 19.13 -7.38 7.68
N GLY F 175 18.16 -7.82 6.90
CA GLY F 175 17.94 -9.24 6.70
C GLY F 175 16.99 -9.59 5.59
N LEU F 176 17.12 -10.82 5.12
CA LEU F 176 16.24 -11.39 4.11
C LEU F 176 15.61 -12.67 4.68
N MET F 177 14.44 -13.01 4.18
CA MET F 177 13.76 -14.17 4.69
C MET F 177 12.92 -14.92 3.67
N THR F 178 12.61 -16.15 4.04
CA THR F 178 11.85 -17.07 3.24
C THR F 178 10.92 -17.82 4.14
N THR F 179 9.64 -17.69 3.89
CA THR F 179 8.67 -18.45 4.67
C THR F 179 8.34 -19.70 3.86
N VAL F 180 8.67 -20.85 4.38
CA VAL F 180 8.30 -22.11 3.70
C VAL F 180 6.92 -22.55 4.23
N HIS F 181 5.93 -22.46 3.36
CA HIS F 181 4.48 -22.51 3.69
C HIS F 181 3.81 -23.82 3.40
N ALA F 182 3.00 -24.26 4.33
CA ALA F 182 2.10 -25.43 4.07
C ALA F 182 0.63 -25.00 3.93
N LEU F 197 -1.89 -15.06 -9.32
CA LEU F 197 -0.48 -14.95 -9.67
C LEU F 197 0.01 -16.37 -10.01
N ARG F 198 1.00 -16.84 -9.26
CA ARG F 198 1.47 -18.24 -9.34
C ARG F 198 0.65 -19.13 -8.42
N ARG F 199 0.00 -18.48 -7.48
CA ARG F 199 -0.85 -19.17 -6.47
C ARG F 199 -2.03 -19.94 -7.12
N ALA F 200 -2.32 -19.52 -8.33
CA ALA F 200 -3.30 -20.21 -9.17
C ALA F 200 -3.05 -21.72 -9.18
N ARG F 201 -1.78 -22.07 -9.22
CA ARG F 201 -1.35 -23.42 -9.62
C ARG F 201 -1.62 -24.49 -8.57
N ALA F 202 -1.66 -25.72 -9.09
CA ALA F 202 -1.83 -26.95 -8.30
C ALA F 202 -0.76 -27.03 -7.23
N CYS F 203 -1.22 -27.13 -6.00
CA CYS F 203 -0.31 -27.16 -4.82
C CYS F 203 0.44 -28.50 -4.63
N GLY F 204 -0.25 -29.57 -5.03
CA GLY F 204 0.18 -30.93 -4.72
C GLY F 204 1.46 -31.41 -5.39
N GLN F 205 1.70 -30.93 -6.58
CA GLN F 205 2.91 -31.36 -7.31
C GLN F 205 4.10 -30.37 -7.27
N SER F 206 3.95 -29.29 -6.54
CA SER F 206 4.91 -28.18 -6.70
C SER F 206 5.29 -27.38 -5.49
N ILE F 207 6.51 -26.89 -5.58
CA ILE F 207 6.97 -25.73 -4.81
C ILE F 207 6.54 -24.50 -5.60
N ILE F 208 5.79 -23.65 -4.94
CA ILE F 208 5.24 -22.45 -5.57
C ILE F 208 5.82 -21.19 -4.90
N PRO F 209 6.67 -20.43 -5.61
CA PRO F 209 7.18 -19.21 -4.97
C PRO F 209 6.15 -18.11 -5.04
N THR F 210 6.28 -17.14 -4.17
CA THR F 210 5.36 -16.00 -4.17
C THR F 210 5.77 -14.87 -3.22
N THR F 211 4.93 -13.87 -3.14
CA THR F 211 5.16 -12.79 -2.16
C THR F 211 4.72 -13.18 -0.74
N THR F 212 5.24 -12.45 0.21
CA THR F 212 4.74 -12.48 1.59
C THR F 212 4.65 -11.05 2.05
N GLY F 213 3.71 -10.78 2.91
CA GLY F 213 3.49 -9.41 3.38
C GLY F 213 3.99 -9.22 4.79
N ALA F 214 4.47 -10.32 5.33
CA ALA F 214 4.77 -10.41 6.76
C ALA F 214 5.99 -9.56 7.15
N ALA F 215 6.84 -9.27 6.18
CA ALA F 215 8.01 -8.40 6.46
C ALA F 215 7.57 -6.94 6.35
N LYS F 216 6.64 -6.70 5.42
CA LYS F 216 6.04 -5.35 5.25
C LYS F 216 5.16 -4.97 6.45
N ALA F 217 4.54 -5.99 7.02
CA ALA F 217 3.69 -5.87 8.23
C ALA F 217 4.46 -5.43 9.47
N LEU F 218 5.75 -5.73 9.48
CA LEU F 218 6.58 -5.35 10.62
C LEU F 218 6.58 -3.83 10.81
N ALA F 219 6.31 -3.12 9.73
CA ALA F 219 6.28 -1.64 9.76
C ALA F 219 5.22 -1.19 10.78
N LYS F 220 4.24 -2.04 10.94
CA LYS F 220 3.08 -1.78 11.82
C LYS F 220 3.34 -2.09 13.29
N VAL F 221 4.00 -3.18 13.58
CA VAL F 221 4.25 -3.58 14.98
C VAL F 221 5.68 -3.35 15.49
N LEU F 222 6.62 -3.15 14.59
CA LEU F 222 8.04 -2.88 14.94
C LEU F 222 8.63 -1.85 13.96
N PRO F 223 8.39 -0.54 14.19
CA PRO F 223 8.62 0.47 13.17
C PRO F 223 10.09 0.84 13.01
N HIS F 224 10.87 0.71 14.07
CA HIS F 224 12.33 0.98 13.96
C HIS F 224 12.96 0.11 12.88
N LEU F 225 12.36 -1.05 12.63
CA LEU F 225 12.87 -2.08 11.66
C LEU F 225 12.46 -1.87 10.20
N ASN F 226 11.83 -0.74 9.95
CA ASN F 226 11.39 -0.37 8.60
C ASN F 226 12.49 -0.33 7.56
N GLY F 227 12.25 -1.10 6.53
CA GLY F 227 13.13 -1.12 5.34
C GLY F 227 14.33 -2.01 5.52
N LYS F 228 14.35 -2.66 6.68
CA LYS F 228 15.47 -3.51 7.07
C LYS F 228 15.32 -4.98 6.68
N LEU F 229 14.10 -5.39 6.42
CA LEU F 229 13.78 -6.79 6.20
C LEU F 229 12.86 -6.95 5.04
N HIS F 230 13.18 -7.88 4.19
CA HIS F 230 12.30 -8.23 3.08
C HIS F 230 12.16 -9.74 2.99
N GLY F 231 11.11 -10.23 2.38
CA GLY F 231 10.91 -11.70 2.29
C GLY F 231 10.14 -12.21 1.10
N MET F 232 9.97 -13.51 1.07
CA MET F 232 9.17 -14.21 0.07
C MET F 232 8.68 -15.54 0.64
N ALA F 233 7.72 -16.15 -0.04
CA ALA F 233 7.13 -17.42 0.38
C ALA F 233 7.41 -18.51 -0.61
N LEU F 234 7.58 -19.70 -0.07
CA LEU F 234 7.53 -20.93 -0.87
C LEU F 234 6.42 -21.85 -0.33
N ARG F 235 5.38 -21.98 -1.12
CA ARG F 235 4.31 -22.91 -0.77
C ARG F 235 4.77 -24.31 -1.13
N VAL F 236 4.62 -25.23 -0.20
CA VAL F 236 5.00 -26.65 -0.46
C VAL F 236 3.88 -27.57 0.00
N PRO F 237 3.84 -28.81 -0.54
CA PRO F 237 2.71 -29.68 -0.34
C PRO F 237 2.87 -30.51 0.94
N THR F 238 2.74 -29.81 2.04
CA THR F 238 2.83 -30.36 3.39
C THR F 238 1.59 -29.88 4.14
N PRO F 239 1.08 -30.68 5.08
CA PRO F 239 -0.26 -30.38 5.56
C PRO F 239 -0.41 -29.19 6.50
N ASN F 240 0.41 -29.08 7.53
CA ASN F 240 0.08 -28.10 8.60
C ASN F 240 1.18 -27.12 9.05
N VAL F 241 2.32 -27.66 9.42
CA VAL F 241 3.39 -26.83 10.02
C VAL F 241 4.26 -26.11 8.97
N SER F 242 4.37 -24.80 9.12
CA SER F 242 5.24 -23.94 8.27
C SER F 242 6.51 -23.51 8.96
N LEU F 243 7.39 -22.88 8.22
CA LEU F 243 8.62 -22.36 8.83
C LEU F 243 9.09 -21.06 8.20
N VAL F 244 9.70 -20.27 9.05
CA VAL F 244 10.34 -19.04 8.70
C VAL F 244 11.85 -19.31 8.69
N ASP F 245 12.47 -18.98 7.59
CA ASP F 245 13.92 -19.16 7.40
C ASP F 245 14.49 -17.77 7.17
N LEU F 246 15.26 -17.33 8.14
CA LEU F 246 15.61 -15.90 8.30
C LEU F 246 17.12 -15.68 8.39
N VAL F 247 17.63 -14.96 7.41
CA VAL F 247 19.06 -14.64 7.30
C VAL F 247 19.28 -13.16 7.46
N VAL F 248 19.77 -12.81 8.61
CA VAL F 248 19.84 -11.45 9.06
C VAL F 248 21.31 -11.17 9.39
N ASP F 249 21.73 -9.93 9.28
CA ASP F 249 23.06 -9.50 9.78
C ASP F 249 22.89 -8.66 11.04
N VAL F 250 23.73 -8.88 12.02
CA VAL F 250 23.61 -8.15 13.29
C VAL F 250 24.72 -7.10 13.41
N LYS F 251 24.66 -6.29 14.45
CA LYS F 251 25.59 -5.14 14.58
C LYS F 251 26.78 -5.42 15.47
N ARG F 252 26.71 -6.53 16.18
CA ARG F 252 27.81 -6.91 17.10
C ARG F 252 28.10 -8.41 17.05
N ASP F 253 29.32 -8.77 17.37
CA ASP F 253 29.79 -10.17 17.28
C ASP F 253 28.89 -11.16 18.03
N VAL F 254 28.52 -12.21 17.31
CA VAL F 254 27.74 -13.32 17.89
C VAL F 254 28.26 -14.72 17.51
N THR F 255 27.92 -15.66 18.38
CA THR F 255 28.17 -17.08 18.12
C THR F 255 26.83 -17.84 18.01
N VAL F 256 26.88 -19.01 17.38
CA VAL F 256 25.72 -19.90 17.38
C VAL F 256 25.19 -20.00 18.78
N GLU F 257 26.13 -20.03 19.71
CA GLU F 257 25.80 -20.26 21.11
C GLU F 257 25.05 -19.09 21.71
N ALA F 258 25.48 -17.91 21.32
CA ALA F 258 24.97 -16.66 21.93
C ALA F 258 23.56 -16.40 21.44
N ILE F 259 23.34 -16.74 20.19
CA ILE F 259 22.03 -16.60 19.57
C ILE F 259 21.02 -17.57 20.14
N ASN F 260 21.42 -18.82 20.25
CA ASN F 260 20.51 -19.84 20.83
C ASN F 260 20.17 -19.55 22.30
N ASP F 261 21.08 -18.89 23.01
CA ASP F 261 20.83 -18.58 24.42
C ASP F 261 19.98 -17.36 24.62
N ALA F 262 19.97 -16.49 23.63
CA ALA F 262 19.06 -15.36 23.66
C ALA F 262 17.65 -15.97 23.70
N PHE F 263 17.46 -16.95 22.84
CA PHE F 263 16.13 -17.56 22.65
C PHE F 263 15.75 -18.49 23.79
N LYS F 264 16.76 -19.15 24.34
CA LYS F 264 16.59 -19.97 25.56
C LYS F 264 16.13 -19.07 26.68
N THR F 265 16.80 -17.95 26.79
CA THR F 265 16.49 -17.01 27.88
C THR F 265 15.04 -16.61 27.84
N VAL F 266 14.70 -16.03 26.71
CA VAL F 266 13.43 -15.33 26.49
C VAL F 266 12.22 -16.26 26.61
N ALA F 267 12.43 -17.54 26.32
CA ALA F 267 11.32 -18.53 26.34
C ALA F 267 10.95 -18.90 27.75
N ASN F 268 11.96 -19.01 28.58
CA ASN F 268 11.75 -19.13 30.05
C ASN F 268 11.25 -17.79 30.58
N GLY F 269 11.44 -16.79 29.75
CA GLY F 269 11.21 -15.39 30.10
C GLY F 269 10.03 -14.69 29.47
N ALA F 270 10.29 -13.45 29.12
CA ALA F 270 9.31 -12.48 28.59
C ALA F 270 8.37 -13.06 27.55
N LEU F 271 8.89 -13.98 26.76
CA LEU F 271 8.12 -14.56 25.63
C LEU F 271 7.64 -15.96 25.85
N LYS F 272 7.65 -16.37 27.11
CA LYS F 272 7.17 -17.69 27.49
C LYS F 272 5.83 -17.90 26.84
N GLY F 273 5.71 -19.00 26.12
CA GLY F 273 4.45 -19.39 25.46
C GLY F 273 4.20 -18.72 24.11
N ILE F 274 4.96 -17.68 23.84
CA ILE F 274 5.01 -17.12 22.50
C ILE F 274 6.08 -17.81 21.66
N VAL F 275 7.24 -17.95 22.27
CA VAL F 275 8.45 -18.51 21.63
C VAL F 275 8.94 -19.73 22.37
N GLU F 276 9.24 -20.76 21.61
CA GLU F 276 9.84 -21.99 22.16
C GLU F 276 11.21 -22.19 21.57
N PHE F 277 12.12 -22.73 22.37
CA PHE F 277 13.42 -23.20 21.89
C PHE F 277 13.44 -24.73 21.85
N SER F 278 13.67 -25.28 20.67
CA SER F 278 13.79 -26.74 20.50
C SER F 278 15.26 -27.08 20.19
N GLU F 279 15.88 -27.76 21.12
CA GLU F 279 17.29 -28.24 20.99
C GLU F 279 17.34 -29.56 20.24
N GLU F 280 16.19 -30.16 20.18
CA GLU F 280 16.01 -31.56 19.77
C GLU F 280 15.77 -31.66 18.24
N PRO F 281 16.35 -32.66 17.58
CA PRO F 281 16.20 -32.88 16.14
C PRO F 281 14.86 -33.46 15.72
N LEU F 282 13.91 -32.57 15.45
CA LEU F 282 12.56 -32.95 15.03
C LEU F 282 12.23 -32.57 13.58
N VAL F 283 11.08 -33.01 13.12
CA VAL F 283 10.58 -32.70 11.75
C VAL F 283 9.26 -31.94 11.78
N SER F 284 8.91 -31.32 10.68
CA SER F 284 7.87 -30.27 10.71
C SER F 284 6.63 -30.75 11.44
N ILE F 285 6.31 -32.02 11.26
CA ILE F 285 5.05 -32.58 11.83
C ILE F 285 5.09 -32.85 13.33
N ASP F 286 6.27 -32.74 13.92
CA ASP F 286 6.42 -32.86 15.37
C ASP F 286 5.82 -31.68 16.07
N PHE F 287 5.68 -30.62 15.32
CA PHE F 287 5.19 -29.31 15.84
C PHE F 287 3.71 -29.11 15.62
N ASN F 288 3.11 -30.14 15.09
CA ASN F 288 1.65 -30.24 14.99
C ASN F 288 1.06 -29.88 16.33
N THR F 289 0.12 -28.96 16.32
CA THR F 289 -0.66 -28.65 17.55
C THR F 289 0.16 -27.95 18.68
N ASN F 290 1.28 -27.39 18.29
CA ASN F 290 2.07 -26.56 19.19
C ASN F 290 1.47 -25.14 19.25
N THR F 291 1.39 -24.56 20.42
CA THR F 291 0.67 -23.27 20.61
C THR F 291 1.55 -22.01 20.62
N HIS F 292 2.83 -22.20 20.42
CA HIS F 292 3.74 -21.05 20.29
C HIS F 292 3.66 -20.42 18.91
N SER F 293 4.02 -19.16 18.84
CA SER F 293 4.09 -18.44 17.54
C SER F 293 5.34 -18.82 16.76
N ALA F 294 6.37 -19.07 17.50
CA ALA F 294 7.69 -19.37 16.93
C ALA F 294 8.38 -20.41 17.77
N ILE F 295 8.78 -21.47 17.10
CA ILE F 295 9.56 -22.55 17.70
C ILE F 295 10.92 -22.61 17.04
N ILE F 296 11.89 -22.01 17.72
CA ILE F 296 13.25 -21.94 17.20
C ILE F 296 13.87 -23.32 17.15
N ASP F 297 14.41 -23.65 16.00
CA ASP F 297 14.97 -24.95 15.81
C ASP F 297 16.47 -24.82 16.09
N GLY F 298 16.86 -25.12 17.31
CA GLY F 298 18.17 -24.72 17.87
C GLY F 298 19.34 -25.27 17.07
N LEU F 299 19.14 -26.47 16.57
CA LEU F 299 20.16 -27.19 15.82
C LEU F 299 20.46 -26.63 14.45
N SER F 300 19.60 -25.77 13.95
CA SER F 300 19.81 -25.10 12.62
C SER F 300 20.35 -23.65 12.67
N THR F 301 20.40 -23.07 13.84
CA THR F 301 21.08 -21.78 13.98
C THR F 301 22.50 -21.89 13.39
N MET F 302 22.82 -20.97 12.53
CA MET F 302 24.13 -20.83 11.95
C MET F 302 24.62 -19.41 12.18
N VAL F 303 25.92 -19.26 12.18
CA VAL F 303 26.56 -17.96 12.18
C VAL F 303 27.75 -17.92 11.23
N MET F 304 27.79 -16.91 10.36
CA MET F 304 28.93 -16.67 9.41
C MET F 304 29.56 -15.32 9.62
N GLY F 305 30.87 -15.32 9.66
CA GLY F 305 31.63 -14.09 9.85
C GLY F 305 31.29 -13.33 11.11
N ASP F 306 30.85 -14.04 12.13
CA ASP F 306 30.50 -13.43 13.43
C ASP F 306 29.28 -12.46 13.38
N ARG F 307 28.74 -12.19 12.21
CA ARG F 307 27.63 -11.25 12.07
C ARG F 307 26.38 -11.82 11.43
N LYS F 308 26.59 -12.55 10.34
CA LYS F 308 25.49 -13.13 9.55
C LYS F 308 24.86 -14.30 10.29
N VAL F 309 23.55 -14.22 10.44
CA VAL F 309 22.81 -15.19 11.26
C VAL F 309 21.58 -15.77 10.57
N LYS F 310 21.55 -17.09 10.53
CA LYS F 310 20.38 -17.85 10.11
C LYS F 310 19.66 -18.45 11.30
N VAL F 311 18.38 -18.21 11.37
CA VAL F 311 17.53 -18.83 12.38
C VAL F 311 16.33 -19.40 11.68
N LEU F 312 16.07 -20.67 11.97
CA LEU F 312 14.86 -21.35 11.53
C LEU F 312 13.85 -21.38 12.65
N ALA F 313 12.63 -20.96 12.35
CA ALA F 313 11.53 -20.99 13.33
C ALA F 313 10.30 -21.74 12.78
N TRP F 314 9.93 -22.80 13.47
CA TRP F 314 8.71 -23.53 13.12
C TRP F 314 7.51 -22.78 13.64
N TYR F 315 6.37 -23.02 13.04
CA TYR F 315 5.06 -22.61 13.61
C TYR F 315 3.92 -23.39 12.95
N ASP F 316 2.95 -23.74 13.78
CA ASP F 316 1.68 -24.29 13.27
C ASP F 316 0.85 -23.16 12.66
N ASN F 317 0.40 -23.40 11.44
CA ASN F 317 -0.36 -22.40 10.68
C ASN F 317 -1.65 -21.91 11.34
N GLU F 318 -2.25 -22.78 12.10
CA GLU F 318 -3.55 -22.50 12.74
C GLU F 318 -3.56 -22.55 14.25
N TRP F 319 -3.00 -23.62 14.80
CA TRP F 319 -2.98 -23.78 16.25
C TRP F 319 -2.36 -22.62 17.00
N GLY F 320 -1.21 -22.17 16.53
CA GLY F 320 -0.46 -21.09 17.24
C GLY F 320 -1.17 -19.76 17.07
N TYR F 321 -1.54 -19.53 15.83
CA TYR F 321 -2.19 -18.28 15.43
C TYR F 321 -3.46 -18.07 16.23
N SER F 322 -4.30 -19.08 16.22
CA SER F 322 -5.60 -19.04 16.89
C SER F 322 -5.56 -18.84 18.40
N ARG F 323 -4.49 -19.24 18.99
CA ARG F 323 -4.30 -19.09 20.43
C ARG F 323 -3.86 -17.65 20.75
N ARG F 324 -3.26 -17.01 19.75
CA ARG F 324 -2.89 -15.56 19.83
C ARG F 324 -4.12 -14.69 19.59
N VAL F 325 -5.08 -15.27 18.91
CA VAL F 325 -6.38 -14.61 18.67
C VAL F 325 -7.20 -14.63 19.96
N VAL F 326 -7.10 -15.71 20.67
CA VAL F 326 -7.78 -15.83 21.96
C VAL F 326 -7.05 -15.02 23.03
N ASP F 327 -5.73 -14.95 22.90
CA ASP F 327 -4.87 -14.07 23.74
C ASP F 327 -5.24 -12.60 23.57
N LEU F 328 -5.47 -12.23 22.32
CA LEU F 328 -5.80 -10.84 21.96
C LEU F 328 -7.20 -10.47 22.43
N VAL F 329 -8.13 -11.35 22.12
CA VAL F 329 -9.54 -11.21 22.56
C VAL F 329 -9.58 -11.11 24.08
N THR F 330 -8.78 -11.91 24.74
CA THR F 330 -8.76 -11.88 26.20
C THR F 330 -8.35 -10.48 26.66
N LEU F 331 -7.33 -9.97 26.00
CA LEU F 331 -6.75 -8.68 26.35
C LEU F 331 -7.73 -7.52 26.13
N VAL F 332 -8.42 -7.56 25.02
CA VAL F 332 -9.39 -6.50 24.71
C VAL F 332 -10.53 -6.52 25.74
N VAL F 333 -11.05 -7.71 25.96
CA VAL F 333 -12.10 -7.96 26.99
C VAL F 333 -11.63 -7.39 28.33
N ASP F 334 -10.34 -7.53 28.58
CA ASP F 334 -9.73 -7.06 29.85
C ASP F 334 -9.67 -5.54 29.97
N GLU F 335 -9.53 -4.90 28.82
CA GLU F 335 -9.41 -3.42 28.75
C GLU F 335 -10.74 -2.70 28.63
N LEU F 336 -11.77 -3.45 28.33
CA LEU F 336 -13.14 -2.91 28.38
C LEU F 336 -13.63 -2.87 29.83
N ALA F 337 -13.11 -3.79 30.62
CA ALA F 337 -13.45 -3.91 32.04
C ALA F 337 -12.64 -2.94 32.90
N THR G 5 -4.27 11.34 -34.60
CA THR G 5 -4.55 10.59 -33.34
C THR G 5 -5.27 11.46 -32.31
N ARG G 6 -6.46 11.01 -31.96
CA ARG G 6 -7.41 11.77 -31.14
C ARG G 6 -7.33 11.47 -29.66
N VAL G 7 -7.33 12.54 -28.89
CA VAL G 7 -7.25 12.48 -27.44
C VAL G 7 -8.40 13.24 -26.81
N ALA G 8 -8.86 12.72 -25.69
CA ALA G 8 -9.91 13.35 -24.92
C ALA G 8 -9.40 13.74 -23.53
N ILE G 9 -10.07 14.71 -22.91
CA ILE G 9 -9.80 15.07 -21.52
C ILE G 9 -11.02 14.93 -20.67
N ASN G 10 -10.88 14.20 -19.59
CA ASN G 10 -12.00 13.91 -18.69
C ASN G 10 -11.78 14.73 -17.44
N GLY G 11 -12.51 15.82 -17.36
CA GLY G 11 -12.43 16.76 -16.22
C GLY G 11 -11.62 18.01 -16.51
N PHE G 12 -12.09 19.08 -15.91
CA PHE G 12 -11.44 20.39 -16.01
C PHE G 12 -11.27 20.95 -14.62
N GLY G 13 -10.11 20.66 -14.07
CA GLY G 13 -9.66 21.31 -12.85
C GLY G 13 -8.47 22.17 -13.25
N ARG G 14 -7.65 22.51 -12.27
CA ARG G 14 -6.43 23.25 -12.58
C ARG G 14 -5.54 22.42 -13.49
N ILE G 15 -5.58 21.13 -13.28
CA ILE G 15 -4.66 20.22 -14.00
C ILE G 15 -5.13 19.89 -15.44
N GLY G 16 -6.41 19.63 -15.60
CA GLY G 16 -6.98 19.43 -16.97
C GLY G 16 -6.83 20.67 -17.82
N ARG G 17 -7.11 21.79 -17.18
CA ARG G 17 -7.00 23.13 -17.79
C ARG G 17 -5.61 23.41 -18.31
N MET G 18 -4.67 23.24 -17.40
CA MET G 18 -3.28 23.62 -17.67
C MET G 18 -2.75 22.70 -18.74
N VAL G 19 -3.06 21.43 -18.55
CA VAL G 19 -2.76 20.38 -19.54
C VAL G 19 -3.34 20.77 -20.91
N PHE G 20 -4.60 21.14 -20.92
CA PHE G 20 -5.24 21.54 -22.19
C PHE G 20 -4.45 22.66 -22.88
N ARG G 21 -4.13 23.70 -22.12
CA ARG G 21 -3.52 24.93 -22.68
C ARG G 21 -2.28 24.61 -23.49
N GLN G 22 -1.48 23.70 -22.96
CA GLN G 22 -0.23 23.26 -23.65
C GLN G 22 -0.48 22.18 -24.71
N ALA G 23 -1.58 21.48 -24.55
CA ALA G 23 -1.87 20.37 -25.39
C ALA G 23 -2.50 20.85 -26.62
N ILE G 24 -3.29 21.90 -26.52
CA ILE G 24 -3.98 22.36 -27.69
C ILE G 24 -2.98 22.97 -28.66
N LYS G 25 -1.87 23.42 -28.12
CA LYS G 25 -0.85 23.95 -28.98
C LYS G 25 0.00 22.86 -29.61
N GLU G 26 -0.37 21.62 -29.46
CA GLU G 26 0.56 20.58 -29.83
C GLU G 26 0.19 19.90 -31.12
N SER G 27 1.18 19.54 -31.88
CA SER G 27 0.98 19.06 -33.22
C SER G 27 0.77 17.56 -33.28
N ALA G 28 1.50 16.89 -32.41
CA ALA G 28 1.72 15.42 -32.44
C ALA G 28 0.45 14.61 -32.24
N PHE G 29 -0.55 15.27 -31.70
CA PHE G 29 -1.86 14.67 -31.56
C PHE G 29 -2.87 15.79 -31.48
N GLU G 30 -4.13 15.42 -31.49
CA GLU G 30 -5.19 16.39 -31.67
C GLU G 30 -6.32 16.18 -30.67
N ILE G 31 -6.81 17.28 -30.15
CA ILE G 31 -7.88 17.19 -29.14
C ILE G 31 -9.27 17.44 -29.65
N VAL G 32 -10.03 16.39 -29.55
CA VAL G 32 -11.36 16.33 -30.10
C VAL G 32 -12.48 16.45 -29.08
N ALA G 33 -12.16 16.45 -27.79
CA ALA G 33 -13.25 16.43 -26.79
C ALA G 33 -12.88 16.77 -25.36
N ILE G 34 -13.92 17.09 -24.60
CA ILE G 34 -13.79 17.38 -23.16
C ILE G 34 -15.05 16.90 -22.44
N ASN G 35 -14.91 16.15 -21.37
CA ASN G 35 -16.12 15.79 -20.56
C ASN G 35 -16.08 16.36 -19.16
N ALA G 36 -16.88 17.39 -18.99
CA ALA G 36 -16.79 18.30 -17.85
C ALA G 36 -18.18 18.79 -17.48
N SER G 37 -18.29 19.30 -16.27
CA SER G 37 -19.58 19.84 -15.77
C SER G 37 -19.78 21.32 -16.08
N TYR G 38 -18.70 21.98 -16.42
CA TYR G 38 -18.73 23.44 -16.65
C TYR G 38 -19.50 23.85 -17.92
N PRO G 39 -20.25 24.96 -17.84
CA PRO G 39 -20.99 25.53 -18.97
C PRO G 39 -20.07 26.00 -20.06
N SER G 40 -20.52 25.94 -21.30
CA SER G 40 -19.57 26.11 -22.42
C SER G 40 -18.87 27.46 -22.29
N GLU G 41 -19.67 28.46 -21.96
CA GLU G 41 -19.18 29.82 -21.68
C GLU G 41 -18.23 29.84 -20.48
N THR G 42 -18.61 29.08 -19.47
CA THR G 42 -17.77 28.92 -18.26
C THR G 42 -16.41 28.28 -18.57
N LEU G 43 -16.45 27.21 -19.35
CA LEU G 43 -15.22 26.55 -19.82
C LEU G 43 -14.45 27.59 -20.57
N ALA G 44 -15.17 28.23 -21.47
CA ALA G 44 -14.59 29.20 -22.41
C ALA G 44 -13.75 30.25 -21.69
N HIS G 45 -14.25 30.65 -20.53
CA HIS G 45 -13.59 31.72 -19.75
C HIS G 45 -12.38 31.19 -19.02
N LEU G 46 -12.52 29.94 -18.63
CA LEU G 46 -11.43 29.19 -17.96
C LEU G 46 -10.19 29.06 -18.83
N ILE G 47 -10.39 28.98 -20.11
CA ILE G 47 -9.27 28.85 -21.06
C ILE G 47 -8.57 30.20 -21.34
N LYS G 48 -9.36 31.28 -21.28
CA LYS G 48 -8.88 32.62 -21.71
C LYS G 48 -7.94 33.29 -20.73
N TYR G 49 -8.40 33.32 -19.51
CA TYR G 49 -7.73 34.12 -18.47
C TYR G 49 -7.19 33.20 -17.36
N ASP G 50 -5.93 33.40 -17.00
CA ASP G 50 -5.32 32.56 -15.96
C ASP G 50 -4.86 33.29 -14.72
N THR G 51 -5.13 32.61 -13.61
CA THR G 51 -5.22 33.21 -12.27
C THR G 51 -3.87 33.30 -11.60
N LYS G 55 -3.29 36.35 -20.17
CA LYS G 55 -4.31 35.91 -21.10
C LYS G 55 -3.77 34.76 -21.96
N PHE G 56 -4.67 33.89 -22.37
CA PHE G 56 -4.32 32.76 -23.24
C PHE G 56 -3.91 33.28 -24.60
N ASP G 57 -2.87 32.68 -25.16
CA ASP G 57 -2.35 33.10 -26.46
C ASP G 57 -3.11 32.33 -27.51
N GLY G 58 -4.15 32.95 -28.03
CA GLY G 58 -5.05 32.26 -28.97
C GLY G 58 -6.50 32.68 -28.93
N THR G 59 -7.25 32.06 -29.81
CA THR G 59 -8.64 32.45 -30.05
C THR G 59 -9.60 31.38 -29.58
N VAL G 60 -10.78 31.84 -29.24
CA VAL G 60 -11.79 30.95 -28.72
C VAL G 60 -13.16 31.48 -29.14
N GLU G 61 -14.16 30.67 -28.83
CA GLU G 61 -15.55 30.94 -29.17
C GLU G 61 -16.28 29.81 -28.53
N ALA G 62 -17.54 30.00 -28.21
CA ALA G 62 -18.31 28.96 -27.51
C ALA G 62 -19.66 28.75 -28.20
N PHE G 63 -20.36 27.72 -27.78
CA PHE G 63 -21.56 27.26 -28.49
C PHE G 63 -22.33 26.30 -27.61
N GLU G 64 -23.42 25.76 -28.14
CA GLU G 64 -24.32 24.94 -27.31
C GLU G 64 -23.58 23.78 -26.66
N ASP G 65 -23.35 22.76 -27.46
CA ASP G 65 -22.76 21.47 -27.00
C ASP G 65 -21.28 21.28 -27.37
N HIS G 66 -20.74 22.23 -28.09
CA HIS G 66 -19.33 22.16 -28.51
C HIS G 66 -18.69 23.50 -28.37
N LEU G 67 -17.45 23.57 -28.82
CA LEU G 67 -16.57 24.69 -28.50
C LEU G 67 -15.52 24.86 -29.59
N LEU G 68 -14.95 26.05 -29.72
CA LEU G 68 -13.95 26.31 -30.78
C LEU G 68 -12.72 27.09 -30.35
N VAL G 69 -11.60 26.42 -30.48
CA VAL G 69 -10.32 26.96 -30.04
C VAL G 69 -9.43 27.09 -31.26
N ASP G 70 -9.18 28.33 -31.64
CA ASP G 70 -8.46 28.68 -32.92
C ASP G 70 -8.98 27.84 -34.09
N GLY G 71 -10.29 27.70 -34.12
CA GLY G 71 -10.98 26.98 -35.21
C GLY G 71 -11.00 25.46 -35.05
N LYS G 72 -10.16 24.98 -34.16
CA LYS G 72 -10.16 23.54 -33.84
C LYS G 72 -11.38 23.24 -32.97
N MET G 73 -12.10 22.22 -33.36
CA MET G 73 -13.45 21.97 -32.84
C MET G 73 -13.45 20.94 -31.69
N ILE G 74 -13.75 21.44 -30.51
CA ILE G 74 -13.74 20.63 -29.28
C ILE G 74 -15.14 20.30 -28.77
N ARG G 75 -15.57 19.07 -28.95
CA ARG G 75 -16.95 18.70 -28.52
C ARG G 75 -17.03 18.56 -27.01
N LEU G 76 -18.15 18.95 -26.44
CA LEU G 76 -18.34 18.89 -24.98
C LEU G 76 -19.32 17.81 -24.55
N LEU G 77 -19.05 17.24 -23.39
CA LEU G 77 -19.88 16.16 -22.83
C LEU G 77 -20.06 16.37 -21.35
N ASN G 78 -21.19 15.96 -20.82
CA ASN G 78 -21.40 16.01 -19.36
C ASN G 78 -21.76 14.68 -18.73
N ASN G 79 -21.48 13.59 -19.44
CA ASN G 79 -21.78 12.25 -18.91
C ASN G 79 -20.86 11.96 -17.73
N ARG G 80 -21.46 11.70 -16.58
CA ARG G 80 -20.67 11.46 -15.34
C ARG G 80 -19.86 10.18 -15.43
N ASP G 81 -20.46 9.13 -15.97
CA ASP G 81 -19.83 7.80 -16.03
C ASP G 81 -19.09 7.54 -17.36
N PRO G 82 -17.82 7.11 -17.28
CA PRO G 82 -16.94 6.92 -18.43
C PRO G 82 -17.50 5.89 -19.40
N LYS G 83 -18.24 4.94 -18.84
CA LYS G 83 -18.85 3.83 -19.63
C LYS G 83 -19.86 4.39 -20.64
N GLU G 84 -20.65 5.34 -20.18
CA GLU G 84 -21.69 6.01 -21.02
C GLU G 84 -21.04 6.81 -22.14
N LEU G 85 -19.79 7.16 -21.92
CA LEU G 85 -19.02 8.07 -22.80
C LEU G 85 -18.75 7.47 -24.19
N PRO G 86 -18.84 8.31 -25.23
CA PRO G 86 -18.76 7.84 -26.59
C PRO G 86 -17.39 7.89 -27.23
N TRP G 87 -16.44 7.21 -26.64
CA TRP G 87 -15.06 7.25 -27.19
C TRP G 87 -14.96 6.62 -28.55
N THR G 88 -15.68 5.51 -28.72
CA THR G 88 -15.65 4.75 -29.99
C THR G 88 -16.27 5.46 -31.18
N ASP G 89 -17.40 6.10 -30.93
CA ASP G 89 -18.12 6.86 -31.96
C ASP G 89 -17.39 8.16 -32.34
N LEU G 90 -16.49 8.57 -31.46
CA LEU G 90 -15.63 9.76 -31.70
C LEU G 90 -14.22 9.47 -32.17
N GLY G 91 -13.88 8.20 -32.18
CA GLY G 91 -12.54 7.75 -32.58
C GLY G 91 -11.44 8.28 -31.65
N VAL G 92 -11.74 8.31 -30.35
CA VAL G 92 -10.74 8.78 -29.35
C VAL G 92 -9.95 7.63 -28.74
N GLU G 93 -8.68 7.63 -29.09
CA GLU G 93 -7.72 6.56 -28.74
C GLU G 93 -7.10 6.69 -27.34
N VAL G 94 -6.82 7.92 -26.95
CA VAL G 94 -6.27 8.22 -25.61
C VAL G 94 -7.26 9.05 -24.78
N VAL G 95 -7.24 8.87 -23.48
CA VAL G 95 -8.05 9.69 -22.56
C VAL G 95 -7.19 10.17 -21.40
N ILE G 96 -7.18 11.47 -21.17
CA ILE G 96 -6.44 12.06 -20.05
C ILE G 96 -7.39 12.24 -18.88
N GLU G 97 -7.20 11.44 -17.85
CA GLU G 97 -8.10 11.42 -16.71
C GLU G 97 -7.63 12.39 -15.63
N ALA G 98 -8.20 13.58 -15.69
CA ALA G 98 -7.83 14.73 -14.80
C ALA G 98 -8.89 15.15 -13.78
N THR G 99 -9.90 14.32 -13.61
CA THR G 99 -10.96 14.63 -12.61
C THR G 99 -10.45 14.45 -11.19
N GLY G 100 -9.64 13.40 -11.10
CA GLY G 100 -9.10 12.91 -9.82
C GLY G 100 -10.04 12.01 -9.06
N LYS G 101 -11.16 11.66 -9.68
CA LYS G 101 -12.15 10.72 -9.05
C LYS G 101 -12.04 9.25 -9.51
N PHE G 102 -11.30 9.04 -10.58
CA PHE G 102 -11.16 7.67 -11.21
C PHE G 102 -9.80 6.99 -11.09
N ASN G 103 -9.01 7.46 -10.14
CA ASN G 103 -7.56 7.10 -10.09
C ASN G 103 -7.19 5.65 -9.79
N SER G 104 -8.20 4.85 -9.54
CA SER G 104 -8.03 3.39 -9.48
C SER G 104 -8.19 2.75 -10.86
N LYS G 105 -7.40 1.73 -11.11
CA LYS G 105 -7.45 0.99 -12.39
C LYS G 105 -8.86 0.55 -12.77
N GLU G 106 -9.50 -0.17 -11.87
CA GLU G 106 -10.85 -0.73 -12.13
C GLU G 106 -11.78 0.36 -12.64
N LYS G 107 -11.61 1.54 -12.06
CA LYS G 107 -12.45 2.74 -12.37
C LYS G 107 -12.08 3.45 -13.67
N ALA G 108 -10.81 3.41 -13.99
CA ALA G 108 -10.30 4.12 -15.17
C ALA G 108 -10.26 3.24 -16.40
N ILE G 109 -10.43 1.96 -16.19
CA ILE G 109 -10.48 1.00 -17.31
C ILE G 109 -11.83 1.17 -18.04
N LEU G 110 -12.75 1.82 -17.35
CA LEU G 110 -14.08 2.12 -17.92
C LEU G 110 -13.99 2.93 -19.23
N HIS G 111 -12.95 3.74 -19.34
CA HIS G 111 -12.80 4.61 -20.53
C HIS G 111 -12.61 3.74 -21.75
N VAL G 112 -11.98 2.60 -21.53
CA VAL G 112 -11.67 1.63 -22.62
C VAL G 112 -12.78 0.62 -22.91
N GLU G 113 -13.67 0.43 -21.94
CA GLU G 113 -14.92 -0.30 -22.20
C GLU G 113 -15.71 0.54 -23.19
N ALA G 114 -15.52 1.84 -23.03
CA ALA G 114 -16.25 2.88 -23.79
C ALA G 114 -15.59 3.20 -25.13
N GLY G 115 -14.57 2.42 -25.47
CA GLY G 115 -13.96 2.50 -26.82
C GLY G 115 -12.57 3.10 -26.90
N ALA G 116 -12.01 3.41 -25.75
CA ALA G 116 -10.71 4.08 -25.68
C ALA G 116 -9.56 3.09 -25.54
N LYS G 117 -8.57 3.26 -26.39
CA LYS G 117 -7.38 2.37 -26.38
C LYS G 117 -6.49 2.52 -25.12
N LYS G 118 -6.30 3.75 -24.66
CA LYS G 118 -5.35 4.02 -23.54
C LYS G 118 -5.75 5.16 -22.64
N VAL G 119 -5.52 4.98 -21.36
CA VAL G 119 -5.82 6.01 -20.37
C VAL G 119 -4.58 6.50 -19.62
N ILE G 120 -4.47 7.80 -19.49
CA ILE G 120 -3.33 8.43 -18.82
C ILE G 120 -3.75 9.25 -17.60
N LEU G 121 -3.23 8.88 -16.45
CA LEU G 121 -3.58 9.53 -15.19
C LEU G 121 -2.73 10.72 -14.84
N THR G 122 -3.40 11.77 -14.37
CA THR G 122 -2.78 13.04 -13.94
C THR G 122 -2.55 13.10 -12.43
N ALA G 123 -2.69 11.94 -11.82
CA ALA G 123 -2.38 11.73 -10.39
C ALA G 123 -1.66 10.39 -10.17
N PRO G 124 -1.03 10.20 -8.99
CA PRO G 124 -0.50 8.87 -8.71
C PRO G 124 -1.60 7.86 -8.83
N GLY G 125 -1.27 6.70 -9.38
CA GLY G 125 -2.27 5.66 -9.67
C GLY G 125 -2.58 4.74 -8.47
N LYS G 126 -3.65 3.98 -8.61
CA LYS G 126 -3.91 2.81 -7.75
C LYS G 126 -4.02 1.59 -8.66
N ASN G 127 -3.10 0.66 -8.46
CA ASN G 127 -3.02 -0.55 -9.29
C ASN G 127 -2.88 -0.27 -10.78
N GLU G 128 -2.20 0.80 -11.12
CA GLU G 128 -1.98 1.13 -12.53
C GLU G 128 -0.97 0.16 -13.17
N ASP G 129 -1.07 0.04 -14.48
CA ASP G 129 -0.20 -0.88 -15.24
C ASP G 129 1.23 -0.50 -14.99
N VAL G 130 1.45 0.79 -15.10
CA VAL G 130 2.78 1.35 -14.96
C VAL G 130 2.71 2.81 -14.56
N THR G 131 3.76 3.27 -13.93
CA THR G 131 3.92 4.68 -13.62
C THR G 131 5.13 5.14 -14.36
N ILE G 132 4.96 6.23 -15.08
CA ILE G 132 6.08 6.83 -15.82
C ILE G 132 6.37 8.22 -15.31
N VAL G 133 7.65 8.53 -15.22
CA VAL G 133 8.11 9.85 -14.88
C VAL G 133 9.09 10.23 -15.94
N VAL G 134 8.74 11.20 -16.76
CA VAL G 134 9.57 11.53 -17.93
C VAL G 134 10.96 11.96 -17.49
N GLY G 135 11.92 11.23 -18.01
CA GLY G 135 13.34 11.57 -17.88
C GLY G 135 14.05 10.55 -17.02
N VAL G 136 13.23 9.80 -16.32
CA VAL G 136 13.69 8.78 -15.41
C VAL G 136 13.47 7.37 -15.94
N ASN G 137 12.22 6.98 -16.03
CA ASN G 137 11.85 5.60 -16.46
C ASN G 137 11.15 5.35 -17.81
N GLU G 138 11.04 6.31 -18.70
CA GLU G 138 10.19 6.12 -19.89
C GLU G 138 10.48 4.85 -20.62
N ASP G 139 11.72 4.44 -20.50
CA ASP G 139 12.22 3.20 -21.07
C ASP G 139 11.27 2.06 -20.73
N GLN G 140 10.74 2.12 -19.53
CA GLN G 140 10.01 0.99 -18.90
C GLN G 140 8.54 0.93 -19.30
N LEU G 141 8.19 1.73 -20.28
CA LEU G 141 6.82 1.78 -20.80
C LEU G 141 6.64 0.77 -21.93
N ASP G 142 5.79 -0.20 -21.66
CA ASP G 142 5.45 -1.24 -22.63
C ASP G 142 4.03 -0.99 -23.13
N ILE G 143 3.90 -0.69 -24.41
CA ILE G 143 2.59 -0.30 -24.97
C ILE G 143 1.59 -1.44 -25.02
N THR G 144 2.12 -2.62 -25.28
CA THR G 144 1.30 -3.81 -25.50
C THR G 144 0.81 -4.42 -24.17
N LYS G 145 1.61 -4.20 -23.13
CA LYS G 145 1.28 -4.62 -21.72
C LYS G 145 0.37 -3.63 -20.95
N HIS G 146 0.69 -2.35 -21.06
CA HIS G 146 0.04 -1.29 -20.22
C HIS G 146 -1.02 -0.47 -20.91
N THR G 147 -2.27 -0.59 -20.48
CA THR G 147 -3.34 0.36 -20.87
C THR G 147 -3.49 1.58 -19.93
N VAL G 148 -3.44 1.37 -18.62
CA VAL G 148 -3.61 2.48 -17.63
C VAL G 148 -2.29 2.94 -17.02
N ILE G 149 -1.87 4.12 -17.47
CA ILE G 149 -0.56 4.66 -17.12
C ILE G 149 -0.67 5.91 -16.25
N SER G 150 0.12 5.94 -15.18
CA SER G 150 0.18 7.11 -14.30
C SER G 150 1.38 7.98 -14.58
N ASN G 151 1.15 9.28 -14.48
CA ASN G 151 2.24 10.27 -14.56
C ASN G 151 2.82 10.63 -13.19
N ALA G 152 2.37 9.88 -12.20
CA ALA G 152 2.70 10.16 -10.80
C ALA G 152 2.22 11.58 -10.46
N SER G 153 2.92 12.21 -9.55
CA SER G 153 2.52 13.55 -9.05
C SER G 153 3.58 14.60 -9.37
N CYS G 154 3.29 15.85 -9.07
CA CYS G 154 4.28 16.93 -9.40
C CYS G 154 5.56 16.86 -8.52
N THR G 155 5.37 16.63 -7.23
CA THR G 155 6.49 16.50 -6.30
C THR G 155 7.42 15.36 -6.69
N THR G 156 6.82 14.21 -6.87
CA THR G 156 7.52 13.03 -7.35
C THR G 156 8.30 13.41 -8.60
N ASN G 157 7.65 14.13 -9.48
CA ASN G 157 8.23 14.50 -10.83
C ASN G 157 9.45 15.41 -10.73
N CYS G 158 9.51 16.12 -9.64
CA CYS G 158 10.70 16.91 -9.31
C CYS G 158 11.83 16.07 -8.69
N LEU G 159 11.48 15.26 -7.71
CA LEU G 159 12.42 14.44 -6.93
C LEU G 159 13.13 13.36 -7.77
N ALA G 160 12.34 12.52 -8.40
CA ALA G 160 12.91 11.35 -9.10
C ALA G 160 14.13 11.77 -9.93
N PRO G 161 14.00 12.81 -10.74
CA PRO G 161 15.14 13.17 -11.56
C PRO G 161 16.30 13.66 -10.74
N VAL G 162 16.03 14.41 -9.69
CA VAL G 162 17.11 14.95 -8.86
C VAL G 162 17.88 13.79 -8.26
N VAL G 163 17.12 12.91 -7.65
CA VAL G 163 17.67 11.67 -7.04
C VAL G 163 18.31 10.70 -8.05
N LYS G 164 17.78 10.68 -9.26
CA LYS G 164 18.35 9.81 -10.30
C LYS G 164 19.72 10.28 -10.71
N VAL G 165 19.88 11.57 -10.86
CA VAL G 165 21.19 12.15 -11.26
C VAL G 165 22.22 11.97 -10.15
N LEU G 166 21.79 12.19 -8.93
CA LEU G 166 22.66 11.97 -7.77
C LEU G 166 23.12 10.52 -7.71
N ASP G 167 22.19 9.59 -7.70
CA ASP G 167 22.57 8.15 -7.65
C ASP G 167 23.55 7.77 -8.74
N GLU G 168 23.17 8.01 -9.98
CA GLU G 168 23.98 7.60 -11.16
C GLU G 168 25.38 8.13 -11.10
N GLN G 169 25.52 9.34 -10.61
CA GLN G 169 26.87 9.97 -10.46
C GLN G 169 27.66 9.55 -9.22
N PHE G 170 27.12 9.87 -8.06
CA PHE G 170 27.82 9.62 -6.77
C PHE G 170 27.30 8.47 -5.92
N GLY G 171 26.18 7.92 -6.36
CA GLY G 171 25.49 6.85 -5.63
C GLY G 171 24.80 7.43 -4.41
N ILE G 172 23.68 6.87 -4.02
CA ILE G 172 23.03 7.29 -2.77
C ILE G 172 23.06 6.20 -1.75
N GLU G 173 22.99 6.62 -0.53
CA GLU G 173 23.16 5.79 0.64
C GLU G 173 21.90 6.02 1.47
N ASN G 174 21.78 7.24 1.89
CA ASN G 174 20.69 7.70 2.75
C ASN G 174 20.10 9.00 2.26
N GLY G 175 18.82 9.22 2.47
CA GLY G 175 18.26 10.54 2.20
C GLY G 175 17.01 10.88 2.96
N LEU G 176 16.90 12.15 3.28
CA LEU G 176 15.70 12.70 3.86
C LEU G 176 15.39 13.96 3.07
N MET G 177 14.12 14.29 3.04
CA MET G 177 13.74 15.47 2.31
C MET G 177 12.51 16.13 2.88
N THR G 178 12.47 17.45 2.73
CA THR G 178 11.32 18.24 3.05
C THR G 178 10.80 18.91 1.79
N THR G 179 9.57 18.62 1.44
CA THR G 179 8.95 19.29 0.30
C THR G 179 8.10 20.44 0.80
N VAL G 180 8.47 21.64 0.39
CA VAL G 180 7.78 22.88 0.78
C VAL G 180 6.73 23.25 -0.29
N HIS G 181 5.46 23.16 0.09
CA HIS G 181 4.32 23.29 -0.85
C HIS G 181 3.58 24.58 -0.88
N ALA G 182 3.31 25.02 -2.11
CA ALA G 182 2.21 26.02 -2.48
C ALA G 182 1.36 26.47 -1.30
N LEU G 197 -5.30 14.42 7.78
CA LEU G 197 -4.27 14.76 8.77
C LEU G 197 -4.53 16.19 9.32
N ARG G 198 -3.48 16.99 9.28
CA ARG G 198 -3.55 18.44 9.57
C ARG G 198 -3.85 19.24 8.31
N ARG G 199 -3.95 18.52 7.20
CA ARG G 199 -4.35 19.14 5.92
C ARG G 199 -5.71 19.80 6.08
N ALA G 200 -6.32 19.43 7.19
CA ALA G 200 -7.68 19.83 7.60
C ALA G 200 -7.79 21.31 7.93
N ARG G 201 -6.65 21.96 8.06
CA ARG G 201 -6.62 23.36 8.53
C ARG G 201 -6.51 24.28 7.34
N ALA G 202 -6.61 25.58 7.62
CA ALA G 202 -6.56 26.62 6.55
C ALA G 202 -5.14 27.18 6.39
N CYS G 203 -4.69 27.21 5.14
CA CYS G 203 -3.25 27.45 4.85
C CYS G 203 -2.84 28.93 4.95
N GLY G 204 -3.82 29.80 4.80
CA GLY G 204 -3.58 31.25 4.72
C GLY G 204 -2.71 31.77 5.85
N GLN G 205 -2.82 31.11 6.97
CA GLN G 205 -2.12 31.51 8.19
C GLN G 205 -0.76 30.84 8.33
N SER G 206 -0.83 29.52 8.35
CA SER G 206 0.22 28.70 8.96
C SER G 206 1.10 27.97 7.98
N ILE G 207 2.26 27.60 8.49
CA ILE G 207 3.01 26.46 7.95
C ILE G 207 2.36 25.15 8.45
N ILE G 208 2.01 24.28 7.52
CA ILE G 208 1.35 23.02 7.85
C ILE G 208 2.20 21.81 7.53
N PRO G 209 2.75 21.16 8.56
CA PRO G 209 3.45 19.92 8.30
C PRO G 209 2.46 18.86 7.83
N THR G 210 2.93 17.88 7.09
CA THR G 210 2.08 16.80 6.60
C THR G 210 2.90 15.82 5.81
N THR G 211 2.38 14.63 5.63
CA THR G 211 3.09 13.58 4.89
C THR G 211 3.24 13.91 3.39
N THR G 212 4.20 13.25 2.77
CA THR G 212 4.30 13.21 1.29
C THR G 212 4.44 11.78 0.87
N GLY G 213 3.97 11.48 -0.33
CA GLY G 213 4.07 10.13 -0.88
C GLY G 213 5.15 10.02 -1.94
N ALA G 214 5.78 11.16 -2.19
CA ALA G 214 6.71 11.31 -3.32
C ALA G 214 7.97 10.47 -3.14
N ALA G 215 8.26 10.13 -1.90
CA ALA G 215 9.41 9.26 -1.58
C ALA G 215 9.07 7.76 -1.78
N LYS G 216 7.91 7.35 -1.28
CA LYS G 216 7.43 5.96 -1.46
C LYS G 216 7.22 5.67 -2.95
N ALA G 217 6.91 6.72 -3.70
CA ALA G 217 6.66 6.61 -5.16
C ALA G 217 7.89 6.27 -5.97
N LEU G 218 9.05 6.64 -5.46
CA LEU G 218 10.29 6.33 -6.20
C LEU G 218 10.37 4.83 -6.44
N ALA G 219 9.70 4.07 -5.60
CA ALA G 219 9.78 2.59 -5.64
C ALA G 219 9.30 2.03 -6.97
N LYS G 220 8.42 2.79 -7.60
CA LYS G 220 7.85 2.44 -8.92
C LYS G 220 8.76 2.82 -10.08
N VAL G 221 9.23 4.04 -10.04
CA VAL G 221 10.11 4.58 -11.10
C VAL G 221 11.61 4.30 -10.88
N LEU G 222 12.01 4.24 -9.62
CA LEU G 222 13.44 3.96 -9.24
C LEU G 222 13.59 2.88 -8.17
N PRO G 223 13.40 1.62 -8.54
CA PRO G 223 13.20 0.58 -7.58
C PRO G 223 14.47 0.27 -6.78
N HIS G 224 15.61 0.52 -7.40
CA HIS G 224 16.90 0.25 -6.74
C HIS G 224 17.05 1.09 -5.48
N LEU G 225 16.29 2.17 -5.39
CA LEU G 225 16.37 3.10 -4.23
C LEU G 225 15.43 2.82 -3.08
N ASN G 226 14.71 1.74 -3.16
CA ASN G 226 13.66 1.46 -2.17
C ASN G 226 14.13 1.65 -0.76
N GLY G 227 13.41 2.52 -0.07
CA GLY G 227 13.65 2.78 1.38
C GLY G 227 15.00 3.40 1.76
N LYS G 228 15.70 3.92 0.77
CA LYS G 228 16.90 4.72 1.08
C LYS G 228 16.49 6.18 1.30
N LEU G 229 15.30 6.52 0.85
CA LEU G 229 14.75 7.89 0.89
C LEU G 229 13.40 7.98 1.53
N HIS G 230 13.29 8.87 2.50
CA HIS G 230 12.02 9.17 3.15
C HIS G 230 11.78 10.67 3.17
N GLY G 231 10.54 11.10 3.19
CA GLY G 231 10.22 12.54 3.04
C GLY G 231 9.05 13.07 3.84
N MET G 232 8.89 14.39 3.81
CA MET G 232 7.70 15.06 4.38
C MET G 232 7.44 16.39 3.70
N ALA G 233 6.37 17.05 4.10
CA ALA G 233 5.92 18.27 3.43
C ALA G 233 5.62 19.39 4.39
N LEU G 234 5.97 20.57 3.94
CA LEU G 234 5.54 21.82 4.59
C LEU G 234 4.71 22.65 3.63
N ARG G 235 3.41 22.65 3.87
CA ARG G 235 2.48 23.51 3.10
C ARG G 235 2.59 24.93 3.63
N VAL G 236 2.95 25.84 2.74
CA VAL G 236 3.05 27.27 3.12
C VAL G 236 2.17 28.12 2.24
N PRO G 237 1.89 29.34 2.69
CA PRO G 237 0.98 30.19 1.96
C PRO G 237 1.66 31.02 0.85
N THR G 238 2.09 30.32 -0.17
CA THR G 238 2.60 30.99 -1.38
C THR G 238 1.97 30.35 -2.61
N PRO G 239 1.99 31.05 -3.73
CA PRO G 239 1.34 30.47 -4.88
C PRO G 239 2.32 29.85 -5.83
N ASN G 240 1.82 28.87 -6.53
CA ASN G 240 2.43 28.36 -7.77
C ASN G 240 3.66 27.52 -7.67
N VAL G 241 4.66 28.01 -6.95
CA VAL G 241 6.01 27.40 -6.97
C VAL G 241 6.43 26.80 -5.63
N SER G 242 6.85 25.54 -5.72
CA SER G 242 7.23 24.74 -4.55
C SER G 242 8.68 24.31 -4.66
N LEU G 243 9.23 23.84 -3.57
CA LEU G 243 10.57 23.26 -3.63
C LEU G 243 10.73 21.93 -2.93
N VAL G 244 11.66 21.17 -3.45
CA VAL G 244 12.12 19.95 -2.81
C VAL G 244 13.45 20.25 -2.13
N ASP G 245 13.45 20.11 -0.84
CA ASP G 245 14.67 20.34 -0.09
C ASP G 245 15.22 18.98 0.37
N LEU G 246 16.35 18.61 -0.17
CA LEU G 246 16.81 17.24 -0.14
C LEU G 246 18.17 17.07 0.54
N VAL G 247 18.19 16.29 1.60
CA VAL G 247 19.47 16.03 2.29
C VAL G 247 19.82 14.57 2.22
N VAL G 248 20.91 14.32 1.52
CA VAL G 248 21.24 13.00 1.05
C VAL G 248 22.72 12.77 1.32
N ASP G 249 23.03 11.63 1.89
CA ASP G 249 24.42 11.18 2.00
C ASP G 249 24.77 10.34 0.78
N VAL G 250 25.95 10.55 0.24
CA VAL G 250 26.36 9.84 -0.99
C VAL G 250 27.49 8.87 -0.68
N LYS G 251 27.87 8.07 -1.67
CA LYS G 251 28.84 6.94 -1.42
C LYS G 251 30.30 7.23 -1.72
N ARG G 252 30.55 8.37 -2.33
CA ARG G 252 31.93 8.80 -2.58
C ARG G 252 32.10 10.30 -2.33
N ASP G 253 33.32 10.68 -2.08
CA ASP G 253 33.64 12.07 -1.73
C ASP G 253 33.15 13.06 -2.82
N VAL G 254 32.45 14.10 -2.37
CA VAL G 254 31.98 15.19 -3.26
C VAL G 254 32.32 16.57 -2.73
N THR G 255 32.22 17.53 -3.63
CA THR G 255 32.33 18.98 -3.33
C THR G 255 31.11 19.72 -3.87
N VAL G 256 30.82 20.89 -3.32
CA VAL G 256 29.67 21.70 -3.82
C VAL G 256 29.80 21.90 -5.33
N GLU G 257 31.02 21.99 -5.78
CA GLU G 257 31.31 22.28 -7.20
C GLU G 257 30.87 21.15 -8.12
N ALA G 258 31.21 19.95 -7.70
CA ALA G 258 31.08 18.74 -8.55
C ALA G 258 29.66 18.28 -8.66
N ILE G 259 28.92 18.48 -7.59
CA ILE G 259 27.51 18.18 -7.57
C ILE G 259 26.76 19.09 -8.54
N ASN G 260 26.94 20.39 -8.33
CA ASN G 260 26.31 21.40 -9.20
C ASN G 260 26.66 21.16 -10.66
N ASP G 261 27.91 20.78 -10.89
CA ASP G 261 28.39 20.53 -12.26
C ASP G 261 27.79 19.25 -12.85
N ALA G 262 27.32 18.36 -11.98
CA ALA G 262 26.55 17.20 -12.44
C ALA G 262 25.24 17.67 -13.08
N PHE G 263 24.50 18.43 -12.31
CA PHE G 263 23.18 18.94 -12.77
C PHE G 263 23.27 19.85 -13.97
N LYS G 264 24.31 20.66 -13.95
CA LYS G 264 24.63 21.58 -15.06
C LYS G 264 24.74 20.74 -16.34
N THR G 265 25.38 19.61 -16.18
CA THR G 265 25.73 18.71 -17.29
C THR G 265 24.50 18.16 -17.94
N VAL G 266 23.74 17.51 -17.08
CA VAL G 266 22.51 16.80 -17.48
C VAL G 266 21.49 17.75 -18.08
N ALA G 267 21.47 18.98 -17.58
CA ALA G 267 20.46 19.96 -18.03
C ALA G 267 20.69 20.26 -19.50
N ASN G 268 21.94 20.51 -19.82
CA ASN G 268 22.38 20.62 -21.23
C ASN G 268 22.37 19.23 -21.90
N GLY G 269 22.12 18.25 -21.07
CA GLY G 269 22.30 16.81 -21.39
C GLY G 269 21.02 16.10 -21.72
N ALA G 270 20.93 14.87 -21.20
CA ALA G 270 19.79 13.93 -21.40
C ALA G 270 18.47 14.36 -20.74
N LEU G 271 18.58 15.16 -19.70
CA LEU G 271 17.39 15.68 -18.97
C LEU G 271 17.00 17.08 -19.38
N LYS G 272 17.57 17.52 -20.48
CA LYS G 272 17.31 18.88 -20.99
C LYS G 272 15.82 19.10 -21.10
N GLY G 273 15.38 20.19 -20.51
CA GLY G 273 13.97 20.56 -20.49
C GLY G 273 13.26 19.94 -19.32
N ILE G 274 13.80 18.83 -18.83
CA ILE G 274 13.30 18.23 -17.56
C ILE G 274 13.91 18.88 -16.31
N VAL G 275 15.22 18.92 -16.30
CA VAL G 275 15.99 19.55 -15.22
C VAL G 275 16.75 20.76 -15.76
N GLU G 276 16.69 21.84 -15.00
CA GLU G 276 17.40 23.07 -15.30
C GLU G 276 18.30 23.38 -14.14
N PHE G 277 19.31 24.19 -14.39
CA PHE G 277 20.25 24.65 -13.36
C PHE G 277 20.33 26.19 -13.29
N SER G 278 19.92 26.73 -12.17
CA SER G 278 19.92 28.17 -11.97
C SER G 278 21.01 28.59 -10.99
N GLU G 279 21.98 29.34 -11.52
CA GLU G 279 23.11 29.89 -10.74
C GLU G 279 22.71 31.12 -9.94
N GLU G 280 21.52 31.59 -10.26
CA GLU G 280 21.09 32.96 -9.94
C GLU G 280 20.38 33.06 -8.60
N PRO G 281 20.47 34.21 -7.94
CA PRO G 281 19.87 34.43 -6.63
C PRO G 281 18.40 34.87 -6.72
N LEU G 282 17.60 33.93 -7.20
CA LEU G 282 16.18 34.13 -7.42
C LEU G 282 15.34 33.69 -6.23
N VAL G 283 14.04 33.98 -6.36
CA VAL G 283 13.03 33.68 -5.35
C VAL G 283 11.90 32.88 -5.98
N SER G 284 11.06 32.25 -5.16
CA SER G 284 10.11 31.23 -5.69
C SER G 284 9.34 31.72 -6.92
N ILE G 285 8.71 32.89 -6.81
CA ILE G 285 7.80 33.41 -7.87
C ILE G 285 8.46 33.61 -9.23
N ASP G 286 9.78 33.73 -9.25
CA ASP G 286 10.49 33.90 -10.54
C ASP G 286 10.31 32.69 -11.44
N PHE G 287 9.92 31.59 -10.85
CA PHE G 287 9.80 30.31 -11.56
C PHE G 287 8.39 29.95 -11.99
N ASN G 288 7.43 30.78 -11.66
CA ASN G 288 6.03 30.51 -12.09
C ASN G 288 6.16 30.40 -13.60
N THR G 289 5.42 29.51 -14.21
CA THR G 289 5.50 29.37 -15.69
C THR G 289 6.77 28.74 -16.29
N ASN G 290 7.70 28.36 -15.44
CA ASN G 290 8.79 27.43 -15.85
C ASN G 290 8.23 26.03 -16.14
N THR G 291 8.65 25.41 -17.23
CA THR G 291 8.15 24.03 -17.59
C THR G 291 9.07 22.82 -17.26
N HIS G 292 10.16 23.08 -16.57
CA HIS G 292 11.05 21.99 -16.12
C HIS G 292 10.42 21.25 -14.94
N SER G 293 10.77 19.99 -14.80
CA SER G 293 10.29 19.20 -13.65
C SER G 293 10.95 19.69 -12.37
N ALA G 294 12.24 19.98 -12.50
CA ALA G 294 13.08 20.46 -11.37
C ALA G 294 14.14 21.47 -11.79
N ILE G 295 14.21 22.55 -11.03
CA ILE G 295 15.15 23.63 -11.25
C ILE G 295 16.10 23.76 -10.06
N ILE G 296 17.32 23.29 -10.23
CA ILE G 296 18.28 23.28 -9.12
C ILE G 296 18.68 24.71 -8.76
N ASP G 297 18.50 25.08 -7.52
CA ASP G 297 18.99 26.38 -7.06
C ASP G 297 20.44 26.18 -6.67
N GLY G 298 21.31 26.45 -7.63
CA GLY G 298 22.74 26.16 -7.53
C GLY G 298 23.41 26.81 -6.33
N LEU G 299 22.92 27.97 -6.01
CA LEU G 299 23.46 28.73 -4.88
C LEU G 299 23.21 28.12 -3.49
N SER G 300 22.16 27.32 -3.39
CA SER G 300 21.77 26.69 -2.09
C SER G 300 22.39 25.32 -1.84
N THR G 301 23.15 24.82 -2.80
CA THR G 301 23.87 23.54 -2.63
C THR G 301 24.89 23.64 -1.51
N MET G 302 24.99 22.59 -0.75
CA MET G 302 25.85 22.52 0.43
C MET G 302 26.42 21.13 0.44
N VAL G 303 27.66 21.01 0.91
CA VAL G 303 28.28 19.69 1.12
C VAL G 303 29.03 19.59 2.43
N MET G 304 28.58 18.73 3.33
CA MET G 304 29.22 18.59 4.66
C MET G 304 29.93 17.26 4.86
N GLY G 305 31.11 17.31 5.46
CA GLY G 305 31.95 16.13 5.67
C GLY G 305 32.16 15.31 4.41
N ASP G 306 32.26 16.01 3.29
CA ASP G 306 32.51 15.36 1.98
C ASP G 306 31.38 14.44 1.49
N ARG G 307 30.51 13.99 2.39
CA ARG G 307 29.42 13.09 1.98
C ARG G 307 27.97 13.55 2.09
N LYS G 308 27.73 14.58 2.86
CA LYS G 308 26.36 14.96 3.17
C LYS G 308 25.98 16.10 2.26
N VAL G 309 24.90 15.92 1.52
CA VAL G 309 24.58 16.86 0.46
C VAL G 309 23.20 17.44 0.61
N LYS G 310 23.13 18.75 0.53
CA LYS G 310 21.82 19.44 0.41
C LYS G 310 21.65 20.00 -0.98
N VAL G 311 20.57 19.58 -1.62
CA VAL G 311 20.15 20.11 -2.91
C VAL G 311 18.74 20.64 -2.78
N LEU G 312 18.54 21.85 -3.31
CA LEU G 312 17.22 22.52 -3.44
C LEU G 312 16.77 22.60 -4.88
N ALA G 313 15.57 22.11 -5.12
CA ALA G 313 14.97 22.12 -6.48
C ALA G 313 13.58 22.76 -6.48
N TRP G 314 13.45 23.83 -7.25
CA TRP G 314 12.14 24.46 -7.48
C TRP G 314 11.38 23.69 -8.50
N TYR G 315 10.07 23.83 -8.44
CA TYR G 315 9.15 23.35 -9.49
C TYR G 315 7.81 24.05 -9.37
N ASP G 316 7.20 24.32 -10.50
CA ASP G 316 5.85 24.92 -10.52
C ASP G 316 4.82 23.83 -10.43
N ASN G 317 4.02 23.84 -9.37
CA ASN G 317 3.14 22.69 -9.08
C ASN G 317 2.28 22.34 -10.28
N GLU G 318 1.96 23.33 -11.07
CA GLU G 318 1.12 23.07 -12.26
C GLU G 318 1.87 23.01 -13.57
N TRP G 319 2.53 24.10 -13.88
CA TRP G 319 3.14 24.27 -15.21
C TRP G 319 4.04 23.14 -15.63
N GLY G 320 4.83 22.65 -14.70
CA GLY G 320 5.85 21.60 -15.04
C GLY G 320 5.24 20.23 -15.29
N TYR G 321 4.38 19.86 -14.36
CA TYR G 321 3.61 18.62 -14.47
C TYR G 321 2.89 18.58 -15.80
N SER G 322 2.09 19.58 -16.09
CA SER G 322 1.32 19.64 -17.35
C SER G 322 2.17 19.32 -18.57
N ARG G 323 3.33 19.92 -18.60
CA ARG G 323 4.23 19.75 -19.73
C ARG G 323 4.59 18.27 -19.81
N ARG G 324 4.80 17.68 -18.65
CA ARG G 324 5.13 16.23 -18.56
C ARG G 324 3.97 15.38 -19.05
N VAL G 325 2.77 15.79 -18.70
CA VAL G 325 1.58 15.06 -19.16
C VAL G 325 1.48 15.12 -20.68
N VAL G 326 1.85 16.24 -21.24
CA VAL G 326 1.81 16.39 -22.71
C VAL G 326 2.90 15.55 -23.34
N ASP G 327 4.05 15.54 -22.69
CA ASP G 327 5.17 14.65 -23.05
C ASP G 327 4.79 13.17 -23.05
N LEU G 328 4.11 12.77 -21.98
CA LEU G 328 3.73 11.37 -21.78
C LEU G 328 2.65 10.91 -22.73
N VAL G 329 1.63 11.73 -22.89
CA VAL G 329 0.53 11.44 -23.83
C VAL G 329 1.15 11.26 -25.20
N THR G 330 2.22 11.99 -25.38
CA THR G 330 2.92 12.02 -26.66
C THR G 330 3.73 10.75 -26.89
N LEU G 331 4.40 10.32 -25.84
CA LEU G 331 5.14 9.04 -25.85
C LEU G 331 4.23 7.86 -26.18
N VAL G 332 3.12 7.80 -25.48
CA VAL G 332 2.09 6.77 -25.73
C VAL G 332 1.58 6.83 -27.15
N VAL G 333 1.65 8.01 -27.72
CA VAL G 333 1.06 8.27 -29.06
C VAL G 333 1.93 7.67 -30.16
N ASP G 334 3.21 7.94 -30.07
CA ASP G 334 4.19 7.43 -31.05
C ASP G 334 4.40 5.92 -30.93
N GLU G 335 3.95 5.38 -29.81
CA GLU G 335 4.07 3.93 -29.54
C GLU G 335 2.96 3.14 -30.21
N LEU G 336 1.79 3.73 -30.16
CA LEU G 336 0.66 3.29 -30.98
C LEU G 336 1.04 3.39 -32.46
N ALA G 337 2.06 4.21 -32.66
CA ALA G 337 2.66 4.46 -33.99
C ALA G 337 3.87 3.53 -34.27
N LYS G 338 4.36 2.87 -33.24
CA LYS G 338 5.34 1.76 -33.41
C LYS G 338 4.58 0.51 -33.81
N GLN G 339 3.38 0.37 -33.26
CA GLN G 339 2.47 -0.74 -33.63
C GLN G 339 1.95 -0.57 -35.07
N MET H 4 14.41 46.56 44.21
CA MET H 4 14.20 46.06 42.81
C MET H 4 14.96 46.92 41.81
N THR H 5 15.77 46.25 41.01
CA THR H 5 16.73 46.93 40.11
C THR H 5 16.03 47.69 38.99
N ARG H 6 16.72 48.73 38.52
CA ARG H 6 16.20 49.64 37.50
C ARG H 6 16.85 49.38 36.14
N VAL H 7 16.00 49.21 35.13
CA VAL H 7 16.47 48.91 33.77
C VAL H 7 15.76 49.69 32.68
N ALA H 8 16.47 49.89 31.58
CA ALA H 8 16.00 50.68 30.44
C ALA H 8 15.94 49.87 29.13
N ILE H 9 14.80 49.94 28.47
CA ILE H 9 14.65 49.37 27.12
C ILE H 9 14.95 50.45 26.11
N ASN H 10 15.98 50.25 25.32
CA ASN H 10 16.29 51.21 24.26
C ASN H 10 15.82 50.71 22.90
N GLY H 11 14.78 51.37 22.44
CA GLY H 11 14.11 51.03 21.17
C GLY H 11 12.83 50.28 21.46
N PHE H 12 11.82 50.52 20.63
CA PHE H 12 10.51 49.88 20.80
C PHE H 12 9.98 49.31 19.50
N GLY H 13 10.79 48.44 18.94
CA GLY H 13 10.44 47.71 17.73
C GLY H 13 9.64 46.50 18.16
N ARG H 14 9.58 45.49 17.31
CA ARG H 14 8.86 44.26 17.68
C ARG H 14 9.48 43.63 18.93
N ILE H 15 10.80 43.54 18.93
CA ILE H 15 11.49 42.97 20.11
C ILE H 15 11.39 43.85 21.34
N GLY H 16 11.63 45.14 21.18
CA GLY H 16 11.54 46.06 22.33
C GLY H 16 10.18 46.02 22.99
N ARG H 17 9.19 45.92 22.13
CA ARG H 17 7.77 45.97 22.51
C ARG H 17 7.32 44.67 23.16
N MET H 18 7.84 43.58 22.63
CA MET H 18 7.50 42.24 23.14
C MET H 18 8.24 42.02 24.47
N VAL H 19 9.49 42.42 24.48
CA VAL H 19 10.38 42.34 25.67
C VAL H 19 9.82 43.17 26.80
N PHE H 20 9.40 44.37 26.45
CA PHE H 20 8.76 45.29 27.42
C PHE H 20 7.50 44.65 27.94
N ARG H 21 6.80 44.06 27.02
CA ARG H 21 5.46 43.53 27.25
C ARG H 21 5.34 42.58 28.43
N GLN H 22 6.23 41.62 28.46
CA GLN H 22 6.26 40.65 29.57
C GLN H 22 7.28 40.95 30.65
N ALA H 23 8.21 41.83 30.32
CA ALA H 23 9.27 42.21 31.28
C ALA H 23 8.66 43.01 32.43
N ILE H 24 7.59 43.69 32.08
CA ILE H 24 6.97 44.63 33.03
C ILE H 24 6.23 43.86 34.10
N LYS H 25 5.49 42.86 33.68
CA LYS H 25 4.59 42.08 34.57
C LYS H 25 5.39 41.35 35.67
N GLU H 26 6.71 41.46 35.57
CA GLU H 26 7.65 40.72 36.45
C GLU H 26 8.08 41.47 37.70
N SER H 27 8.20 40.67 38.76
CA SER H 27 8.58 41.15 40.11
C SER H 27 10.04 41.52 40.25
N ALA H 28 10.87 40.59 39.79
CA ALA H 28 12.31 40.57 40.13
C ALA H 28 13.00 41.90 39.87
N PHE H 29 12.38 42.71 39.04
CA PHE H 29 12.83 44.08 38.82
C PHE H 29 11.75 44.94 38.15
N GLU H 30 11.94 46.24 38.23
CA GLU H 30 11.02 47.21 37.59
C GLU H 30 11.68 47.91 36.40
N ILE H 31 11.00 47.89 35.26
CA ILE H 31 11.43 48.67 34.08
C ILE H 31 10.98 50.12 34.24
N VAL H 32 11.97 50.99 34.36
CA VAL H 32 11.74 52.39 34.70
C VAL H 32 11.88 53.40 33.56
N ALA H 33 12.26 52.93 32.39
CA ALA H 33 12.42 53.86 31.27
C ALA H 33 12.31 53.22 29.91
N ILE H 34 11.88 54.02 28.94
CA ILE H 34 11.92 53.63 27.53
C ILE H 34 12.43 54.76 26.68
N ASN H 35 13.42 54.42 25.89
CA ASN H 35 13.94 55.32 24.89
C ASN H 35 13.28 54.89 23.59
N ALA H 36 12.32 55.68 23.14
CA ALA H 36 11.55 55.34 21.93
C ALA H 36 11.33 56.56 21.07
N SER H 37 11.46 56.41 19.76
CA SER H 37 11.29 57.55 18.90
C SER H 37 9.86 57.99 18.87
N TYR H 38 8.94 57.06 18.90
CA TYR H 38 7.55 57.42 18.83
C TYR H 38 7.14 58.26 20.00
N PRO H 39 5.97 58.88 19.89
CA PRO H 39 5.45 59.74 20.96
C PRO H 39 4.53 58.95 21.88
N SER H 40 4.18 59.55 23.01
CA SER H 40 3.33 58.91 23.97
C SER H 40 2.08 58.32 23.40
N GLU H 41 1.51 58.97 22.43
CA GLU H 41 0.23 58.55 21.93
C GLU H 41 0.33 57.17 21.30
N THR H 42 1.26 57.04 20.37
CA THR H 42 1.47 55.80 19.56
C THR H 42 1.86 54.57 20.41
N LEU H 43 2.69 54.81 21.40
CA LEU H 43 3.21 53.74 22.28
C LEU H 43 2.12 52.97 22.98
N ALA H 44 1.28 53.73 23.67
CA ALA H 44 0.15 53.14 24.38
C ALA H 44 -0.64 52.32 23.38
N HIS H 45 -0.73 52.86 22.17
CA HIS H 45 -1.42 52.16 21.09
C HIS H 45 -0.68 50.90 20.70
N LEU H 46 0.63 51.05 20.55
CA LEU H 46 1.52 49.93 20.18
C LEU H 46 1.59 48.84 21.26
N ILE H 47 1.50 49.26 22.50
CA ILE H 47 1.47 48.31 23.63
C ILE H 47 0.12 47.62 23.76
N LYS H 48 -0.91 48.43 23.65
CA LYS H 48 -2.29 47.99 23.92
C LYS H 48 -2.78 47.02 22.84
N TYR H 49 -2.53 47.40 21.62
CA TYR H 49 -2.94 46.60 20.47
C TYR H 49 -1.76 45.91 19.82
N ASP H 50 -1.97 44.64 19.55
CA ASP H 50 -0.98 43.82 18.84
C ASP H 50 -1.65 42.83 17.88
N THR H 51 -1.24 42.90 16.63
CA THR H 51 -1.86 42.09 15.54
C THR H 51 -1.63 40.62 15.75
N VAL H 52 -0.57 40.32 16.48
CA VAL H 52 0.01 38.96 16.55
C VAL H 52 -0.28 38.21 17.84
N HIS H 53 0.14 38.81 18.94
CA HIS H 53 -0.02 38.24 20.30
C HIS H 53 -1.26 38.75 20.96
N GLY H 54 -2.07 39.41 20.16
CA GLY H 54 -3.40 39.86 20.57
C GLY H 54 -3.36 41.17 21.36
N LYS H 55 -4.43 41.40 22.11
CA LYS H 55 -4.55 42.60 22.94
C LYS H 55 -3.66 42.47 24.19
N PHE H 56 -3.67 43.51 24.98
CA PHE H 56 -2.84 43.56 26.18
C PHE H 56 -3.69 43.14 27.36
N ASP H 57 -3.21 42.13 28.08
CA ASP H 57 -3.89 41.75 29.32
C ASP H 57 -3.29 42.65 30.38
N GLY H 58 -4.02 43.70 30.70
CA GLY H 58 -3.47 44.78 31.52
C GLY H 58 -3.97 46.16 31.16
N THR H 59 -3.16 47.15 31.47
CA THR H 59 -3.51 48.58 31.36
C THR H 59 -2.46 49.48 30.73
N VAL H 60 -2.92 50.50 30.02
CA VAL H 60 -2.04 51.59 29.55
C VAL H 60 -2.76 52.93 29.56
N GLU H 61 -2.03 53.97 29.95
CA GLU H 61 -2.50 55.37 29.84
C GLU H 61 -1.40 56.34 29.42
N ALA H 62 -1.66 57.04 28.33
CA ALA H 62 -0.67 57.96 27.72
C ALA H 62 -0.63 59.31 28.44
N PHE H 63 0.57 59.87 28.40
CA PHE H 63 0.87 61.19 28.98
C PHE H 63 2.05 61.83 28.25
N GLU H 64 2.12 63.15 28.31
CA GLU H 64 3.09 63.89 27.47
C GLU H 64 4.49 63.34 27.68
N ASP H 65 4.85 63.27 28.95
CA ASP H 65 6.26 63.04 29.34
C ASP H 65 6.64 61.61 29.79
N HIS H 66 5.65 60.83 30.14
CA HIS H 66 5.90 59.54 30.82
C HIS H 66 4.80 58.59 30.47
N LEU H 67 4.78 57.45 31.13
CA LEU H 67 3.69 56.51 30.91
C LEU H 67 3.22 55.84 32.16
N LEU H 68 2.09 55.20 32.02
CA LEU H 68 1.46 54.49 33.10
C LEU H 68 0.93 53.18 32.62
N VAL H 69 1.46 52.13 33.22
CA VAL H 69 1.12 50.77 32.78
C VAL H 69 0.99 49.83 33.95
N ASP H 70 -0.13 49.15 33.99
CA ASP H 70 -0.49 48.32 35.15
C ASP H 70 -0.10 49.13 36.40
N GLY H 71 -0.31 50.43 36.27
CA GLY H 71 -0.03 51.44 37.32
C GLY H 71 1.38 52.02 37.32
N LYS H 72 2.32 51.26 36.80
CA LYS H 72 3.75 51.65 36.87
C LYS H 72 4.04 52.86 35.97
N MET H 73 4.87 53.76 36.48
CA MET H 73 5.32 54.92 35.68
C MET H 73 6.61 54.57 34.98
N ILE H 74 6.64 54.82 33.69
CA ILE H 74 7.86 54.65 32.92
C ILE H 74 8.24 56.04 32.41
N ARG H 75 9.48 56.42 32.59
CA ARG H 75 10.00 57.68 32.03
C ARG H 75 10.26 57.42 30.57
N LEU H 76 10.19 58.46 29.76
CA LEU H 76 10.17 58.30 28.30
C LEU H 76 11.00 59.36 27.64
N LEU H 77 11.89 58.92 26.75
CA LEU H 77 12.89 59.82 26.14
C LEU H 77 13.22 59.46 24.72
N ASN H 78 13.18 60.46 23.86
CA ASN H 78 13.48 60.24 22.42
C ASN H 78 14.94 60.61 22.03
N ASN H 79 15.84 60.58 22.98
CA ASN H 79 17.27 60.73 22.62
C ASN H 79 17.75 59.58 21.71
N ARG H 80 18.37 59.97 20.62
CA ARG H 80 18.96 58.98 19.67
C ARG H 80 20.43 58.82 19.98
N TRP H 87 22.02 57.26 32.58
CA TRP H 87 20.86 56.92 33.43
C TRP H 87 21.18 57.07 34.88
N THR H 88 22.22 57.84 35.12
CA THR H 88 22.75 58.06 36.48
C THR H 88 21.65 58.63 37.38
N ASP H 89 21.07 59.72 36.93
CA ASP H 89 19.91 60.38 37.61
C ASP H 89 18.70 59.45 37.59
N LEU H 90 18.73 58.58 36.60
CA LEU H 90 17.65 57.58 36.36
C LEU H 90 17.80 56.35 37.25
N GLY H 91 19.06 56.04 37.52
CA GLY H 91 19.41 54.92 38.43
C GLY H 91 19.44 53.53 37.80
N VAL H 92 19.38 53.51 36.47
CA VAL H 92 19.33 52.23 35.75
C VAL H 92 20.73 51.68 35.62
N GLU H 93 20.92 50.54 36.27
CA GLU H 93 22.21 49.83 36.26
C GLU H 93 22.53 49.40 34.82
N VAL H 94 21.60 48.64 34.27
CA VAL H 94 21.82 47.90 33.02
C VAL H 94 20.76 48.20 31.94
N VAL H 95 21.23 48.31 30.70
CA VAL H 95 20.38 48.68 29.55
C VAL H 95 20.09 47.57 28.53
N ILE H 96 18.84 47.14 28.44
CA ILE H 96 18.42 46.30 27.28
C ILE H 96 18.43 47.15 26.01
N GLU H 97 19.14 46.69 24.99
CA GLU H 97 19.27 47.46 23.76
C GLU H 97 18.53 46.73 22.64
N ALA H 98 17.36 47.24 22.30
CA ALA H 98 16.50 46.66 21.23
C ALA H 98 16.47 47.42 19.91
N THR H 99 17.20 48.52 19.85
CA THR H 99 17.17 49.35 18.63
C THR H 99 17.58 48.50 17.45
N GLY H 100 18.65 47.77 17.66
CA GLY H 100 19.32 47.03 16.57
C GLY H 100 20.30 47.96 15.87
N LYS H 101 20.34 49.19 16.38
CA LYS H 101 21.24 50.25 15.84
C LYS H 101 22.71 50.05 16.20
N PHE H 102 22.92 49.70 17.46
CA PHE H 102 24.28 49.58 18.01
C PHE H 102 24.51 48.27 18.73
N ASN H 103 25.05 47.33 17.99
CA ASN H 103 25.31 45.95 18.49
C ASN H 103 26.78 45.63 18.76
N SER H 104 27.64 46.65 18.65
CA SER H 104 29.07 46.50 18.98
C SER H 104 29.37 46.66 20.48
N LYS H 105 30.62 46.37 20.80
CA LYS H 105 31.18 46.77 22.11
C LYS H 105 31.29 48.29 22.06
N GLU H 106 31.97 48.79 21.04
CA GLU H 106 32.15 50.22 20.86
C GLU H 106 30.83 50.98 20.81
N LYS H 107 30.09 50.80 19.71
CA LYS H 107 28.80 51.52 19.52
C LYS H 107 27.89 51.41 20.75
N ALA H 108 28.01 50.29 21.43
CA ALA H 108 27.20 50.05 22.66
C ALA H 108 27.95 50.26 23.96
N ILE H 109 29.21 50.63 23.88
CA ILE H 109 29.98 51.01 25.10
C ILE H 109 29.31 52.23 25.75
N LEU H 110 28.69 53.01 24.90
CA LEU H 110 28.20 54.35 25.24
C LEU H 110 27.31 54.33 26.48
N HIS H 111 26.29 53.50 26.43
CA HIS H 111 25.33 53.35 27.56
C HIS H 111 26.01 53.29 28.91
N VAL H 112 27.20 52.69 28.93
CA VAL H 112 28.04 52.69 30.16
C VAL H 112 28.66 54.07 30.42
N GLU H 113 29.00 54.76 29.34
CA GLU H 113 29.54 56.14 29.42
C GLU H 113 28.56 57.11 30.06
N ALA H 114 27.29 56.80 29.83
CA ALA H 114 26.13 57.57 30.34
C ALA H 114 25.72 57.11 31.74
N GLY H 115 26.53 56.22 32.28
CA GLY H 115 26.38 55.75 33.68
C GLY H 115 25.92 54.31 33.87
N ALA H 116 25.54 53.70 32.76
CA ALA H 116 25.05 52.30 32.78
C ALA H 116 26.16 51.35 33.20
N LYS H 117 25.78 50.40 34.04
CA LYS H 117 26.71 49.33 34.47
C LYS H 117 26.95 48.30 33.37
N LYS H 118 25.86 47.63 33.00
CA LYS H 118 25.89 46.52 32.03
C LYS H 118 24.97 46.74 30.86
N VAL H 119 25.16 45.93 29.83
CA VAL H 119 24.33 46.06 28.61
C VAL H 119 24.03 44.74 27.88
N ILE H 120 22.79 44.62 27.46
CA ILE H 120 22.26 43.38 26.87
C ILE H 120 21.68 43.56 25.48
N LEU H 121 22.36 42.99 24.50
CA LEU H 121 21.95 43.08 23.09
C LEU H 121 20.91 42.01 22.74
N THR H 122 19.79 42.47 22.24
CA THR H 122 18.70 41.56 21.78
C THR H 122 18.93 41.14 20.33
N ALA H 123 20.13 41.37 19.86
CA ALA H 123 20.61 40.78 18.61
C ALA H 123 21.98 40.12 18.84
N PRO H 124 22.52 39.46 17.81
CA PRO H 124 23.89 39.02 17.91
C PRO H 124 24.88 40.19 17.88
N GLY H 125 25.83 40.14 18.79
CA GLY H 125 26.80 41.22 18.97
C GLY H 125 28.01 41.13 18.04
N LYS H 126 28.79 42.19 18.02
CA LYS H 126 30.11 42.19 17.37
C LYS H 126 31.17 42.60 18.35
N ASN H 127 32.21 41.81 18.44
CA ASN H 127 33.27 42.03 19.43
C ASN H 127 32.65 42.29 20.80
N GLU H 128 31.60 41.54 21.07
CA GLU H 128 30.92 41.53 22.40
C GLU H 128 31.65 40.64 23.43
N ASP H 129 31.33 40.87 24.70
CA ASP H 129 32.00 40.15 25.79
C ASP H 129 31.60 38.68 25.85
N VAL H 130 30.31 38.47 25.76
CA VAL H 130 29.81 37.12 25.84
C VAL H 130 28.46 37.00 25.12
N THR H 131 28.30 35.92 24.37
CA THR H 131 26.98 35.54 23.88
C THR H 131 26.46 34.48 24.83
N ILE H 132 25.23 34.64 25.24
CA ILE H 132 24.62 33.72 26.20
C ILE H 132 23.31 33.20 25.68
N VAL H 133 23.18 31.90 25.61
CA VAL H 133 21.88 31.30 25.34
C VAL H 133 21.37 30.56 26.57
N VAL H 134 20.32 31.09 27.17
CA VAL H 134 19.73 30.47 28.34
C VAL H 134 19.44 29.04 27.99
N GLY H 135 19.67 28.18 28.97
CA GLY H 135 19.56 26.72 28.85
C GLY H 135 20.83 26.02 28.37
N VAL H 136 21.68 26.77 27.71
CA VAL H 136 22.89 26.19 27.11
C VAL H 136 24.18 26.56 27.84
N ASN H 137 24.66 27.74 27.59
CA ASN H 137 25.92 28.25 28.21
C ASN H 137 25.74 29.30 29.31
N GLU H 138 24.52 29.44 29.78
CA GLU H 138 24.20 30.48 30.73
C GLU H 138 25.29 30.65 31.76
N ASP H 139 25.72 29.53 32.29
CA ASP H 139 26.69 29.41 33.40
C ASP H 139 28.04 30.05 33.05
N GLN H 140 28.18 30.39 31.79
CA GLN H 140 29.43 30.91 31.23
C GLN H 140 29.54 32.44 31.43
N LEU H 141 28.61 32.93 32.23
CA LEU H 141 28.47 34.37 32.53
C LEU H 141 29.17 34.84 33.81
N ASP H 142 30.12 35.73 33.65
CA ASP H 142 30.86 36.34 34.75
C ASP H 142 30.76 37.86 34.66
N ILE H 143 30.10 38.45 35.64
CA ILE H 143 29.80 39.91 35.62
C ILE H 143 31.07 40.75 35.64
N THR H 144 32.03 40.27 36.41
CA THR H 144 33.38 40.90 36.50
C THR H 144 34.00 41.17 35.14
N LYS H 145 34.00 40.15 34.30
CA LYS H 145 34.69 40.19 33.00
C LYS H 145 33.79 40.65 31.84
N HIS H 146 32.48 40.61 32.08
CA HIS H 146 31.48 40.88 31.01
C HIS H 146 30.62 42.09 31.23
N THR H 147 30.50 42.85 30.17
CA THR H 147 29.84 44.16 30.22
C THR H 147 28.70 44.21 29.21
N VAL H 148 29.11 44.14 27.96
CA VAL H 148 28.19 44.05 26.81
C VAL H 148 27.97 42.57 26.47
N ILE H 149 26.78 42.10 26.79
CA ILE H 149 26.39 40.71 26.60
C ILE H 149 25.35 40.53 25.49
N SER H 150 25.70 39.76 24.48
CA SER H 150 24.75 39.42 23.39
C SER H 150 23.85 38.26 23.75
N ASN H 151 22.62 38.32 23.27
CA ASN H 151 21.67 37.19 23.45
C ASN H 151 21.52 36.32 22.21
N ALA H 152 22.22 36.75 21.18
CA ALA H 152 22.08 36.22 19.80
C ALA H 152 20.64 36.25 19.28
N SER H 153 20.45 35.56 18.17
CA SER H 153 19.18 35.58 17.44
C SER H 153 18.22 34.56 18.03
N CYS H 154 16.95 34.72 17.73
CA CYS H 154 15.92 33.73 18.15
C CYS H 154 16.14 32.37 17.46
N THR H 155 16.66 32.38 16.24
CA THR H 155 16.94 31.13 15.51
C THR H 155 17.97 30.30 16.26
N THR H 156 19.08 30.94 16.61
CA THR H 156 20.12 30.35 17.45
C THR H 156 19.50 29.80 18.73
N ASN H 157 18.78 30.65 19.42
CA ASN H 157 18.12 30.24 20.69
C ASN H 157 17.19 29.04 20.52
N CYS H 158 16.79 28.79 19.29
CA CYS H 158 16.01 27.56 19.03
C CYS H 158 16.89 26.34 18.83
N LEU H 159 17.91 26.55 18.03
CA LEU H 159 18.81 25.49 17.53
C LEU H 159 19.87 25.02 18.53
N ALA H 160 20.32 25.93 19.37
CA ALA H 160 21.36 25.57 20.35
C ALA H 160 20.77 24.54 21.29
N PRO H 161 19.67 24.90 21.95
CA PRO H 161 19.11 23.90 22.86
C PRO H 161 18.95 22.54 22.20
N VAL H 162 18.43 22.53 20.99
CA VAL H 162 18.15 21.25 20.31
C VAL H 162 19.43 20.47 20.07
N VAL H 163 20.38 21.18 19.51
CA VAL H 163 21.67 20.62 19.09
C VAL H 163 22.53 20.19 20.28
N LYS H 164 22.32 20.89 21.37
CA LYS H 164 22.95 20.54 22.64
C LYS H 164 22.50 19.13 23.06
N VAL H 165 21.20 18.98 23.13
CA VAL H 165 20.56 17.74 23.58
C VAL H 165 21.03 16.55 22.78
N LEU H 166 21.11 16.75 21.48
CA LEU H 166 21.50 15.67 20.55
C LEU H 166 22.95 15.25 20.77
N ASP H 167 23.80 16.25 20.87
CA ASP H 167 25.25 15.97 21.01
C ASP H 167 25.55 15.28 22.37
N GLU H 168 24.84 15.71 23.40
CA GLU H 168 25.04 15.14 24.76
C GLU H 168 24.71 13.65 24.81
N GLN H 169 23.50 13.33 24.40
CA GLN H 169 22.97 11.95 24.51
C GLN H 169 23.47 11.00 23.44
N PHE H 170 23.49 11.46 22.20
CA PHE H 170 23.95 10.62 21.06
C PHE H 170 25.23 11.02 20.35
N GLY H 171 25.64 12.25 20.59
CA GLY H 171 26.85 12.80 19.93
C GLY H 171 26.54 13.11 18.48
N ILE H 172 27.05 14.21 17.99
CA ILE H 172 26.75 14.65 16.61
C ILE H 172 28.00 14.54 15.78
N GLU H 173 27.90 13.96 14.60
CA GLU H 173 29.04 13.98 13.69
C GLU H 173 29.09 15.21 12.82
N ASN H 174 27.92 15.57 12.31
CA ASN H 174 27.73 16.71 11.39
C ASN H 174 26.23 16.82 11.01
N GLY H 175 25.85 17.88 10.33
CA GLY H 175 24.45 18.02 9.93
C GLY H 175 24.13 19.35 9.27
N LEU H 176 23.07 19.33 8.48
CA LEU H 176 22.61 20.51 7.72
C LEU H 176 21.26 20.93 8.25
N MET H 177 21.00 22.22 8.17
CA MET H 177 19.75 22.77 8.69
C MET H 177 19.11 23.61 7.60
N THR H 178 17.79 23.67 7.66
CA THR H 178 17.00 24.68 6.94
C THR H 178 16.09 25.30 7.96
N THR H 179 16.18 26.60 8.13
CA THR H 179 15.25 27.29 8.99
C THR H 179 14.19 27.98 8.14
N VAL H 180 12.95 27.57 8.32
CA VAL H 180 11.78 28.15 7.59
C VAL H 180 11.23 29.34 8.36
N HIS H 181 11.44 30.51 7.80
CA HIS H 181 11.27 31.80 8.50
C HIS H 181 10.03 32.52 8.14
N ALA H 182 9.29 32.93 9.16
CA ALA H 182 8.22 33.94 8.95
C ALA H 182 8.86 35.32 9.02
N LEU H 197 20.14 41.42 -0.03
CA LEU H 197 20.83 40.58 -0.99
C LEU H 197 19.82 39.96 -1.96
N ARG H 198 19.11 38.97 -1.44
CA ARG H 198 17.84 38.49 -2.02
C ARG H 198 16.70 38.98 -1.16
N ARG H 199 17.09 39.64 -0.07
CA ARG H 199 16.13 40.12 0.96
C ARG H 199 15.44 41.38 0.46
N ALA H 200 15.84 41.79 -0.73
CA ALA H 200 15.21 42.93 -1.42
C ALA H 200 13.76 42.59 -1.80
N ARG H 201 13.66 41.48 -2.51
CA ARG H 201 12.42 41.07 -3.21
C ARG H 201 11.23 41.10 -2.24
N ALA H 202 10.06 41.46 -2.76
CA ALA H 202 8.85 41.56 -1.91
C ALA H 202 8.39 40.18 -1.48
N CYS H 203 8.50 39.93 -0.17
CA CYS H 203 8.27 38.60 0.44
C CYS H 203 6.84 38.11 0.29
N GLY H 204 5.94 39.03 -0.01
CA GLY H 204 4.50 38.76 0.03
C GLY H 204 4.07 37.55 -0.80
N GLN H 205 4.67 37.43 -1.96
CA GLN H 205 4.29 36.34 -2.84
C GLN H 205 5.28 35.16 -2.88
N SER H 206 6.36 35.24 -2.12
CA SER H 206 7.47 34.27 -2.32
C SER H 206 8.05 33.44 -1.17
N ILE H 207 8.57 32.31 -1.58
CA ILE H 207 9.59 31.59 -0.82
C ILE H 207 10.95 32.22 -1.17
N ILE H 208 11.59 32.79 -0.16
CA ILE H 208 12.87 33.52 -0.33
C ILE H 208 14.04 32.84 0.38
N PRO H 209 14.95 32.24 -0.37
CA PRO H 209 16.12 31.68 0.28
C PRO H 209 17.16 32.74 0.62
N THR H 210 17.75 32.60 1.79
CA THR H 210 18.82 33.52 2.23
C THR H 210 19.82 32.75 3.10
N THR H 211 20.70 33.47 3.77
CA THR H 211 21.70 32.84 4.64
C THR H 211 21.25 32.90 6.10
N THR H 212 21.97 32.18 6.96
CA THR H 212 21.66 32.14 8.39
C THR H 212 22.90 32.12 9.24
N GLY H 213 22.87 32.84 10.32
CA GLY H 213 24.04 32.96 11.18
C GLY H 213 23.98 31.99 12.31
N ALA H 214 22.86 31.30 12.38
CA ALA H 214 22.52 30.51 13.58
C ALA H 214 23.45 29.32 13.74
N ALA H 215 23.94 28.87 12.61
CA ALA H 215 24.80 27.67 12.55
C ALA H 215 26.27 28.01 12.81
N LYS H 216 26.71 29.16 12.35
CA LYS H 216 28.08 29.66 12.69
C LYS H 216 28.09 30.24 14.11
N ALA H 217 26.91 30.61 14.58
CA ALA H 217 26.76 31.25 15.90
C ALA H 217 26.93 30.27 17.05
N LEU H 218 26.78 28.99 16.75
CA LEU H 218 26.94 27.96 17.79
C LEU H 218 28.40 27.91 18.29
N ALA H 219 29.28 28.37 17.43
CA ALA H 219 30.71 28.40 17.77
C ALA H 219 30.95 29.22 19.04
N LYS H 220 30.01 30.06 19.37
CA LYS H 220 30.10 30.89 20.59
C LYS H 220 29.39 30.35 21.84
N VAL H 221 28.48 29.43 21.68
CA VAL H 221 27.80 28.82 22.85
C VAL H 221 28.11 27.33 23.09
N LEU H 222 28.58 26.68 22.05
CA LEU H 222 28.88 25.24 22.02
C LEU H 222 30.07 25.04 21.13
N PRO H 223 31.26 25.38 21.64
CA PRO H 223 32.39 25.41 20.74
C PRO H 223 32.85 24.03 20.29
N HIS H 224 32.62 23.02 21.11
CA HIS H 224 33.02 21.64 20.73
C HIS H 224 32.35 21.20 19.43
N LEU H 225 31.43 22.04 18.97
CA LEU H 225 30.57 21.72 17.82
C LEU H 225 30.97 22.38 16.52
N ASN H 226 32.06 23.10 16.53
CA ASN H 226 32.40 23.93 15.38
C ASN H 226 32.62 23.15 14.10
N GLY H 227 32.01 23.65 13.05
CA GLY H 227 32.28 23.14 11.70
C GLY H 227 31.47 21.91 11.40
N LYS H 228 30.71 21.50 12.40
CA LYS H 228 29.81 20.36 12.24
C LYS H 228 28.51 20.73 11.49
N LEU H 229 27.96 21.87 11.85
CA LEU H 229 26.65 22.33 11.36
C LEU H 229 26.72 23.56 10.46
N HIS H 230 26.14 23.43 9.28
CA HIS H 230 25.96 24.56 8.37
C HIS H 230 24.48 24.71 8.10
N GLY H 231 24.07 25.83 7.53
CA GLY H 231 22.64 26.17 7.35
C GLY H 231 22.21 27.25 6.38
N MET H 232 20.92 27.22 6.09
CA MET H 232 20.24 28.23 5.23
C MET H 232 18.81 28.53 5.72
N ALA H 233 18.20 29.57 5.18
CA ALA H 233 16.87 30.02 5.62
C ALA H 233 15.93 30.14 4.46
N LEU H 234 14.70 29.71 4.69
CA LEU H 234 13.60 29.91 3.74
C LEU H 234 12.60 30.82 4.41
N ARG H 235 12.50 32.04 3.87
CA ARG H 235 11.45 32.99 4.36
C ARG H 235 10.17 32.82 3.59
N VAL H 236 9.12 32.62 4.35
CA VAL H 236 7.77 32.46 3.81
C VAL H 236 6.86 33.52 4.40
N PRO H 237 5.81 33.92 3.67
CA PRO H 237 4.98 35.00 4.11
C PRO H 237 4.01 34.57 5.20
N THR H 238 4.48 34.21 6.41
CA THR H 238 3.59 33.85 7.54
C THR H 238 3.83 34.81 8.72
N PRO H 239 2.81 35.03 9.52
CA PRO H 239 2.86 36.07 10.53
C PRO H 239 3.83 35.91 11.69
N ASN H 240 3.88 34.78 12.39
CA ASN H 240 4.77 34.74 13.58
C ASN H 240 5.70 33.55 13.79
N VAL H 241 5.14 32.35 13.72
CA VAL H 241 5.90 31.14 14.07
C VAL H 241 6.87 30.72 12.99
N SER H 242 8.03 30.32 13.43
CA SER H 242 9.13 29.89 12.54
C SER H 242 9.52 28.46 12.85
N LEU H 243 10.26 27.79 11.99
CA LEU H 243 10.75 26.47 12.37
C LEU H 243 12.21 26.26 11.94
N VAL H 244 12.85 25.39 12.65
CA VAL H 244 14.18 24.91 12.30
C VAL H 244 14.04 23.47 11.87
N ASP H 245 14.31 23.20 10.62
CA ASP H 245 14.31 21.80 10.12
C ASP H 245 15.75 21.26 10.11
N LEU H 246 16.02 20.37 11.03
CA LEU H 246 17.38 19.95 11.31
C LEU H 246 17.67 18.49 10.94
N VAL H 247 18.62 18.28 10.05
CA VAL H 247 19.03 16.94 9.66
C VAL H 247 20.49 16.64 10.04
N VAL H 248 20.66 15.81 11.05
CA VAL H 248 21.97 15.43 11.54
C VAL H 248 22.24 13.95 11.37
N ASP H 249 23.50 13.61 11.13
CA ASP H 249 23.99 12.25 11.46
C ASP H 249 24.54 12.23 12.87
N VAL H 250 24.22 11.19 13.60
CA VAL H 250 24.69 11.06 14.99
C VAL H 250 25.72 9.94 15.14
N LYS H 251 26.40 9.97 16.27
CA LYS H 251 27.59 9.08 16.49
C LYS H 251 27.26 7.60 16.81
N ARG H 252 26.05 7.38 17.32
CA ARG H 252 25.58 6.00 17.64
C ARG H 252 24.13 5.72 17.25
N ASP H 253 23.82 4.45 17.07
CA ASP H 253 22.50 4.00 16.61
C ASP H 253 21.34 4.60 17.40
N VAL H 254 20.32 5.05 16.69
CA VAL H 254 19.09 5.62 17.30
C VAL H 254 17.75 5.18 16.68
N THR H 255 16.68 5.51 17.37
CA THR H 255 15.35 5.42 16.80
C THR H 255 14.51 6.65 17.07
N VAL H 256 13.43 6.78 16.31
CA VAL H 256 12.45 7.85 16.52
C VAL H 256 12.05 7.94 18.02
N GLU H 257 11.92 6.81 18.66
CA GLU H 257 11.52 6.81 20.08
C GLU H 257 12.66 7.27 20.97
N ALA H 258 13.86 6.83 20.64
CA ALA H 258 15.05 7.16 21.46
C ALA H 258 15.20 8.69 21.45
N ILE H 259 15.17 9.23 20.25
CA ILE H 259 15.27 10.69 20.07
C ILE H 259 14.16 11.45 20.83
N ASN H 260 12.93 11.14 20.48
CA ASN H 260 11.79 11.83 21.07
C ASN H 260 11.87 11.75 22.59
N ASP H 261 12.21 10.56 23.07
CA ASP H 261 12.28 10.30 24.53
C ASP H 261 13.33 11.18 25.14
N ALA H 262 14.40 11.41 24.40
CA ALA H 262 15.49 12.29 24.86
C ALA H 262 14.95 13.71 25.10
N PHE H 263 14.06 14.14 24.22
CA PHE H 263 13.54 15.53 24.29
C PHE H 263 12.54 15.71 25.39
N LYS H 264 11.61 14.79 25.47
CA LYS H 264 10.69 14.74 26.63
C LYS H 264 11.49 14.83 27.94
N THR H 265 12.59 14.09 27.99
CA THR H 265 13.38 14.01 29.24
C THR H 265 13.75 15.42 29.65
N VAL H 266 14.42 16.13 28.76
CA VAL H 266 14.94 17.48 29.11
C VAL H 266 13.85 18.52 29.20
N ALA H 267 12.71 18.24 28.62
CA ALA H 267 11.59 19.21 28.63
C ALA H 267 10.82 19.19 29.93
N ASN H 268 10.83 18.01 30.55
CA ASN H 268 10.35 17.80 31.95
C ASN H 268 11.41 18.17 32.97
N GLY H 269 12.63 18.01 32.52
CA GLY H 269 13.83 18.10 33.34
C GLY H 269 14.56 19.40 33.20
N ALA H 270 15.85 19.26 32.97
CA ALA H 270 16.82 20.37 32.84
C ALA H 270 16.37 21.57 31.98
N LEU H 271 15.68 21.29 30.89
CA LEU H 271 15.32 22.33 29.89
C LEU H 271 13.87 22.84 29.96
N LYS H 272 13.22 22.50 31.05
CA LYS H 272 11.84 22.95 31.26
C LYS H 272 11.75 24.44 31.03
N GLY H 273 10.79 24.82 30.22
CA GLY H 273 10.54 26.25 29.90
C GLY H 273 11.39 26.76 28.76
N ILE H 274 12.36 25.95 28.37
CA ILE H 274 13.22 26.31 27.22
C ILE H 274 12.83 25.47 26.02
N VAL H 275 12.90 24.18 26.25
CA VAL H 275 12.42 23.17 25.27
C VAL H 275 11.11 22.57 25.73
N GLU H 276 10.25 22.35 24.75
CA GLU H 276 8.95 21.68 24.92
C GLU H 276 8.87 20.54 23.91
N PHE H 277 8.15 19.50 24.29
CA PHE H 277 7.91 18.37 23.36
C PHE H 277 6.43 18.28 23.03
N SER H 278 6.15 18.20 21.74
CA SER H 278 4.77 18.17 21.25
C SER H 278 4.42 16.95 20.41
N GLU H 279 3.51 16.14 20.93
CA GLU H 279 3.04 14.90 20.23
C GLU H 279 1.72 15.05 19.45
N GLU H 280 1.06 16.19 19.65
CA GLU H 280 -0.15 16.58 18.90
C GLU H 280 0.19 17.01 17.45
N PRO H 281 -0.63 16.62 16.47
CA PRO H 281 -0.49 17.12 15.09
C PRO H 281 -1.06 18.54 14.92
N LEU H 282 -0.21 19.49 15.24
CA LEU H 282 -0.53 20.89 15.15
C LEU H 282 0.12 21.51 13.91
N VAL H 283 -0.18 22.79 13.77
CA VAL H 283 0.26 23.59 12.64
C VAL H 283 0.88 24.84 13.21
N SER H 284 1.59 25.58 12.37
CA SER H 284 2.51 26.62 12.88
C SER H 284 1.84 27.59 13.89
N ILE H 285 0.64 28.05 13.53
CA ILE H 285 -0.06 29.12 14.31
C ILE H 285 -0.39 28.75 15.77
N ASP H 286 -0.42 27.46 16.05
CA ASP H 286 -0.83 26.93 17.36
C ASP H 286 0.17 27.22 18.45
N PHE H 287 1.36 27.60 18.01
CA PHE H 287 2.50 27.87 18.91
C PHE H 287 2.66 29.35 19.20
N ASN H 288 1.72 30.08 18.64
CA ASN H 288 1.67 31.53 18.76
C ASN H 288 1.57 31.91 20.23
N THR H 289 2.44 32.80 20.64
CA THR H 289 2.54 33.21 22.08
C THR H 289 3.05 32.11 23.01
N ASN H 290 3.67 31.12 22.43
CA ASN H 290 4.36 30.09 23.19
C ASN H 290 5.69 30.65 23.68
N THR H 291 6.03 30.42 24.94
CA THR H 291 7.26 31.04 25.55
C THR H 291 8.54 30.21 25.49
N HIS H 292 8.45 29.04 24.90
CA HIS H 292 9.58 28.11 24.83
C HIS H 292 10.57 28.59 23.83
N SER H 293 11.81 28.19 24.01
CA SER H 293 12.88 28.54 23.05
C SER H 293 12.73 27.67 21.82
N ALA H 294 12.31 26.44 22.07
CA ALA H 294 12.05 25.46 21.00
C ALA H 294 10.95 24.47 21.36
N ILE H 295 10.15 24.14 20.37
CA ILE H 295 9.10 23.15 20.55
C ILE H 295 9.25 22.02 19.54
N ILE H 296 9.63 20.85 20.03
CA ILE H 296 9.87 19.72 19.13
C ILE H 296 8.55 19.15 18.61
N ASP H 297 8.49 18.99 17.31
CA ASP H 297 7.33 18.43 16.65
C ASP H 297 7.48 16.93 16.59
N GLY H 298 6.84 16.26 17.53
CA GLY H 298 7.01 14.80 17.72
C GLY H 298 6.78 13.94 16.48
N LEU H 299 5.65 14.16 15.84
CA LEU H 299 5.25 13.40 14.62
C LEU H 299 6.26 13.51 13.47
N SER H 300 7.07 14.56 13.53
CA SER H 300 7.99 14.88 12.41
C SER H 300 9.38 14.24 12.47
N THR H 301 9.71 13.67 13.62
CA THR H 301 11.03 13.06 13.85
C THR H 301 11.20 11.87 12.91
N MET H 302 12.32 11.81 12.23
CA MET H 302 12.63 10.65 11.36
C MET H 302 14.03 10.12 11.62
N VAL H 303 14.24 8.85 11.33
CA VAL H 303 15.57 8.23 11.43
C VAL H 303 15.83 7.38 10.22
N MET H 304 16.92 7.62 9.53
CA MET H 304 17.30 6.81 8.35
C MET H 304 18.60 6.05 8.59
N GLY H 305 18.50 4.74 8.53
CA GLY H 305 19.67 3.86 8.59
C GLY H 305 20.34 4.01 9.92
N ASP H 306 19.52 4.20 10.93
CA ASP H 306 19.98 4.18 12.33
C ASP H 306 20.77 5.41 12.79
N ARG H 307 21.10 6.28 11.85
CA ARG H 307 22.02 7.41 12.14
C ARG H 307 21.55 8.81 11.71
N LYS H 308 21.08 8.91 10.49
CA LYS H 308 20.58 10.17 9.95
C LYS H 308 19.27 10.54 10.62
N VAL H 309 19.27 11.68 11.27
CA VAL H 309 18.12 12.08 12.07
C VAL H 309 17.61 13.38 11.58
N LYS H 310 16.29 13.47 11.49
CA LYS H 310 15.60 14.72 11.15
C LYS H 310 14.83 15.15 12.37
N VAL H 311 15.03 16.39 12.76
CA VAL H 311 14.24 16.97 13.82
C VAL H 311 13.63 18.29 13.39
N LEU H 312 12.37 18.48 13.80
CA LEU H 312 11.62 19.73 13.60
C LEU H 312 11.32 20.43 14.89
N ALA H 313 11.83 21.64 15.02
CA ALA H 313 11.53 22.52 16.17
C ALA H 313 10.78 23.81 15.76
N TRP H 314 9.57 23.97 16.24
CA TRP H 314 8.84 25.25 16.06
C TRP H 314 9.31 26.25 17.08
N TYR H 315 9.29 27.51 16.70
CA TYR H 315 9.50 28.58 17.69
C TYR H 315 8.72 29.82 17.33
N ASP H 316 8.09 30.40 18.32
CA ASP H 316 7.52 31.75 18.17
C ASP H 316 8.74 32.65 18.30
N ASN H 317 8.97 33.41 17.25
CA ASN H 317 10.27 34.10 17.07
C ASN H 317 10.25 35.54 17.59
N GLU H 318 9.15 35.87 18.23
CA GLU H 318 9.09 37.09 19.03
C GLU H 318 8.91 36.76 20.49
N TRP H 319 7.86 36.03 20.76
CA TRP H 319 7.45 35.71 22.13
C TRP H 319 8.53 34.94 22.88
N GLY H 320 8.87 33.79 22.34
CA GLY H 320 9.85 32.91 23.00
C GLY H 320 11.19 33.56 23.27
N TYR H 321 11.76 34.09 22.20
CA TYR H 321 13.05 34.77 22.27
C TYR H 321 13.04 35.89 23.30
N SER H 322 11.88 36.53 23.38
CA SER H 322 11.67 37.66 24.30
C SER H 322 11.85 37.25 25.74
N ARG H 323 11.13 36.21 26.12
CA ARG H 323 11.19 35.71 27.51
C ARG H 323 12.65 35.31 27.85
N ARG H 324 13.34 34.75 26.88
CA ARG H 324 14.77 34.42 27.12
C ARG H 324 15.53 35.70 27.43
N VAL H 325 15.09 36.78 26.83
CA VAL H 325 15.72 38.11 27.08
C VAL H 325 15.42 38.53 28.52
N VAL H 326 14.15 38.48 28.86
CA VAL H 326 13.73 38.78 30.23
C VAL H 326 14.56 37.91 31.19
N ASP H 327 14.66 36.65 30.82
CA ASP H 327 15.40 35.67 31.63
C ASP H 327 16.86 36.06 31.78
N LEU H 328 17.48 36.28 30.63
CA LEU H 328 18.90 36.68 30.62
C LEU H 328 19.08 37.89 31.52
N VAL H 329 18.09 38.76 31.45
CA VAL H 329 18.10 40.04 32.20
C VAL H 329 17.98 39.78 33.70
N THR H 330 17.08 38.87 34.06
CA THR H 330 16.87 38.52 35.49
C THR H 330 18.18 38.02 36.12
N LEU H 331 18.81 37.09 35.42
CA LEU H 331 20.09 36.53 35.85
C LEU H 331 21.17 37.60 35.93
N VAL H 332 21.37 38.34 34.86
CA VAL H 332 22.44 39.41 34.84
C VAL H 332 22.27 40.36 36.02
N VAL H 333 21.01 40.56 36.39
CA VAL H 333 20.63 41.45 37.50
C VAL H 333 20.98 40.89 38.89
N ASP H 334 21.46 39.66 38.91
CA ASP H 334 21.93 39.05 40.19
C ASP H 334 23.44 39.18 40.36
N GLU H 335 23.79 40.14 41.17
CA GLU H 335 25.19 40.40 41.56
C GLU H 335 25.26 41.46 42.66
S SO4 I . -24.90 -45.16 -31.36
O1 SO4 I . -23.68 -45.32 -30.52
O2 SO4 I . -24.65 -44.23 -32.49
O3 SO4 I . -26.00 -44.58 -30.55
O4 SO4 I . -25.25 -46.49 -31.93
S SO4 J . -3.07 58.84 -2.24
O1 SO4 J . -2.90 59.54 -0.93
O2 SO4 J . -3.42 59.78 -3.33
O3 SO4 J . -4.15 57.82 -2.13
O4 SO4 J . -1.82 58.14 -2.60
S SO4 K . -1.24 -58.45 1.39
O1 SO4 K . -2.21 -57.37 1.01
O2 SO4 K . -0.25 -57.74 2.23
O3 SO4 K . -0.63 -59.10 0.21
O4 SO4 K . -1.93 -59.52 2.14
S SO4 L . 24.31 -32.96 -1.03
O1 SO4 L . 25.69 -32.46 -1.38
O2 SO4 L . 23.28 -31.90 -0.89
O3 SO4 L . 23.86 -33.84 -2.15
O4 SO4 L . 24.37 -33.71 0.26
S SO4 M . 1.53 -13.37 4.93
O1 SO4 M . 1.48 -12.19 5.84
O2 SO4 M . 2.92 -13.87 4.89
O3 SO4 M . 1.14 -12.97 3.55
O4 SO4 M . 0.69 -14.47 5.49
S SO4 N . 19.82 34.37 12.08
O1 SO4 N . 20.14 35.12 10.84
O2 SO4 N . 21.06 34.15 12.87
O3 SO4 N . 19.29 33.01 11.74
O4 SO4 N . 18.79 35.10 12.85
S SO4 O . 1.14 44.86 14.96
O1 SO4 O . 2.09 45.94 14.65
O2 SO4 O . 0.56 45.20 16.28
O3 SO4 O . 0.17 44.78 13.85
O4 SO4 O . 1.81 43.52 15.06
#